data_7YI5
#
_entry.id   7YI5
#
_cell.length_a   1.00
_cell.length_b   1.00
_cell.length_c   1.00
_cell.angle_alpha   90.00
_cell.angle_beta   90.00
_cell.angle_gamma   90.00
#
_symmetry.space_group_name_H-M   'P 1'
#
loop_
_entity.id
_entity.type
_entity.pdbx_description
1 polymer 'Transcriptional regulatory protein SIN3'
2 polymer 'Histone deacetylase RPD3'
3 polymer 'Chromatin modification-related protein EAF3'
4 polymer 'Transcriptional regulatory protein RCO1'
5 polymer 'Histone H4'
6 polymer 'Histone H2A'
7 polymer 'Histone H2B 1.1'
8 polymer 'Wisdom 601 DNA (167-MER)'
9 polymer 'Wisdom 601 DNA (167-MER)'
10 polymer 'Histone H3'
11 non-polymer 'ZINC ION'
#
loop_
_entity_poly.entity_id
_entity_poly.type
_entity_poly.pdbx_seq_one_letter_code
_entity_poly.pdbx_strand_id
1 'polypeptide(L)'
;MSQVWHNSNSQSNDVATSNDATGSNERNEKEPSLQGNKPGFVQQQQRITLPSLSALSTKEEDRRDSNGQQALTSHAAHIL
GYPPPHSNAMPSIATDSALKQPHEYHPRPKSSSSSPSINASLMNAGPAPLPTVGAASFSLSRFDNPLPIKAPVHTEEPKS
YNGLQEEEKATQRPQDCKEVPAGVQPADAPDPSSNHADANDDNNNNENSHDEDADYRPLNVKDALSYLEQVKFQFSSRPD
IYNLFLDIMKDFKSQAIDTPGVIERVSTLFRGYPILIQGFNTFLPQGYRIECSSNPDDPIRVTTPMGTTTVNNNISPSGR
GTTDAQELGSFPESDGNGVQQPSNVPMVPSSVYQSEQNQDQQQSLPLLATSSGLPSIQQPEMPAHRQIPQSQSLVPQEDA
KKNVDVEFSQAISYVNKIKTRFADQPDIYKHFLEILQTYQREQKPINEVYAQVTHLFQNAPDLLEDFKKFLPDSSASANQ
QVQHAQQHAQQQHEAQMHAQAQAQAQAQAQVEQQKQQQQFLYPASGYYGHPSNRGIPQQNLPPIGSFSPPTNGSTVHEAY
QDQQHMQPPHFMPLPSIVQHGPNMVHQGIANENPPLSDLRTSLTEQYAPSSIQHQQQHPQSISPIANTQYGDIPVRPEID
LDPSIVPVVPEPTEPIENNISLNEEVTFFEKAKRYIGNKHLYTEFLKILNLYSQDILDLDDLVEKVDFYLGSNKELFTWF
KNFVGYQEKTKCIENIVHEKHRLDLDLCEAFGPSYKRLPKSDTFMPCSGRDDMCWEVLNDEWVGHPVWASEDSGFIAHRK
NQYEETLFKIEEERHEYDFYIESNLRTIQCLETIVNKIENMTENEKANFKLPPGLGHTSMTIYKKVIRKVYDKERGFEII
DALHEHPAVTAPVVLKRLKQKDEEWRRAQREWNKVWRELEQKVFFKSLDHLGLTFKQADKKLLTTKQLISEISSIKVDQT
NKKIHWLTPKPKSQLDFDFPDKNIFYDILCLADTFITHTTAYSNPDKERLKDLLKYFISLFFSISFEKIEESLYSHKQNV
SESSGSDDGSSIASRKRPYQQEMSLLDILHRSRYQKLKRSNDEDGKVPQLSEPPEEEPNTIEEEELIDEEAKNPWLTGNL
VEEANSQGIIQNRSIFNLFANTNIYIFFRHWTTIYERLLEIKQMNERVTKEINTRSTVTFAKDLDLLSSQLSEMGLDFVG
EDAYKQVLRLSRRLINGDLEHQWFEESLRQAYNNKAFKLYTIDKVTQSLVKHAHTLMTDAKTAEIMALFVKDRNASTTSA
KDQIIYRLQVRSHMSNTENMFRIEFDKRTLHVSIQYIALDDLTLKEPKADEDKWKYYVTSYALPHPTEGIPHEKLKIPFL
ERLIEFGQDIDGTEVDEEFSPEGISVSTLKIKIQPITYQLHIENGSYDVFTRKATNKYPTIANDNTQKGMVSQKKELISK
FLDCAVGLRNNLDEAQKLSMQKKWENLKDSIAKTSAGNQGIESETEKGKITKQEQSDNLDSSTASVLPASITTVPQDDNI
ETTGNTESSDKGAKIQ
;
A
2 'polypeptide(L)'
;MVYEATPFDPITVKPSDKRRVAYFYDADVGNYAYGAGHPMKPHRIRMAHSLIMNYGLYKKMEIYRAKPATKQEMCQFHTD
EYIDFLSRVTPDNLEMFKRESVKFNVGDDCPVFDGLYEYCSISGGGSMEGAARLNRGKCDVAVNYAGGLHHAKKSEASGF
CYLNDIVLGIIELLRYHPRVLYIDIDVHHGDGVEEAFYTTDRVMTCSFHKYGEFFPGTGELRDIGVGAGKNYAVNVPLRD
GIDDATYRSVFEPVIKKIMEWYQPSAVVLQCGGDSLSGDRLGCFNLSMEGHANCVNYVKSFGIPMMVVGGGGYTMRNVAR
TWCFETGLLNNVVLDKDLPYNEYYEYYGPDYKLSVRPSNMFNVNTPEYLDKVMTNIFANLENTKYAPSVQLNHTPRDAED
LGDVEEDSAEAKDTKGGSQYARDLHVEHDNEFY
;
B
3 'polypeptide(L)'
;MVDLEQEFALGGRCLAFHGPLMYEAKILKIWDPSSKMYTSIPNDKPGGSSQATKEIKPQKLGEDESIPEEIINGKCFFIH
YQGWKSSWDEWVGYDRIRAYNEENIAMKKRLANEAKEAKKSLLEQQKKKKLSTSLGGPSNGGKRKGDSRSNASISKSTSQ
SFLTSSVSGRKSGRSSANSLHPGSSLRSSSDQNGNDDRRRSSSLSPNMLHHIAGYPTPKISLQIPIKLKSVLVDDWEYVT
KDKKICRLPADVTVEMVLNKYEHEVSQELESPGSQSQLSEYCAGLKLYFDKCLGNMLLYRLERLQYDELLKKSSKDQKPL
VPIRIYGAIHLLRLISVLPELISSTTMDLQSCQLLIKQTEDFLVWLLMHVDEYFNDKDPNRSDDALYVNTSSQYEGVALG
M
;
C,E
4 'polypeptide(L)'
;MDTSKKDTTRSPSHSNSSSPSSSSLSSSSSKEKKRPKRLSSQNVNYDLKRRKIITSEGIERSFKNEHSNLAVEDNIPEEE
PKELLEKDSKGNIIKLNEPSTISEDSKVSVTGLPLNKGPSEKIKRESLWNYRKNLGGQSNNSEMTLVPSKRFTQVPKNFQ
DLNRNDLKTFLTENMTEESNIRSTIGWNGDIINRTRDREPESDRDNKKLSNIRTKIILSTNATYDSKSKLFGQNSIKSTS
NASEKIFRDKNNSTIDFENEDFCSACNQSGSFLCCDTCPKSFHFLCLDPPIDPNNLPKGDWHCNECKFKIFINNSMATLK
KIESNFIKQNNNVKIFAKLLFNIDSHNPKQFQLPNYIKETFPAVKTGSRGQYSDENDKIPLTDRQLFNTSYGQSITKLDS
YNPDTHIDSNSGKFLICYKCNQTRLGSWSHPENSRLIMTCDYCQTPWHLDCVPRASFKNLGSKWKCPLHSPTKVYKKIHH
CQEDNSVNYKVWKKQRLINKKNQLYYEPLQKIGYQNNGNIQIIPTTSHTDYDFNQDFKITQIDENSIKYDFFDKIYKSKM
VQKRKLFQFQESLIDKLVSNGSQNGNSEDNMVKDIASLIYFQVSNNDKSSNNKSASKSNNLRKLWDLKELTNVVVPNELD
SIQFNDFSSDEIKHLLYLKKIIESKPKEELLKFLNIENPENQSE
;
D,F
5 'polypeptide(L)'
;SGRGKGGKGLGKGGAKRHRKVLRDNIQGITKPAIRRLARRGGVKRISGLIYEETRGVLKVFLENVIRDAVTYTEHAKRKT
VTAMDVVYALKRQGRTLYGFGG
;
H,L
6 'polypeptide(L)'
;SGRGKQGGKTRAKAKTRSSRAGLQFPVGRVHRLLRKGNYAERVGAGAPVYLAAVLEYLTAEILELAGNAARDNKKTRIIP
RHLQLAVRNDEELNKLLGRVTIAQGGVLPNIQSVLLPKKTESSKSAKSK
;
I,M
7 'polypeptide(L)'
;AKSAPAPKKGSKKAVTKTQKKDGKKRRKTRKESYAIYVYKVLKQVHPDTGISSKAMSIMNSFVNDVFERIAGEASRLAHY
NKRSTITSREIQTAVRLLLPGELAKHAVSEGTKAVTKYTSAK
;
J,N
8 'polydeoxyribonucleotide'
;(DC)(DT)(DG)(DG)(DA)(DG)(DA)(DA)(DT)(DC)(DC)(DC)(DG)(DG)(DT)(DC)(DT)(DG)(DC)(DA)
(DG)(DG)(DC)(DC)(DG)(DC)(DT)(DC)(DA)(DA)(DT)(DT)(DG)(DG)(DT)(DC)(DG)(DT)(DA)(DG)
(DA)(DC)(DA)(DG)(DC)(DT)(DC)(DT)(DA)(DG)(DC)(DA)(DC)(DC)(DG)(DC)(DT)(DT)(DA)(DA)
(DA)(DC)(DG)(DC)(DA)(DC)(DG)(DT)(DA)(DC)(DG)(DC)(DG)(DC)(DT)(DG)(DT)(DC)(DC)(DC)
(DC)(DC)(DG)(DC)(DG)(DT)(DT)(DT)(DT)(DA)(DA)(DC)(DC)(DG)(DC)(DC)(DA)(DA)(DG)(DG)
(DG)(DG)(DA)(DT)(DT)(DA)(DC)(DT)(DC)(DC)(DC)(DT)(DA)(DG)(DT)(DC)(DT)(DC)(DC)(DA)
(DG)(DG)(DC)(DA)(DC)(DG)(DT)(DG)(DT)(DC)(DA)(DG)(DA)(DT)(DA)(DT)(DA)(DT)(DA)(DC)
(DA)(DT)(DC)(DC)(DT)(DG)(DT)(DG)(DC)(DA)(DT)(DG)(DT)(DA)(DT)(DT)(DG)(DA)(DA)(DC)
(DA)(DG)(DC)(DG)(DA)(DC)(DC)
;
O
9 'polydeoxyribonucleotide'
;(DG)(DG)(DT)(DC)(DG)(DC)(DT)(DG)(DT)(DT)(DC)(DA)(DA)(DT)(DA)(DC)(DA)(DT)(DG)(DC)
(DA)(DC)(DA)(DG)(DG)(DA)(DT)(DG)(DT)(DA)(DT)(DA)(DT)(DA)(DT)(DC)(DT)(DG)(DA)(DC)
(DA)(DC)(DG)(DT)(DG)(DC)(DC)(DT)(DG)(DG)(DA)(DG)(DA)(DC)(DT)(DA)(DG)(DG)(DG)(DA)
(DG)(DT)(DA)(DA)(DT)(DC)(DC)(DC)(DC)(DT)(DT)(DG)(DG)(DC)(DG)(DG)(DT)(DT)(DA)(DA)
(DA)(DA)(DC)(DG)(DC)(DG)(DG)(DG)(DG)(DG)(DA)(DC)(DA)(DG)(DC)(DG)(DC)(DG)(DT)(DA)
(DC)(DG)(DT)(DG)(DC)(DG)(DT)(DT)(DT)(DA)(DA)(DG)(DC)(DG)(DG)(DT)(DG)(DC)(DT)(DA)
(DG)(DA)(DG)(DC)(DT)(DG)(DT)(DC)(DT)(DA)(DC)(DG)(DA)(DC)(DC)(DA)(DA)(DT)(DT)(DG)
(DA)(DG)(DC)(DG)(DG)(DC)(DC)(DT)(DG)(DC)(DA)(DG)(DA)(DC)(DC)(DG)(DG)(DG)(DA)(DT)
(DT)(DC)(DT)(DC)(DC)(DA)(DG)
;
P
10 'polypeptide(L)'
;ARTKQTARKSTGGKAPRKQLATKAARKSAPATGGV(M3L)KPHRYRPGTVALREIRRYQKSTELLIRKLPFQRLVREIAQ
DFKTDLRFQSSAVMALQEASEAYLVALFEDTNLCAIHAKRVTIMPKDIQLARRIRGERA
;
G,K
#
loop_
_chem_comp.id
_chem_comp.type
_chem_comp.name
_chem_comp.formula
DA DNA linking 2'-DEOXYADENOSINE-5'-MONOPHOSPHATE 'C10 H14 N5 O6 P'
DC DNA linking 2'-DEOXYCYTIDINE-5'-MONOPHOSPHATE 'C9 H14 N3 O7 P'
DG DNA linking 2'-DEOXYGUANOSINE-5'-MONOPHOSPHATE 'C10 H14 N5 O7 P'
DT DNA linking THYMIDINE-5'-MONOPHOSPHATE 'C10 H15 N2 O8 P'
ZN non-polymer 'ZINC ION' 'Zn 2'
#
# COMPACT_ATOMS: atom_id res chain seq x y z
N GLU A 664 -39.63 -10.83 -55.34
CA GLU A 664 -39.28 -11.15 -53.96
C GLU A 664 -37.77 -11.34 -53.81
N GLU A 665 -37.20 -12.17 -54.68
CA GLU A 665 -35.77 -12.47 -54.62
C GLU A 665 -34.90 -11.28 -54.99
N VAL A 666 -35.44 -10.27 -55.67
CA VAL A 666 -34.68 -9.11 -56.11
C VAL A 666 -34.76 -7.97 -55.10
N THR A 667 -35.40 -8.19 -53.96
CA THR A 667 -35.54 -7.17 -52.93
C THR A 667 -35.02 -7.64 -51.58
N PHE A 668 -34.26 -8.73 -51.54
CA PHE A 668 -33.77 -9.26 -50.27
C PHE A 668 -32.75 -8.33 -49.63
N PHE A 669 -31.94 -7.66 -50.44
CA PHE A 669 -30.92 -6.76 -49.89
C PHE A 669 -31.56 -5.62 -49.12
N GLU A 670 -32.62 -5.02 -49.67
CA GLU A 670 -33.32 -3.96 -48.99
C GLU A 670 -33.98 -4.46 -47.70
N LYS A 671 -34.54 -5.67 -47.75
CA LYS A 671 -35.12 -6.26 -46.55
C LYS A 671 -34.09 -6.44 -45.45
N ALA A 672 -32.90 -6.94 -45.80
CA ALA A 672 -31.83 -7.09 -44.82
C ALA A 672 -31.38 -5.73 -44.30
N LYS A 673 -31.29 -4.74 -45.18
CA LYS A 673 -30.88 -3.40 -44.75
C LYS A 673 -31.87 -2.82 -43.75
N ARG A 674 -33.16 -2.99 -44.00
CA ARG A 674 -34.18 -2.51 -43.06
C ARG A 674 -34.22 -3.33 -41.78
N TYR A 675 -33.91 -4.62 -41.85
CA TYR A 675 -33.94 -5.47 -40.66
C TYR A 675 -32.78 -5.17 -39.72
N ILE A 676 -31.55 -5.11 -40.26
CA ILE A 676 -30.40 -4.81 -39.42
C ILE A 676 -30.53 -3.40 -38.84
N GLY A 677 -30.97 -2.45 -39.66
CA GLY A 677 -31.22 -1.11 -39.19
C GLY A 677 -29.99 -0.30 -38.83
N ASN A 678 -28.80 -0.78 -39.20
CA ASN A 678 -27.56 -0.07 -38.92
C ASN A 678 -26.71 -0.05 -40.18
N LYS A 679 -25.83 0.95 -40.25
CA LYS A 679 -24.89 1.05 -41.36
C LYS A 679 -23.61 0.28 -41.09
N HIS A 680 -23.11 0.33 -39.85
CA HIS A 680 -21.87 -0.37 -39.53
C HIS A 680 -22.06 -1.89 -39.58
N LEU A 681 -23.15 -2.39 -38.99
CA LEU A 681 -23.46 -3.80 -39.11
C LEU A 681 -23.76 -4.19 -40.54
N TYR A 682 -24.42 -3.31 -41.29
CA TYR A 682 -24.60 -3.55 -42.73
C TYR A 682 -23.26 -3.57 -43.44
N THR A 683 -22.31 -2.72 -43.03
CA THR A 683 -20.98 -2.75 -43.60
C THR A 683 -20.31 -4.09 -43.35
N GLU A 684 -20.40 -4.60 -42.12
CA GLU A 684 -19.80 -5.90 -41.82
C GLU A 684 -20.50 -7.03 -42.58
N PHE A 685 -21.82 -6.96 -42.69
CA PHE A 685 -22.54 -8.00 -43.44
C PHE A 685 -22.16 -7.98 -44.91
N LEU A 686 -22.02 -6.78 -45.49
CA LEU A 686 -21.57 -6.67 -46.88
C LEU A 686 -20.15 -7.19 -47.06
N LYS A 687 -19.27 -6.91 -46.09
CA LYS A 687 -17.92 -7.44 -46.14
C LYS A 687 -17.94 -8.96 -46.09
N ILE A 688 -18.80 -9.53 -45.24
CA ILE A 688 -18.91 -10.99 -45.14
C ILE A 688 -19.44 -11.58 -46.44
N LEU A 689 -20.44 -10.93 -47.04
CA LEU A 689 -20.98 -11.39 -48.31
C LEU A 689 -19.94 -11.35 -49.40
N ASN A 690 -19.12 -10.28 -49.44
CA ASN A 690 -18.03 -10.22 -50.39
C ASN A 690 -17.02 -11.33 -50.15
N LEU A 691 -16.66 -11.55 -48.88
CA LEU A 691 -15.69 -12.59 -48.54
C LEU A 691 -16.16 -13.95 -49.00
N TYR A 692 -17.45 -14.23 -48.83
CA TYR A 692 -18.03 -15.46 -49.38
C TYR A 692 -17.99 -15.43 -50.91
N SER A 693 -18.22 -14.25 -51.50
CA SER A 693 -18.30 -14.15 -52.96
C SER A 693 -16.94 -14.33 -53.62
N GLN A 694 -15.85 -14.02 -52.91
CA GLN A 694 -14.51 -14.17 -53.44
C GLN A 694 -13.92 -15.55 -53.18
N ASP A 695 -14.77 -16.57 -53.02
CA ASP A 695 -14.41 -17.97 -52.80
C ASP A 695 -13.75 -18.16 -51.43
N ILE A 696 -13.50 -17.08 -50.68
CA ILE A 696 -12.77 -17.19 -49.43
C ILE A 696 -13.59 -17.93 -48.39
N LEU A 697 -14.76 -17.39 -48.04
CA LEU A 697 -15.60 -18.03 -47.06
C LEU A 697 -16.38 -19.19 -47.68
N ASP A 698 -16.54 -20.26 -46.89
CA ASP A 698 -17.33 -21.40 -47.31
C ASP A 698 -18.80 -21.14 -47.01
N LEU A 699 -19.64 -22.17 -47.15
CA LEU A 699 -21.08 -22.00 -46.99
C LEU A 699 -21.53 -22.06 -45.55
N ASP A 700 -20.95 -22.93 -44.74
CA ASP A 700 -21.40 -23.09 -43.35
C ASP A 700 -21.11 -21.84 -42.53
N ASP A 701 -19.93 -21.23 -42.73
CA ASP A 701 -19.64 -19.97 -42.05
C ASP A 701 -20.58 -18.86 -42.51
N LEU A 702 -20.87 -18.78 -43.80
CA LEU A 702 -21.85 -17.81 -44.28
C LEU A 702 -23.22 -18.07 -43.70
N VAL A 703 -23.62 -19.34 -43.62
CA VAL A 703 -24.92 -19.69 -43.05
C VAL A 703 -24.99 -19.25 -41.60
N GLU A 704 -23.93 -19.50 -40.82
CA GLU A 704 -23.92 -19.08 -39.42
C GLU A 704 -23.96 -17.56 -39.30
N LYS A 705 -23.25 -16.85 -40.18
CA LYS A 705 -23.25 -15.39 -40.11
C LYS A 705 -24.62 -14.83 -40.42
N VAL A 706 -25.31 -15.39 -41.42
CA VAL A 706 -26.68 -14.96 -41.70
C VAL A 706 -27.62 -15.32 -40.57
N ASP A 707 -27.40 -16.47 -39.91
CA ASP A 707 -28.21 -16.81 -38.74
C ASP A 707 -27.99 -15.81 -37.61
N PHE A 708 -26.76 -15.30 -37.49
CA PHE A 708 -26.48 -14.31 -36.46
C PHE A 708 -26.89 -12.90 -36.88
N TYR A 709 -27.19 -12.70 -38.17
CA TYR A 709 -27.67 -11.42 -38.66
C TYR A 709 -29.18 -11.42 -38.86
N LEU A 710 -29.69 -12.34 -39.68
CA LEU A 710 -31.10 -12.41 -40.01
C LEU A 710 -31.80 -13.62 -39.39
N GLY A 711 -31.12 -14.37 -38.53
CA GLY A 711 -31.76 -15.50 -37.87
C GLY A 711 -32.78 -15.12 -36.82
N SER A 712 -32.84 -13.84 -36.45
CA SER A 712 -33.89 -13.38 -35.55
C SER A 712 -35.27 -13.55 -36.14
N ASN A 713 -35.37 -13.69 -37.46
CA ASN A 713 -36.64 -13.92 -38.14
C ASN A 713 -36.70 -15.34 -38.67
N LYS A 714 -37.89 -15.93 -38.59
CA LYS A 714 -38.12 -17.28 -39.10
C LYS A 714 -38.54 -17.30 -40.56
N GLU A 715 -38.63 -16.13 -41.20
CA GLU A 715 -39.12 -16.03 -42.58
C GLU A 715 -38.02 -15.64 -43.55
N LEU A 716 -37.33 -14.52 -43.30
CA LEU A 716 -36.26 -14.09 -44.20
C LEU A 716 -35.08 -15.05 -44.15
N PHE A 717 -34.71 -15.51 -42.95
CA PHE A 717 -33.59 -16.43 -42.83
C PHE A 717 -33.89 -17.77 -43.51
N THR A 718 -35.11 -18.28 -43.35
CA THR A 718 -35.48 -19.51 -44.05
C THR A 718 -35.50 -19.31 -45.55
N TRP A 719 -35.94 -18.13 -45.99
CA TRP A 719 -35.91 -17.81 -47.42
C TRP A 719 -34.48 -17.85 -47.94
N PHE A 720 -33.55 -17.27 -47.19
CA PHE A 720 -32.14 -17.33 -47.57
C PHE A 720 -31.65 -18.76 -47.59
N LYS A 721 -32.03 -19.55 -46.58
CA LYS A 721 -31.55 -20.91 -46.47
C LYS A 721 -31.96 -21.75 -47.68
N ASN A 722 -33.23 -21.65 -48.07
CA ASN A 722 -33.67 -22.46 -49.21
C ASN A 722 -33.33 -21.82 -50.55
N PHE A 723 -33.01 -20.52 -50.58
CA PHE A 723 -32.55 -19.90 -51.83
C PHE A 723 -31.11 -20.29 -52.14
N VAL A 724 -30.23 -20.24 -51.13
CA VAL A 724 -28.87 -20.71 -51.32
C VAL A 724 -28.80 -22.22 -51.37
N GLY A 725 -29.84 -22.90 -50.91
CA GLY A 725 -29.85 -24.35 -50.89
C GLY A 725 -28.86 -24.97 -49.93
N TYR A 726 -28.68 -24.36 -48.76
CA TYR A 726 -27.77 -24.92 -47.76
C TYR A 726 -28.26 -26.30 -47.31
N GLN A 727 -29.53 -26.39 -46.92
CA GLN A 727 -30.16 -27.64 -46.51
C GLN A 727 -29.40 -28.32 -45.37
N GLU A 749 -13.18 -33.05 -38.59
CA GLU A 749 -12.55 -32.68 -37.33
C GLU A 749 -12.95 -31.26 -36.91
N ALA A 750 -12.93 -31.02 -35.60
CA ALA A 750 -13.28 -29.70 -35.06
C ALA A 750 -12.55 -29.55 -33.72
N PHE A 751 -11.47 -28.76 -33.73
CA PHE A 751 -10.65 -28.60 -32.54
C PHE A 751 -11.34 -27.70 -31.52
N GLY A 752 -10.97 -27.87 -30.26
CA GLY A 752 -11.49 -27.06 -29.18
C GLY A 752 -10.71 -25.78 -29.01
N PRO A 753 -11.28 -24.83 -28.26
CA PRO A 753 -10.63 -23.53 -28.07
C PRO A 753 -9.72 -23.42 -26.85
N SER A 754 -9.49 -24.51 -26.12
CA SER A 754 -8.73 -24.44 -24.87
C SER A 754 -7.57 -25.44 -24.84
N TYR A 755 -7.18 -25.99 -25.98
CA TYR A 755 -6.14 -27.01 -26.03
C TYR A 755 -5.18 -26.70 -27.17
N LYS A 756 -3.88 -26.71 -26.86
CA LYS A 756 -2.87 -26.61 -27.90
C LYS A 756 -2.50 -28.00 -28.39
N ARG A 757 -1.53 -28.07 -29.30
CA ARG A 757 -1.04 -29.35 -29.80
C ARG A 757 0.47 -29.26 -29.93
N LEU A 758 1.17 -30.04 -29.13
CA LEU A 758 2.62 -30.05 -29.25
C LEU A 758 3.04 -30.91 -30.43
N PRO A 759 4.19 -30.63 -31.04
CA PRO A 759 4.70 -31.50 -32.10
C PRO A 759 5.17 -32.83 -31.52
N LYS A 760 5.47 -33.76 -32.43
CA LYS A 760 5.85 -35.11 -32.03
C LYS A 760 7.19 -35.14 -31.29
N SER A 761 7.98 -34.09 -31.39
CA SER A 761 9.26 -34.06 -30.66
C SER A 761 9.03 -34.10 -29.16
N ASP A 762 7.99 -33.41 -28.67
CA ASP A 762 7.68 -33.36 -27.25
C ASP A 762 6.90 -34.59 -26.78
N THR A 763 6.84 -35.64 -27.58
CA THR A 763 6.11 -36.84 -27.21
C THR A 763 7.00 -37.84 -26.47
N PHE A 764 8.27 -37.95 -26.87
CA PHE A 764 9.16 -38.99 -26.35
C PHE A 764 9.77 -38.51 -25.03
N MET A 765 9.11 -38.83 -23.92
CA MET A 765 9.74 -38.66 -22.63
C MET A 765 9.57 -39.98 -21.88
N PRO A 766 10.67 -40.72 -21.62
CA PRO A 766 10.54 -42.09 -21.10
C PRO A 766 9.83 -42.12 -19.75
N CYS A 767 8.79 -42.96 -19.66
CA CYS A 767 8.03 -43.17 -18.45
C CYS A 767 8.29 -44.60 -17.99
N SER A 768 8.95 -44.75 -16.84
CA SER A 768 9.44 -46.04 -16.39
C SER A 768 8.32 -47.00 -15.97
N GLY A 769 7.07 -46.57 -15.98
CA GLY A 769 5.99 -47.46 -15.61
C GLY A 769 4.85 -47.47 -16.60
N ARG A 770 4.94 -46.64 -17.64
CA ARG A 770 3.87 -46.55 -18.60
C ARG A 770 3.79 -47.83 -19.42
N ASP A 771 2.69 -48.57 -19.26
CA ASP A 771 2.49 -49.78 -20.03
C ASP A 771 1.97 -49.45 -21.42
N ASP A 772 1.94 -50.46 -22.29
CA ASP A 772 1.50 -50.25 -23.66
C ASP A 772 0.06 -49.76 -23.70
N MET A 773 -0.82 -50.34 -22.89
CA MET A 773 -2.18 -49.85 -22.82
C MET A 773 -2.22 -48.41 -22.30
N CYS A 774 -1.33 -48.08 -21.37
CA CYS A 774 -1.20 -46.69 -20.94
C CYS A 774 -0.78 -45.79 -22.08
N TRP A 775 0.16 -46.25 -22.91
CA TRP A 775 0.52 -45.50 -24.10
C TRP A 775 -0.67 -45.36 -25.04
N GLU A 776 -1.57 -46.34 -25.02
CA GLU A 776 -2.74 -46.32 -25.91
C GLU A 776 -3.80 -45.32 -25.46
N VAL A 777 -4.11 -45.29 -24.17
CA VAL A 777 -5.31 -44.58 -23.72
C VAL A 777 -5.00 -43.16 -23.29
N LEU A 778 -3.74 -42.89 -22.96
CA LEU A 778 -3.37 -41.57 -22.50
C LEU A 778 -3.34 -40.58 -23.66
N ASN A 779 -2.94 -39.35 -23.36
CA ASN A 779 -2.84 -38.30 -24.37
C ASN A 779 -1.71 -37.36 -23.98
N ASP A 780 -0.74 -37.19 -24.88
CA ASP A 780 0.40 -36.32 -24.63
C ASP A 780 0.58 -35.27 -25.72
N GLU A 781 -0.34 -35.19 -26.68
CA GLU A 781 -0.23 -34.21 -27.76
C GLU A 781 -0.93 -32.90 -27.45
N TRP A 782 -2.12 -32.98 -26.85
CA TRP A 782 -2.93 -31.80 -26.60
C TRP A 782 -2.94 -31.47 -25.11
N VAL A 783 -2.48 -30.27 -24.77
CA VAL A 783 -2.47 -29.79 -23.40
C VAL A 783 -3.06 -28.39 -23.36
N GLY A 784 -3.72 -28.06 -22.25
CA GLY A 784 -4.38 -26.79 -22.12
C GLY A 784 -3.57 -25.75 -21.38
N HIS A 785 -2.98 -26.13 -20.23
CA HIS A 785 -2.20 -25.23 -19.39
C HIS A 785 -2.98 -23.95 -19.12
N PRO A 786 -3.96 -23.98 -18.21
CA PRO A 786 -4.94 -22.89 -18.06
C PRO A 786 -4.39 -21.47 -18.16
N VAL A 787 -3.11 -21.29 -17.83
CA VAL A 787 -2.49 -19.98 -18.04
C VAL A 787 -2.61 -19.57 -19.49
N TRP A 788 -2.42 -20.52 -20.41
CA TRP A 788 -2.71 -20.26 -21.81
C TRP A 788 -4.18 -19.96 -22.03
N ALA A 789 -5.06 -20.69 -21.36
CA ALA A 789 -6.49 -20.44 -21.47
C ALA A 789 -6.93 -19.20 -20.70
N SER A 790 -6.11 -18.69 -19.79
CA SER A 790 -6.44 -17.52 -19.00
C SER A 790 -5.99 -16.22 -19.65
N GLU A 791 -5.44 -16.28 -20.86
CA GLU A 791 -4.91 -15.10 -21.57
C GLU A 791 -3.78 -14.44 -20.78
N ASP A 792 -3.15 -15.20 -19.90
CA ASP A 792 -2.07 -14.74 -19.03
C ASP A 792 -2.44 -13.53 -18.19
N SER A 793 -3.73 -13.26 -18.02
CA SER A 793 -4.18 -12.13 -17.21
C SER A 793 -4.27 -12.52 -15.73
N GLY A 794 -5.02 -13.57 -15.43
CA GLY A 794 -5.20 -14.02 -14.08
C GLY A 794 -6.58 -14.63 -13.91
N PHE A 795 -6.95 -14.85 -12.66
CA PHE A 795 -8.25 -15.40 -12.30
C PHE A 795 -8.94 -14.47 -11.31
N ILE A 796 -10.24 -14.32 -11.47
CA ILE A 796 -11.06 -13.51 -10.57
C ILE A 796 -11.59 -14.41 -9.48
N ALA A 797 -11.28 -14.09 -8.23
CA ALA A 797 -11.72 -14.87 -7.08
C ALA A 797 -13.15 -14.46 -6.72
N HIS A 798 -13.63 -14.96 -5.58
CA HIS A 798 -14.97 -14.65 -5.10
C HIS A 798 -14.89 -13.68 -3.92
N ARG A 799 -15.98 -12.93 -3.74
CA ARG A 799 -16.08 -11.96 -2.66
C ARG A 799 -16.59 -12.63 -1.39
N LYS A 800 -15.94 -12.35 -0.27
CA LYS A 800 -16.28 -12.95 1.01
C LYS A 800 -16.38 -11.85 2.05
N ASN A 801 -17.40 -11.93 2.90
CA ASN A 801 -17.57 -10.91 3.94
C ASN A 801 -16.56 -11.12 5.06
N GLN A 802 -16.42 -10.08 5.89
CA GLN A 802 -15.44 -10.11 6.97
C GLN A 802 -15.76 -11.21 7.97
N TYR A 803 -17.05 -11.47 8.20
CA TYR A 803 -17.42 -12.57 9.09
C TYR A 803 -16.86 -13.88 8.60
N GLU A 804 -16.95 -14.12 7.28
CA GLU A 804 -16.35 -15.32 6.70
C GLU A 804 -14.86 -15.35 6.96
N GLU A 805 -14.19 -14.20 6.86
CA GLU A 805 -12.75 -14.15 7.09
C GLU A 805 -12.41 -14.49 8.53
N THR A 806 -13.21 -13.99 9.47
CA THR A 806 -13.00 -14.34 10.88
C THR A 806 -13.21 -15.82 11.11
N LEU A 807 -14.23 -16.39 10.46
CA LEU A 807 -14.44 -17.83 10.52
C LEU A 807 -13.23 -18.58 9.99
N PHE A 808 -12.65 -18.08 8.89
CA PHE A 808 -11.45 -18.70 8.34
C PHE A 808 -10.28 -18.63 9.32
N LYS A 809 -10.11 -17.48 9.97
CA LYS A 809 -9.04 -17.34 10.95
C LYS A 809 -9.21 -18.32 12.09
N ILE A 810 -10.44 -18.43 12.61
CA ILE A 810 -10.72 -19.36 13.70
C ILE A 810 -10.46 -20.79 13.25
N GLU A 811 -10.91 -21.13 12.04
CA GLU A 811 -10.70 -22.47 11.51
C GLU A 811 -9.22 -22.78 11.36
N GLU A 812 -8.44 -21.81 10.88
CA GLU A 812 -7.00 -22.02 10.73
C GLU A 812 -6.32 -22.25 12.07
N GLU A 813 -6.66 -21.44 13.07
CA GLU A 813 -6.06 -21.63 14.38
C GLU A 813 -6.44 -22.98 14.98
N ARG A 814 -7.71 -23.37 14.82
CA ARG A 814 -8.15 -24.69 15.26
C ARG A 814 -7.37 -25.79 14.57
N HIS A 815 -7.20 -25.68 13.25
CA HIS A 815 -6.52 -26.72 12.51
C HIS A 815 -5.06 -26.83 12.94
N GLU A 816 -4.39 -25.70 13.16
CA GLU A 816 -3.01 -25.75 13.63
C GLU A 816 -2.91 -26.43 15.00
N TYR A 817 -3.79 -26.03 15.93
CA TYR A 817 -3.77 -26.65 17.25
C TYR A 817 -3.98 -28.16 17.15
N ASP A 818 -5.01 -28.58 16.42
CA ASP A 818 -5.33 -30.00 16.34
C ASP A 818 -4.25 -30.77 15.58
N PHE A 819 -3.68 -30.19 14.54
CA PHE A 819 -2.63 -30.89 13.80
C PHE A 819 -1.40 -31.10 14.67
N TYR A 820 -0.98 -30.05 15.39
CA TYR A 820 0.15 -30.21 16.31
C TYR A 820 -0.16 -31.27 17.36
N ILE A 821 -1.36 -31.23 17.93
CA ILE A 821 -1.71 -32.17 18.99
C ILE A 821 -1.75 -33.59 18.45
N GLU A 822 -2.31 -33.80 17.26
CA GLU A 822 -2.39 -35.13 16.69
C GLU A 822 -1.02 -35.69 16.33
N SER A 823 -0.15 -34.85 15.75
CA SER A 823 1.21 -35.31 15.45
C SER A 823 1.96 -35.68 16.72
N ASN A 824 1.84 -34.84 17.75
CA ASN A 824 2.49 -35.14 19.02
C ASN A 824 1.94 -36.41 19.63
N LEU A 825 0.62 -36.61 19.54
CA LEU A 825 0.00 -37.81 20.10
C LEU A 825 0.44 -39.07 19.37
N ARG A 826 0.52 -39.00 18.04
CA ARG A 826 0.98 -40.15 17.27
C ARG A 826 2.42 -40.50 17.62
N THR A 827 3.28 -39.49 17.72
CA THR A 827 4.67 -39.77 18.09
C THR A 827 4.78 -40.27 19.52
N ILE A 828 3.92 -39.77 20.41
CA ILE A 828 3.90 -40.25 21.79
C ILE A 828 3.52 -41.72 21.83
N GLN A 829 2.51 -42.12 21.08
CA GLN A 829 2.10 -43.52 21.05
C GLN A 829 3.21 -44.40 20.48
N CYS A 830 3.86 -43.93 19.41
CA CYS A 830 4.97 -44.70 18.85
C CYS A 830 6.11 -44.84 19.86
N LEU A 831 6.43 -43.76 20.56
CA LEU A 831 7.50 -43.82 21.57
C LEU A 831 7.11 -44.71 22.73
N GLU A 832 5.82 -44.76 23.07
CA GLU A 832 5.36 -45.69 24.10
C GLU A 832 5.53 -47.13 23.65
N THR A 833 5.14 -47.43 22.42
CA THR A 833 5.32 -48.78 21.89
C THR A 833 6.79 -49.14 21.74
N ILE A 834 7.67 -48.13 21.66
CA ILE A 834 9.10 -48.40 21.62
C ILE A 834 9.64 -48.64 23.02
N VAL A 835 9.27 -47.78 23.98
CA VAL A 835 9.84 -47.86 25.31
C VAL A 835 9.34 -49.10 26.05
N ASN A 836 8.07 -49.47 25.85
CA ASN A 836 7.57 -50.69 26.47
C ASN A 836 8.23 -51.93 25.89
N LYS A 837 8.80 -51.81 24.67
CA LYS A 837 9.54 -52.91 24.08
C LYS A 837 10.98 -52.94 24.59
N ILE A 838 11.59 -51.76 24.76
CA ILE A 838 12.99 -51.68 25.15
C ILE A 838 13.18 -51.67 26.66
N GLU A 839 12.11 -51.90 27.43
CA GLU A 839 12.21 -51.89 28.88
C GLU A 839 13.18 -52.96 29.39
N ASN A 840 13.29 -54.08 28.68
CA ASN A 840 14.18 -55.16 29.11
C ASN A 840 15.47 -55.15 28.28
N SER A 859 4.79 -42.65 6.97
CA SER A 859 4.85 -42.82 8.42
C SER A 859 6.30 -42.77 8.91
N MET A 860 7.18 -42.26 8.06
CA MET A 860 8.61 -42.19 8.36
C MET A 860 9.11 -40.80 8.71
N THR A 861 8.27 -39.77 8.60
CA THR A 861 8.71 -38.39 8.82
C THR A 861 7.93 -37.67 9.90
N ILE A 862 6.82 -38.23 10.37
CA ILE A 862 6.01 -37.55 11.37
C ILE A 862 6.80 -37.35 12.66
N TYR A 863 7.46 -38.42 13.12
CA TYR A 863 8.18 -38.35 14.38
C TYR A 863 9.40 -37.43 14.28
N LYS A 864 10.14 -37.48 13.18
CA LYS A 864 11.27 -36.57 13.00
C LYS A 864 10.79 -35.12 13.00
N LYS A 865 9.68 -34.86 12.31
CA LYS A 865 9.14 -33.51 12.25
C LYS A 865 8.75 -33.01 13.64
N VAL A 866 8.06 -33.84 14.41
CA VAL A 866 7.60 -33.39 15.72
C VAL A 866 8.78 -33.25 16.68
N ILE A 867 9.80 -34.09 16.53
CA ILE A 867 11.00 -33.96 17.37
C ILE A 867 11.72 -32.66 17.05
N ARG A 868 11.86 -32.34 15.77
CA ARG A 868 12.50 -31.08 15.39
C ARG A 868 11.70 -29.89 15.89
N LYS A 869 10.37 -29.97 15.81
CA LYS A 869 9.54 -28.88 16.33
C LYS A 869 9.72 -28.72 17.84
N VAL A 870 9.73 -29.84 18.56
CA VAL A 870 9.92 -29.77 20.01
C VAL A 870 11.34 -29.32 20.35
N TYR A 871 12.33 -29.92 19.70
CA TYR A 871 13.73 -29.51 19.86
C TYR A 871 14.08 -28.53 18.74
N ASP A 872 13.43 -27.37 18.82
CA ASP A 872 13.56 -26.35 17.79
C ASP A 872 14.90 -25.63 17.84
N LYS A 873 15.76 -25.96 18.81
CA LYS A 873 17.09 -25.39 18.95
C LYS A 873 18.08 -25.97 17.95
N GLU A 874 17.59 -26.62 16.89
CA GLU A 874 18.40 -27.31 15.88
C GLU A 874 19.14 -28.50 16.46
N ARG A 875 18.90 -28.84 17.71
CA ARG A 875 19.43 -30.06 18.30
C ARG A 875 18.59 -31.28 17.97
N GLY A 876 17.46 -31.08 17.28
CA GLY A 876 16.66 -32.22 16.86
C GLY A 876 17.38 -33.14 15.90
N PHE A 877 18.22 -32.58 15.05
CA PHE A 877 18.96 -33.41 14.09
C PHE A 877 19.81 -34.46 14.80
N GLU A 878 20.55 -34.03 15.82
CA GLU A 878 21.42 -34.97 16.53
C GLU A 878 20.60 -35.94 17.39
N ILE A 879 19.53 -35.44 18.02
CA ILE A 879 18.78 -36.27 18.95
C ILE A 879 17.97 -37.34 18.21
N ILE A 880 17.58 -37.09 16.95
CA ILE A 880 16.88 -38.11 16.18
C ILE A 880 17.79 -39.31 15.96
N ASP A 881 19.04 -39.06 15.56
CA ASP A 881 19.98 -40.15 15.37
C ASP A 881 20.38 -40.79 16.71
N ALA A 882 20.43 -39.99 17.78
CA ALA A 882 20.69 -40.56 19.09
C ALA A 882 19.59 -41.53 19.51
N LEU A 883 18.34 -41.20 19.18
CA LEU A 883 17.24 -42.15 19.37
C LEU A 883 17.42 -43.37 18.47
N HIS A 884 17.88 -43.16 17.23
CA HIS A 884 17.99 -44.25 16.28
C HIS A 884 18.99 -45.31 16.73
N GLU A 885 19.95 -44.95 17.56
CA GLU A 885 20.93 -45.92 18.06
C GLU A 885 20.43 -46.57 19.35
N THR A 890 17.51 -42.89 25.46
CA THR A 890 17.07 -41.49 25.42
C THR A 890 15.61 -41.39 24.97
N ALA A 891 15.02 -42.54 24.62
CA ALA A 891 13.61 -42.57 24.26
C ALA A 891 12.70 -42.12 25.39
N PRO A 892 12.86 -42.57 26.64
CA PRO A 892 11.92 -42.14 27.69
C PRO A 892 11.91 -40.64 27.94
N VAL A 893 13.07 -39.97 27.88
CA VAL A 893 13.09 -38.55 28.20
C VAL A 893 12.40 -37.74 27.11
N VAL A 894 12.64 -38.07 25.85
CA VAL A 894 11.96 -37.37 24.78
C VAL A 894 10.47 -37.69 24.80
N LEU A 895 10.11 -38.93 25.16
CA LEU A 895 8.69 -39.29 25.24
C LEU A 895 7.98 -38.48 26.33
N LYS A 896 8.60 -38.35 27.50
CA LYS A 896 7.98 -37.59 28.59
C LYS A 896 7.93 -36.10 28.27
N ARG A 897 8.96 -35.58 27.59
CA ARG A 897 8.89 -34.18 27.15
C ARG A 897 7.75 -33.98 26.17
N LEU A 898 7.55 -34.93 25.26
CA LEU A 898 6.42 -34.88 24.34
C LEU A 898 5.10 -34.91 25.09
N LYS A 899 5.00 -35.75 26.11
CA LYS A 899 3.77 -35.82 26.90
C LYS A 899 3.49 -34.51 27.62
N GLN A 900 4.53 -33.89 28.18
CA GLN A 900 4.35 -32.60 28.83
C GLN A 900 3.88 -31.55 27.83
N LYS A 901 4.52 -31.50 26.67
CA LYS A 901 4.12 -30.56 25.62
C LYS A 901 2.67 -30.82 25.21
N ASP A 902 2.28 -32.09 25.13
CA ASP A 902 0.91 -32.45 24.81
C ASP A 902 -0.06 -31.89 25.85
N GLU A 903 0.30 -32.02 27.13
CA GLU A 903 -0.56 -31.51 28.19
C GLU A 903 -0.75 -30.00 28.07
N GLU A 904 0.35 -29.26 27.89
CA GLU A 904 0.24 -27.80 27.76
C GLU A 904 -0.55 -27.43 26.51
N TRP A 905 -0.30 -28.13 25.41
CA TRP A 905 -1.02 -27.84 24.17
C TRP A 905 -2.51 -28.09 24.32
N ARG A 906 -2.89 -29.17 24.99
CA ARG A 906 -4.30 -29.46 25.19
C ARG A 906 -4.96 -28.43 26.09
N ARG A 907 -4.27 -27.99 27.14
CA ARG A 907 -4.81 -26.93 27.98
C ARG A 907 -5.05 -25.66 27.16
N ALA A 908 -4.03 -25.23 26.42
CA ALA A 908 -4.17 -24.04 25.60
C ALA A 908 -5.26 -24.22 24.55
N GLN A 909 -5.39 -25.43 24.02
CA GLN A 909 -6.43 -25.71 23.03
C GLN A 909 -7.81 -25.59 23.64
N ARG A 910 -7.98 -26.02 24.89
CA ARG A 910 -9.28 -25.89 25.54
C ARG A 910 -9.63 -24.43 25.76
N GLU A 911 -8.68 -23.65 26.28
CA GLU A 911 -8.93 -22.22 26.44
C GLU A 911 -9.24 -21.54 25.11
N TRP A 912 -8.48 -21.88 24.07
CA TRP A 912 -8.73 -21.32 22.75
C TRP A 912 -10.05 -21.80 22.18
N ASN A 913 -10.47 -23.03 22.48
CA ASN A 913 -11.76 -23.51 22.03
C ASN A 913 -12.87 -22.69 22.65
N LYS A 914 -12.75 -22.39 23.94
CA LYS A 914 -13.70 -21.49 24.57
C LYS A 914 -13.75 -20.15 23.85
N VAL A 915 -12.58 -19.55 23.62
CA VAL A 915 -12.52 -18.26 22.96
C VAL A 915 -13.14 -18.33 21.56
N TRP A 916 -12.78 -19.37 20.81
CA TRP A 916 -13.26 -19.53 19.44
C TRP A 916 -14.77 -19.67 19.40
N ARG A 917 -15.33 -20.50 20.28
CA ARG A 917 -16.77 -20.68 20.31
C ARG A 917 -17.48 -19.38 20.66
N GLU A 918 -16.97 -18.67 21.67
CA GLU A 918 -17.57 -17.41 22.06
C GLU A 918 -17.55 -16.41 20.91
N LEU A 919 -16.44 -16.35 20.18
CA LEU A 919 -16.36 -15.45 19.05
C LEU A 919 -17.31 -15.87 17.94
N GLU A 920 -17.36 -17.16 17.63
CA GLU A 920 -18.14 -17.64 16.49
C GLU A 920 -19.63 -17.46 16.71
N GLN A 921 -20.10 -17.65 17.96
CA GLN A 921 -21.54 -17.74 18.19
C GLN A 921 -22.29 -16.49 17.75
N LYS A 922 -21.61 -15.35 17.64
CA LYS A 922 -22.22 -14.11 17.21
C LYS A 922 -22.01 -13.82 15.72
N VAL A 923 -21.09 -14.54 15.07
CA VAL A 923 -20.62 -14.16 13.76
C VAL A 923 -21.24 -15.07 12.70
N PHE A 924 -21.45 -16.34 13.06
CA PHE A 924 -21.80 -17.34 12.07
C PHE A 924 -23.05 -16.95 11.30
N PHE A 925 -24.12 -16.58 12.01
CA PHE A 925 -25.36 -16.23 11.33
C PHE A 925 -25.18 -15.02 10.43
N LYS A 926 -24.31 -14.09 10.84
CA LYS A 926 -24.07 -12.91 10.03
C LYS A 926 -23.37 -13.26 8.72
N SER A 927 -22.45 -14.24 8.77
CA SER A 927 -21.66 -14.57 7.59
C SER A 927 -22.53 -15.08 6.45
N LEU A 928 -23.47 -15.97 6.74
CA LEU A 928 -24.35 -16.47 5.69
C LEU A 928 -25.32 -15.42 5.20
N ASP A 929 -25.43 -14.29 5.87
CA ASP A 929 -26.29 -13.19 5.44
C ASP A 929 -25.53 -12.42 4.38
N HIS A 930 -25.73 -12.80 3.11
CA HIS A 930 -25.03 -12.14 2.02
C HIS A 930 -25.83 -10.94 1.52
N LEU A 931 -27.03 -11.18 1.00
CA LEU A 931 -27.85 -10.07 0.55
C LEU A 931 -28.38 -9.25 1.71
N GLY A 932 -28.51 -9.86 2.90
CA GLY A 932 -29.02 -9.14 4.04
C GLY A 932 -28.11 -8.01 4.49
N LEU A 933 -26.80 -8.26 4.54
CA LEU A 933 -25.86 -7.20 4.91
C LEU A 933 -25.90 -6.05 3.91
N THR A 934 -25.94 -6.37 2.61
CA THR A 934 -26.06 -5.34 1.59
C THR A 934 -27.42 -4.67 1.64
N PHE A 935 -28.46 -5.41 2.00
CA PHE A 935 -29.79 -4.84 2.06
C PHE A 935 -29.84 -3.77 3.15
N LYS A 936 -30.95 -3.02 3.18
CA LYS A 936 -31.19 -1.88 4.04
C LYS A 936 -30.34 -0.70 3.57
N GLN A 937 -29.47 -0.97 2.60
CA GLN A 937 -28.67 0.07 1.97
C GLN A 937 -28.89 0.13 0.47
N ALA A 938 -28.86 -1.01 -0.21
CA ALA A 938 -29.25 -1.05 -1.62
C ALA A 938 -30.71 -0.68 -1.79
N ASP A 939 -31.54 -1.06 -0.82
CA ASP A 939 -32.97 -0.76 -0.90
C ASP A 939 -33.21 0.75 -0.94
N LYS A 940 -32.41 1.54 -0.24
CA LYS A 940 -32.66 2.97 -0.15
C LYS A 940 -32.57 3.64 -1.51
N LYS A 941 -31.53 3.33 -2.28
CA LYS A 941 -31.42 3.86 -3.63
C LYS A 941 -32.21 3.05 -4.65
N LEU A 942 -32.65 1.85 -4.29
CA LEU A 942 -33.34 0.99 -5.23
C LEU A 942 -34.84 1.03 -5.08
N LEU A 943 -35.37 1.75 -4.09
CA LEU A 943 -36.80 1.91 -3.91
C LEU A 943 -37.19 3.35 -4.17
N THR A 944 -36.55 3.99 -5.14
CA THR A 944 -36.86 5.35 -5.52
C THR A 944 -37.89 5.33 -6.65
N THR A 945 -38.50 6.50 -6.88
CA THR A 945 -39.47 6.62 -7.95
C THR A 945 -38.82 6.39 -9.31
N LYS A 946 -37.59 6.87 -9.49
CA LYS A 946 -36.91 6.73 -10.76
C LYS A 946 -36.69 5.25 -11.07
N GLN A 947 -36.42 4.44 -10.04
CA GLN A 947 -36.28 3.00 -10.23
C GLN A 947 -37.53 2.39 -10.84
N LEU A 948 -38.70 2.70 -10.26
CA LEU A 948 -39.94 2.13 -10.75
C LEU A 948 -40.29 2.65 -12.13
N ILE A 949 -40.01 3.94 -12.39
CA ILE A 949 -40.22 4.48 -13.73
C ILE A 949 -39.34 3.76 -14.74
N SER A 950 -38.09 3.49 -14.39
CA SER A 950 -37.21 2.76 -15.28
C SER A 950 -37.72 1.35 -15.55
N GLU A 951 -38.19 0.67 -14.49
CA GLU A 951 -38.74 -0.66 -14.67
C GLU A 951 -39.93 -0.65 -15.63
N ILE A 952 -40.89 0.24 -15.37
CA ILE A 952 -42.12 0.25 -16.16
C ILE A 952 -41.82 0.69 -17.59
N SER A 953 -40.90 1.64 -17.77
CA SER A 953 -40.55 2.08 -19.11
C SER A 953 -39.82 1.00 -19.88
N SER A 954 -38.95 0.23 -19.22
CA SER A 954 -38.32 -0.90 -19.88
C SER A 954 -39.35 -1.93 -20.31
N ILE A 955 -40.32 -2.23 -19.43
CA ILE A 955 -41.36 -3.19 -19.79
C ILE A 955 -42.16 -2.69 -20.99
N LYS A 956 -42.54 -1.41 -20.98
CA LYS A 956 -43.32 -0.85 -22.08
C LYS A 956 -42.52 -0.85 -23.37
N VAL A 957 -41.23 -0.51 -23.30
CA VAL A 957 -40.39 -0.50 -24.49
C VAL A 957 -40.26 -1.91 -25.06
N ASP A 958 -40.06 -2.90 -24.19
CA ASP A 958 -39.98 -4.28 -24.67
C ASP A 958 -41.29 -4.73 -25.31
N GLN A 959 -42.43 -4.34 -24.71
CA GLN A 959 -43.72 -4.73 -25.25
C GLN A 959 -44.07 -4.00 -26.55
N THR A 960 -43.51 -2.81 -26.78
CA THR A 960 -43.80 -2.07 -27.99
C THR A 960 -43.03 -2.56 -29.21
N ASN A 961 -42.41 -3.74 -29.13
CA ASN A 961 -41.67 -4.27 -30.25
C ASN A 961 -42.24 -5.63 -30.66
N LYS A 962 -43.57 -5.72 -30.68
CA LYS A 962 -44.24 -6.98 -30.99
C LYS A 962 -45.62 -6.73 -31.60
N LYS A 972 -50.58 -2.11 -22.55
CA LYS A 972 -51.92 -2.01 -21.99
C LYS A 972 -51.96 -2.60 -20.59
N SER A 973 -51.19 -3.66 -20.38
CA SER A 973 -51.09 -4.36 -19.10
C SER A 973 -49.63 -4.53 -18.70
N GLN A 974 -48.88 -3.42 -18.77
CA GLN A 974 -47.45 -3.48 -18.52
C GLN A 974 -47.15 -4.04 -17.12
N LEU A 975 -47.89 -3.58 -16.12
CA LEU A 975 -47.74 -4.06 -14.76
C LEU A 975 -48.99 -4.82 -14.31
N ASP A 976 -48.79 -5.72 -13.35
CA ASP A 976 -49.87 -6.56 -12.87
C ASP A 976 -49.54 -7.03 -11.46
N PHE A 977 -50.51 -6.92 -10.56
CA PHE A 977 -50.35 -7.38 -9.20
C PHE A 977 -51.61 -8.12 -8.75
N ASP A 978 -51.43 -9.05 -7.82
CA ASP A 978 -52.51 -9.82 -7.24
C ASP A 978 -52.44 -9.71 -5.72
N PHE A 979 -53.60 -9.61 -5.08
CA PHE A 979 -53.70 -9.41 -3.64
C PHE A 979 -54.58 -10.50 -3.04
N PRO A 980 -54.04 -11.69 -2.79
CA PRO A 980 -54.88 -12.78 -2.25
C PRO A 980 -55.22 -12.60 -0.78
N ASP A 981 -54.29 -12.06 -0.01
CA ASP A 981 -54.46 -11.93 1.42
C ASP A 981 -55.19 -10.64 1.77
N LYS A 982 -55.84 -10.66 2.93
CA LYS A 982 -56.64 -9.54 3.42
C LYS A 982 -56.11 -8.99 4.73
N ASN A 983 -55.75 -9.87 5.68
CA ASN A 983 -55.26 -9.44 6.98
C ASN A 983 -53.96 -8.65 6.87
N ILE A 984 -53.23 -8.80 5.77
CA ILE A 984 -52.02 -8.01 5.57
C ILE A 984 -52.36 -6.53 5.49
N PHE A 985 -53.50 -6.18 4.90
CA PHE A 985 -53.91 -4.78 4.87
C PHE A 985 -54.06 -4.22 6.28
N TYR A 986 -54.70 -4.99 7.17
CA TYR A 986 -54.87 -4.56 8.55
C TYR A 986 -53.53 -4.53 9.28
N ASP A 987 -52.63 -5.45 8.97
CA ASP A 987 -51.30 -5.43 9.60
C ASP A 987 -50.54 -4.16 9.21
N ILE A 988 -50.58 -3.80 7.93
CA ILE A 988 -49.91 -2.58 7.48
C ILE A 988 -50.59 -1.36 8.10
N LEU A 989 -51.91 -1.40 8.22
CA LEU A 989 -52.62 -0.31 8.90
C LEU A 989 -52.13 -0.16 10.34
N CYS A 990 -52.00 -1.28 11.05
CA CYS A 990 -51.54 -1.23 12.44
C CYS A 990 -50.13 -0.69 12.54
N LEU A 991 -49.22 -1.16 11.68
CA LEU A 991 -47.85 -0.67 11.72
C LEU A 991 -47.79 0.82 11.38
N ALA A 992 -48.56 1.25 10.37
CA ALA A 992 -48.57 2.65 9.98
C ALA A 992 -49.10 3.53 11.10
N ASP A 993 -50.17 3.10 11.77
CA ASP A 993 -50.70 3.88 12.90
C ASP A 993 -49.72 3.91 14.06
N THR A 994 -49.02 2.80 14.31
CA THR A 994 -48.00 2.80 15.36
C THR A 994 -46.91 3.81 15.05
N PHE A 995 -46.45 3.83 13.80
CA PHE A 995 -45.44 4.81 13.42
C PHE A 995 -45.97 6.23 13.52
N ILE A 996 -47.20 6.46 13.06
CA ILE A 996 -47.76 7.81 13.03
C ILE A 996 -47.94 8.35 14.44
N THR A 997 -48.45 7.52 15.35
CA THR A 997 -48.57 7.93 16.74
C THR A 997 -47.20 8.15 17.35
N HIS A 998 -46.24 7.27 17.04
CA HIS A 998 -44.92 7.36 17.67
C HIS A 998 -44.15 8.57 17.16
N THR A 999 -44.26 8.89 15.87
CA THR A 999 -43.40 9.90 15.28
C THR A 999 -43.74 11.29 15.81
N THR A 1000 -42.72 12.03 16.22
CA THR A 1000 -42.87 13.44 16.58
C THR A 1000 -42.43 14.32 15.41
N ALA A 1001 -43.16 14.19 14.29
CA ALA A 1001 -42.82 14.94 13.09
C ALA A 1001 -44.02 15.55 12.38
N TYR A 1002 -45.24 15.27 12.82
CA TYR A 1002 -46.44 15.86 12.22
C TYR A 1002 -47.16 16.65 13.30
N SER A 1003 -48.12 17.47 12.86
CA SER A 1003 -49.00 18.14 13.80
C SER A 1003 -49.93 17.11 14.42
N ASN A 1004 -50.45 17.43 15.60
CA ASN A 1004 -51.34 16.49 16.29
C ASN A 1004 -52.55 16.14 15.44
N PRO A 1005 -53.28 17.08 14.84
CA PRO A 1005 -54.35 16.68 13.90
C PRO A 1005 -53.82 16.00 12.65
N ASP A 1006 -52.57 16.25 12.25
CA ASP A 1006 -52.05 15.64 11.04
C ASP A 1006 -51.93 14.13 11.17
N LYS A 1007 -51.64 13.63 12.38
CA LYS A 1007 -51.60 12.20 12.59
C LYS A 1007 -52.94 11.55 12.25
N GLU A 1008 -54.02 12.12 12.80
CA GLU A 1008 -55.35 11.59 12.52
C GLU A 1008 -55.75 11.80 11.07
N ARG A 1009 -55.31 12.90 10.46
CA ARG A 1009 -55.59 13.12 9.05
C ARG A 1009 -54.95 12.05 8.19
N LEU A 1010 -53.69 11.71 8.47
CA LEU A 1010 -53.01 10.65 7.75
C LEU A 1010 -53.72 9.31 7.96
N LYS A 1011 -54.09 9.02 9.21
CA LYS A 1011 -54.80 7.77 9.48
C LYS A 1011 -56.11 7.70 8.71
N ASP A 1012 -56.85 8.80 8.69
CA ASP A 1012 -58.12 8.84 7.97
C ASP A 1012 -57.92 8.67 6.47
N LEU A 1013 -56.91 9.33 5.90
CA LEU A 1013 -56.64 9.16 4.48
C LEU A 1013 -56.31 7.71 4.16
N LEU A 1014 -55.47 7.09 4.99
CA LEU A 1014 -55.13 5.69 4.78
C LEU A 1014 -56.37 4.80 4.84
N LYS A 1015 -57.17 4.95 5.89
CA LYS A 1015 -58.34 4.10 6.07
C LYS A 1015 -59.35 4.31 4.94
N TYR A 1016 -59.58 5.57 4.56
CA TYR A 1016 -60.49 5.85 3.46
C TYR A 1016 -60.00 5.26 2.15
N PHE A 1017 -58.71 5.41 1.86
CA PHE A 1017 -58.19 4.90 0.60
C PHE A 1017 -58.28 3.38 0.55
N ILE A 1018 -57.99 2.71 1.66
CA ILE A 1018 -58.08 1.25 1.71
C ILE A 1018 -59.53 0.80 1.56
N SER A 1019 -60.44 1.44 2.30
CA SER A 1019 -61.85 1.04 2.27
C SER A 1019 -62.57 1.51 1.01
N LEU A 1020 -61.92 2.35 0.19
CA LEU A 1020 -62.51 2.81 -1.06
C LEU A 1020 -61.98 2.04 -2.26
N PHE A 1021 -60.66 1.93 -2.40
CA PHE A 1021 -60.09 1.21 -3.52
C PHE A 1021 -60.41 -0.27 -3.43
N PHE A 1022 -60.13 -0.90 -2.29
CA PHE A 1022 -60.44 -2.30 -2.10
C PHE A 1022 -61.86 -2.55 -1.63
N SER A 1023 -62.46 -1.59 -0.92
CA SER A 1023 -63.77 -1.74 -0.29
C SER A 1023 -63.85 -3.03 0.53
N ILE A 1024 -62.83 -3.20 1.37
CA ILE A 1024 -62.75 -4.39 2.22
C ILE A 1024 -63.69 -4.22 3.41
N SER A 1025 -63.50 -3.16 4.19
CA SER A 1025 -64.33 -2.83 5.33
C SER A 1025 -63.98 -1.44 5.80
N PHE A 1026 -65.00 -0.63 6.07
CA PHE A 1026 -64.80 0.72 6.59
C PHE A 1026 -64.75 0.78 8.11
N GLU A 1027 -65.06 -0.32 8.80
CA GLU A 1027 -65.13 -0.31 10.24
C GLU A 1027 -64.18 -1.32 10.89
N LYS A 1028 -64.08 -2.54 10.34
CA LYS A 1028 -63.16 -3.53 10.88
C LYS A 1028 -61.71 -3.08 10.77
N ILE A 1029 -61.44 -2.09 9.91
CA ILE A 1029 -60.12 -1.46 9.88
C ILE A 1029 -59.78 -0.86 11.23
N GLU A 1030 -60.80 -0.42 11.97
CA GLU A 1030 -60.63 0.16 13.29
C GLU A 1030 -60.71 -0.88 14.41
N GLU A 1031 -60.99 -2.14 14.08
CA GLU A 1031 -61.09 -3.23 15.05
C GLU A 1031 -60.01 -4.25 14.70
N SER A 1032 -58.83 -4.08 15.29
CA SER A 1032 -57.72 -4.99 15.04
C SER A 1032 -56.64 -4.85 16.12
N SER A 1134 -67.91 -5.06 -13.30
CA SER A 1134 -67.51 -3.67 -13.21
C SER A 1134 -66.07 -3.53 -12.72
N ILE A 1135 -65.20 -3.04 -13.60
CA ILE A 1135 -63.80 -2.83 -13.30
C ILE A 1135 -63.57 -1.34 -13.10
N PHE A 1136 -63.03 -0.99 -11.93
CA PHE A 1136 -62.77 0.41 -11.59
C PHE A 1136 -61.39 0.83 -12.05
N ASN A 1137 -61.32 1.97 -12.70
CA ASN A 1137 -60.07 2.54 -13.18
C ASN A 1137 -59.65 3.69 -12.28
N LEU A 1138 -58.40 4.12 -12.44
CA LEU A 1138 -57.86 5.19 -11.61
C LEU A 1138 -56.70 5.82 -12.36
N PHE A 1139 -56.84 7.09 -12.73
CA PHE A 1139 -55.75 7.85 -13.31
C PHE A 1139 -54.98 8.56 -12.21
N ALA A 1140 -53.66 8.35 -12.19
CA ALA A 1140 -52.84 8.82 -11.09
C ALA A 1140 -51.58 9.49 -11.62
N ASN A 1141 -51.06 10.43 -10.84
CA ASN A 1141 -49.81 11.10 -11.15
C ASN A 1141 -48.64 10.27 -10.63
N THR A 1142 -47.44 10.86 -10.63
CA THR A 1142 -46.30 10.16 -10.07
C THR A 1142 -46.45 9.94 -8.57
N ASN A 1143 -46.96 10.93 -7.84
CA ASN A 1143 -47.04 10.81 -6.39
C ASN A 1143 -47.95 9.66 -5.98
N ILE A 1144 -49.16 9.61 -6.53
CA ILE A 1144 -50.10 8.55 -6.20
C ILE A 1144 -49.58 7.20 -6.66
N TYR A 1145 -48.98 7.17 -7.85
CA TYR A 1145 -48.44 5.92 -8.38
C TYR A 1145 -47.33 5.37 -7.50
N ILE A 1146 -46.45 6.25 -7.02
CA ILE A 1146 -45.34 5.82 -6.17
C ILE A 1146 -45.85 5.38 -4.80
N PHE A 1147 -46.86 6.09 -4.27
CA PHE A 1147 -47.48 5.64 -3.03
C PHE A 1147 -48.10 4.26 -3.20
N PHE A 1148 -48.76 4.04 -4.34
CA PHE A 1148 -49.32 2.74 -4.65
C PHE A 1148 -48.24 1.67 -4.74
N ARG A 1149 -47.10 2.01 -5.33
CA ARG A 1149 -46.00 1.06 -5.41
C ARG A 1149 -45.43 0.77 -4.03
N HIS A 1150 -45.39 1.78 -3.16
CA HIS A 1150 -44.99 1.54 -1.77
C HIS A 1150 -45.93 0.54 -1.11
N TRP A 1151 -47.23 0.74 -1.25
CA TRP A 1151 -48.19 -0.18 -0.68
C TRP A 1151 -48.02 -1.58 -1.25
N THR A 1152 -47.81 -1.67 -2.57
CA THR A 1152 -47.60 -2.96 -3.21
C THR A 1152 -46.36 -3.65 -2.66
N THR A 1153 -45.27 -2.89 -2.49
CA THR A 1153 -44.03 -3.46 -1.97
C THR A 1153 -44.25 -4.02 -0.57
N ILE A 1154 -44.89 -3.24 0.30
CA ILE A 1154 -45.14 -3.73 1.66
C ILE A 1154 -46.03 -4.96 1.62
N TYR A 1155 -47.06 -4.95 0.78
CA TYR A 1155 -47.98 -6.08 0.71
C TYR A 1155 -47.27 -7.34 0.25
N GLU A 1156 -46.42 -7.23 -0.77
CA GLU A 1156 -45.72 -8.42 -1.26
C GLU A 1156 -44.72 -8.93 -0.24
N ARG A 1157 -44.03 -8.03 0.46
CA ARG A 1157 -43.12 -8.47 1.52
C ARG A 1157 -43.87 -9.26 2.58
N LEU A 1158 -44.99 -8.71 3.06
CA LEU A 1158 -45.73 -9.39 4.10
C LEU A 1158 -46.38 -10.66 3.59
N LEU A 1159 -46.79 -10.69 2.33
CA LEU A 1159 -47.34 -11.91 1.75
C LEU A 1159 -46.30 -13.01 1.68
N GLU A 1160 -45.08 -12.68 1.25
CA GLU A 1160 -44.01 -13.67 1.23
C GLU A 1160 -43.70 -14.16 2.63
N ILE A 1161 -43.69 -13.25 3.61
CA ILE A 1161 -43.40 -13.65 4.99
C ILE A 1161 -44.48 -14.58 5.52
N LYS A 1162 -45.75 -14.23 5.29
CA LYS A 1162 -46.87 -14.98 5.87
C LYS A 1162 -47.13 -16.29 5.14
N GLN A 1163 -46.74 -16.39 3.87
CA GLN A 1163 -47.05 -17.59 3.09
C GLN A 1163 -46.37 -18.82 3.66
N MET A 1164 -45.10 -18.71 4.03
CA MET A 1164 -44.35 -19.79 4.65
C MET A 1164 -44.40 -19.76 6.18
N ASN A 1165 -45.17 -18.85 6.76
CA ASN A 1165 -45.16 -18.67 8.21
C ASN A 1165 -45.49 -19.96 8.95
N GLU A 1166 -46.40 -20.77 8.39
CA GLU A 1166 -46.80 -22.00 9.06
C GLU A 1166 -45.64 -22.98 9.19
N ARG A 1167 -44.91 -23.20 8.11
CA ARG A 1167 -43.79 -24.13 8.16
C ARG A 1167 -42.63 -23.55 8.96
N VAL A 1168 -42.47 -22.23 8.92
CA VAL A 1168 -41.46 -21.57 9.73
C VAL A 1168 -41.72 -21.83 11.20
N THR A 1169 -42.96 -21.61 11.64
CA THR A 1169 -43.32 -21.87 13.03
C THR A 1169 -43.18 -23.35 13.36
N LYS A 1170 -43.60 -24.22 12.44
CA LYS A 1170 -43.47 -25.66 12.67
C LYS A 1170 -42.02 -26.04 12.92
N GLU A 1171 -41.11 -25.57 12.08
CA GLU A 1171 -39.69 -25.90 12.28
C GLU A 1171 -39.17 -25.30 13.57
N ILE A 1172 -39.57 -24.07 13.89
CA ILE A 1172 -39.09 -23.43 15.11
C ILE A 1172 -39.49 -24.25 16.33
N ASN A 1173 -40.75 -24.66 16.39
CA ASN A 1173 -41.23 -25.41 17.54
C ASN A 1173 -40.66 -26.81 17.59
N THR A 1174 -40.10 -27.30 16.49
CA THR A 1174 -39.49 -28.62 16.45
C THR A 1174 -37.97 -28.57 16.59
N ARG A 1175 -37.42 -27.43 17.00
CA ARG A 1175 -35.97 -27.27 17.09
C ARG A 1175 -35.47 -28.00 18.33
N SER A 1176 -35.00 -29.23 18.14
CA SER A 1176 -34.42 -30.01 19.22
C SER A 1176 -32.95 -29.64 19.40
N THR A 1177 -32.37 -30.12 20.50
CA THR A 1177 -30.98 -29.84 20.84
C THR A 1177 -30.24 -31.15 21.08
N VAL A 1178 -28.95 -31.15 20.76
CA VAL A 1178 -28.07 -32.27 21.05
C VAL A 1178 -27.74 -32.23 22.52
N THR A 1179 -27.74 -33.40 23.16
CA THR A 1179 -27.50 -33.50 24.59
C THR A 1179 -26.19 -34.19 24.94
N PHE A 1180 -25.38 -34.54 23.94
CA PHE A 1180 -24.10 -35.18 24.23
C PHE A 1180 -23.20 -34.27 25.06
N ALA A 1181 -22.94 -33.07 24.54
CA ALA A 1181 -22.24 -32.03 25.29
C ALA A 1181 -22.85 -30.66 25.14
N LYS A 1182 -23.74 -30.44 24.18
CA LYS A 1182 -24.31 -29.11 23.96
C LYS A 1182 -25.10 -28.65 25.18
N ASP A 1183 -26.20 -29.35 25.49
CA ASP A 1183 -26.97 -29.00 26.67
C ASP A 1183 -26.17 -29.26 27.95
N LEU A 1184 -25.13 -30.08 27.88
CA LEU A 1184 -24.30 -30.34 29.06
C LEU A 1184 -23.43 -29.14 29.41
N ASP A 1185 -22.77 -28.54 28.43
CA ASP A 1185 -21.74 -27.54 28.70
C ASP A 1185 -22.05 -26.17 28.11
N LEU A 1186 -22.32 -26.08 26.81
CA LEU A 1186 -22.36 -24.79 26.13
C LEU A 1186 -23.71 -24.60 25.44
N LEU A 1187 -24.35 -23.46 25.70
CA LEU A 1187 -25.64 -23.14 25.10
C LEU A 1187 -25.65 -21.67 24.69
N SER A 1188 -26.44 -21.37 23.66
CA SER A 1188 -26.56 -20.00 23.16
C SER A 1188 -27.75 -19.35 23.86
N SER A 1189 -27.46 -18.53 24.87
CA SER A 1189 -28.47 -17.87 25.68
C SER A 1189 -28.40 -16.36 25.54
N GLN A 1190 -28.35 -15.87 24.30
CA GLN A 1190 -28.39 -14.44 24.03
C GLN A 1190 -29.69 -13.99 23.41
N LEU A 1191 -30.10 -14.60 22.29
CA LEU A 1191 -31.39 -14.30 21.69
C LEU A 1191 -32.55 -14.85 22.50
N SER A 1192 -32.28 -15.75 23.44
CA SER A 1192 -33.32 -16.31 24.30
C SER A 1192 -33.60 -15.44 25.51
N GLU A 1193 -32.57 -14.78 26.06
CA GLU A 1193 -32.76 -13.94 27.23
C GLU A 1193 -33.66 -12.75 26.96
N MET A 1194 -33.70 -12.26 25.72
CA MET A 1194 -34.53 -11.11 25.38
C MET A 1194 -35.90 -11.56 24.89
N GLY A 1195 -36.03 -12.81 24.47
CA GLY A 1195 -37.29 -13.33 23.99
C GLY A 1195 -37.46 -13.33 22.49
N LEU A 1196 -36.41 -13.01 21.73
CA LEU A 1196 -36.44 -13.09 20.28
C LEU A 1196 -35.88 -14.40 19.76
N ASP A 1197 -36.45 -15.49 20.25
CA ASP A 1197 -36.18 -16.82 19.71
C ASP A 1197 -37.47 -17.53 19.29
N PHE A 1198 -38.61 -16.83 19.36
CA PHE A 1198 -39.87 -17.30 18.80
C PHE A 1198 -40.30 -18.65 19.37
N VAL A 1199 -40.13 -18.83 20.67
CA VAL A 1199 -40.69 -20.02 21.31
C VAL A 1199 -42.21 -19.91 21.27
N GLY A 1200 -42.85 -20.90 20.65
CA GLY A 1200 -44.24 -20.70 20.30
C GLY A 1200 -44.36 -19.45 19.43
N GLU A 1201 -45.39 -18.65 19.71
CA GLU A 1201 -45.45 -17.26 19.26
C GLU A 1201 -45.24 -17.16 17.75
N ASP A 1202 -46.24 -17.68 17.03
CA ASP A 1202 -46.21 -17.87 15.58
C ASP A 1202 -45.45 -16.75 14.87
N ALA A 1203 -44.57 -17.15 13.94
CA ALA A 1203 -43.57 -16.23 13.40
C ALA A 1203 -44.20 -14.94 12.89
N TYR A 1204 -45.35 -15.04 12.23
CA TYR A 1204 -45.96 -13.85 11.63
C TYR A 1204 -46.33 -12.82 12.70
N LYS A 1205 -46.97 -13.27 13.77
CA LYS A 1205 -47.48 -12.34 14.78
C LYS A 1205 -46.36 -11.77 15.64
N GLN A 1206 -45.39 -12.61 16.03
CA GLN A 1206 -44.23 -12.09 16.74
C GLN A 1206 -43.44 -11.13 15.87
N VAL A 1207 -43.39 -11.39 14.56
CA VAL A 1207 -42.75 -10.47 13.63
C VAL A 1207 -43.48 -9.14 13.63
N LEU A 1208 -44.82 -9.17 13.58
CA LEU A 1208 -45.58 -7.92 13.62
C LEU A 1208 -45.32 -7.16 14.92
N ARG A 1209 -45.30 -7.89 16.04
CA ARG A 1209 -45.06 -7.26 17.34
C ARG A 1209 -43.69 -6.60 17.40
N LEU A 1210 -42.65 -7.31 16.97
CA LEU A 1210 -41.31 -6.74 17.04
C LEU A 1210 -41.12 -5.64 16.01
N SER A 1211 -41.87 -5.68 14.90
CA SER A 1211 -41.85 -4.56 13.96
C SER A 1211 -42.42 -3.30 14.61
N ARG A 1212 -43.55 -3.45 15.30
CA ARG A 1212 -44.09 -2.32 16.05
C ARG A 1212 -43.12 -1.85 17.12
N ARG A 1213 -42.41 -2.79 17.76
CA ARG A 1213 -41.41 -2.43 18.76
C ARG A 1213 -40.30 -1.58 18.13
N LEU A 1214 -39.71 -2.07 17.05
CA LEU A 1214 -38.61 -1.36 16.39
C LEU A 1214 -39.06 -0.01 15.86
N ILE A 1215 -40.30 0.08 15.36
CA ILE A 1215 -40.83 1.38 14.97
C ILE A 1215 -40.92 2.29 16.18
N ASN A 1216 -41.41 1.78 17.30
CA ASN A 1216 -41.50 2.56 18.53
C ASN A 1216 -40.15 2.85 19.16
N GLY A 1217 -39.08 2.21 18.69
CA GLY A 1217 -37.73 2.58 19.09
C GLY A 1217 -37.20 1.93 20.34
N ASP A 1218 -37.85 0.88 20.84
CA ASP A 1218 -37.37 0.17 22.02
C ASP A 1218 -36.52 -1.05 21.68
N LEU A 1219 -35.99 -1.11 20.46
CA LEU A 1219 -35.24 -2.28 20.00
C LEU A 1219 -34.25 -1.84 18.94
N GLU A 1220 -32.96 -2.06 19.20
CA GLU A 1220 -31.94 -1.73 18.22
C GLU A 1220 -31.99 -2.69 17.03
N HIS A 1221 -31.61 -2.19 15.87
CA HIS A 1221 -31.71 -2.98 14.64
C HIS A 1221 -30.80 -4.19 14.67
N GLN A 1222 -29.75 -4.15 15.49
CA GLN A 1222 -28.81 -5.26 15.55
C GLN A 1222 -29.52 -6.55 15.95
N TRP A 1223 -30.25 -6.51 17.06
CA TRP A 1223 -30.91 -7.72 17.55
C TRP A 1223 -32.14 -8.03 16.72
N PHE A 1224 -32.79 -7.02 16.17
CA PHE A 1224 -33.85 -7.25 15.19
C PHE A 1224 -33.35 -8.13 14.05
N GLU A 1225 -32.24 -7.74 13.44
CA GLU A 1225 -31.76 -8.46 12.26
C GLU A 1225 -31.16 -9.80 12.64
N GLU A 1226 -30.48 -9.87 13.79
CA GLU A 1226 -29.96 -11.15 14.25
C GLU A 1226 -31.09 -12.13 14.52
N SER A 1227 -32.18 -11.67 15.14
CA SER A 1227 -33.33 -12.52 15.38
C SER A 1227 -33.98 -12.94 14.07
N LEU A 1228 -34.11 -12.01 13.13
CA LEU A 1228 -34.71 -12.35 11.85
C LEU A 1228 -33.88 -13.41 11.13
N ARG A 1229 -32.56 -13.29 11.19
CA ARG A 1229 -31.69 -14.31 10.63
C ARG A 1229 -31.86 -15.64 11.34
N GLN A 1230 -31.80 -15.65 12.67
CA GLN A 1230 -31.83 -16.91 13.40
C GLN A 1230 -33.19 -17.58 13.37
N ALA A 1231 -34.24 -16.83 13.08
CA ALA A 1231 -35.58 -17.39 13.03
C ALA A 1231 -35.99 -17.80 11.63
N TYR A 1232 -35.80 -16.92 10.64
CA TYR A 1232 -36.19 -17.22 9.28
C TYR A 1232 -35.05 -17.83 8.47
N ASN A 1233 -33.90 -18.11 9.09
CA ASN A 1233 -32.73 -18.61 8.39
C ASN A 1233 -32.37 -17.68 7.24
N ASN A 1234 -32.29 -16.38 7.55
CA ASN A 1234 -31.93 -15.33 6.60
C ASN A 1234 -32.97 -15.15 5.49
N LYS A 1235 -34.16 -15.72 5.66
CA LYS A 1235 -35.18 -15.61 4.62
C LYS A 1235 -36.05 -14.36 4.76
N ALA A 1236 -35.86 -13.58 5.81
CA ALA A 1236 -36.63 -12.35 6.03
C ALA A 1236 -35.71 -11.15 6.07
N PHE A 1237 -34.68 -11.17 5.21
CA PHE A 1237 -33.74 -10.07 5.14
C PHE A 1237 -34.37 -8.80 4.59
N LYS A 1238 -35.38 -8.92 3.73
CA LYS A 1238 -36.04 -7.76 3.15
C LYS A 1238 -36.95 -7.04 4.13
N LEU A 1239 -37.01 -7.51 5.37
CA LEU A 1239 -37.81 -6.86 6.40
C LEU A 1239 -36.99 -5.88 7.23
N TYR A 1240 -35.71 -5.71 6.91
CA TYR A 1240 -34.85 -4.85 7.71
C TYR A 1240 -35.12 -3.37 7.49
N THR A 1241 -35.93 -3.02 6.49
CA THR A 1241 -36.27 -1.64 6.17
C THR A 1241 -37.75 -1.37 6.35
N ILE A 1242 -38.42 -2.17 7.18
CA ILE A 1242 -39.86 -2.02 7.31
C ILE A 1242 -40.21 -0.67 7.90
N ASP A 1243 -39.44 -0.22 8.91
CA ASP A 1243 -39.69 1.09 9.51
C ASP A 1243 -39.53 2.19 8.48
N LYS A 1244 -38.46 2.12 7.68
CA LYS A 1244 -38.19 3.17 6.71
C LYS A 1244 -39.19 3.14 5.56
N VAL A 1245 -39.59 1.95 5.12
CA VAL A 1245 -40.58 1.87 4.05
C VAL A 1245 -41.92 2.40 4.54
N THR A 1246 -42.29 2.09 5.78
CA THR A 1246 -43.51 2.65 6.35
C THR A 1246 -43.42 4.17 6.46
N GLN A 1247 -42.26 4.68 6.87
CA GLN A 1247 -42.08 6.12 6.96
C GLN A 1247 -42.21 6.78 5.59
N SER A 1248 -41.64 6.16 4.56
CA SER A 1248 -41.77 6.69 3.21
C SER A 1248 -43.22 6.65 2.74
N LEU A 1249 -43.94 5.59 3.08
CA LEU A 1249 -45.36 5.50 2.74
C LEU A 1249 -46.15 6.63 3.42
N VAL A 1250 -45.86 6.87 4.70
CA VAL A 1250 -46.53 7.94 5.43
C VAL A 1250 -46.21 9.29 4.81
N LYS A 1251 -44.94 9.51 4.45
CA LYS A 1251 -44.56 10.74 3.78
C LYS A 1251 -45.28 10.89 2.44
N HIS A 1252 -45.45 9.79 1.71
CA HIS A 1252 -46.13 9.85 0.42
C HIS A 1252 -47.60 10.19 0.59
N ALA A 1253 -48.25 9.63 1.60
CA ALA A 1253 -49.62 10.03 1.90
C ALA A 1253 -49.69 11.50 2.28
N HIS A 1254 -48.75 11.95 3.11
CA HIS A 1254 -48.73 13.34 3.55
C HIS A 1254 -48.55 14.29 2.36
N THR A 1255 -47.70 13.92 1.41
CA THR A 1255 -47.57 14.68 0.19
C THR A 1255 -48.87 14.63 -0.61
N LEU A 1256 -49.54 13.47 -0.63
CA LEU A 1256 -50.77 13.33 -1.39
C LEU A 1256 -51.85 14.28 -0.88
N MET A 1257 -51.98 14.44 0.44
CA MET A 1257 -53.01 15.34 0.95
C MET A 1257 -52.69 16.80 0.65
N THR A 1258 -51.42 17.20 0.75
CA THR A 1258 -51.04 18.60 0.77
C THR A 1258 -50.87 19.21 -0.62
N ASP A 1259 -51.21 18.48 -1.68
CA ASP A 1259 -51.11 18.98 -3.05
C ASP A 1259 -52.50 19.22 -3.59
N ALA A 1260 -52.72 20.42 -4.14
CA ALA A 1260 -54.05 20.79 -4.64
C ALA A 1260 -54.45 19.92 -5.82
N LYS A 1261 -53.58 19.82 -6.83
CA LYS A 1261 -53.91 19.02 -8.01
C LYS A 1261 -54.07 17.56 -7.65
N THR A 1262 -53.19 17.04 -6.79
CA THR A 1262 -53.32 15.66 -6.33
C THR A 1262 -54.62 15.47 -5.56
N ALA A 1263 -55.01 16.46 -4.75
CA ALA A 1263 -56.28 16.38 -4.04
C ALA A 1263 -57.45 16.35 -5.01
N GLU A 1264 -57.39 17.15 -6.07
CA GLU A 1264 -58.49 17.15 -7.04
C GLU A 1264 -58.58 15.83 -7.78
N ILE A 1265 -57.44 15.27 -8.20
CA ILE A 1265 -57.45 13.97 -8.86
C ILE A 1265 -57.90 12.88 -7.91
N MET A 1266 -57.52 13.00 -6.63
CA MET A 1266 -57.94 12.06 -5.60
C MET A 1266 -59.45 12.10 -5.38
N ALA A 1267 -60.04 13.29 -5.37
CA ALA A 1267 -61.49 13.41 -5.29
C ALA A 1267 -62.16 12.88 -6.55
N LEU A 1268 -61.54 13.10 -7.71
CA LEU A 1268 -62.07 12.53 -8.95
C LEU A 1268 -62.09 11.01 -8.89
N PHE A 1269 -61.01 10.42 -8.36
CA PHE A 1269 -60.99 8.98 -8.16
C PHE A 1269 -62.06 8.54 -7.17
N VAL A 1270 -62.25 9.29 -6.09
CA VAL A 1270 -63.31 8.97 -5.15
C VAL A 1270 -64.66 8.92 -5.87
N LYS A 1271 -64.93 9.94 -6.69
CA LYS A 1271 -66.20 10.00 -7.40
C LYS A 1271 -66.35 8.83 -8.36
N ASP A 1272 -65.30 8.54 -9.13
CA ASP A 1272 -65.38 7.44 -10.08
C ASP A 1272 -65.56 6.11 -9.36
N ARG A 1273 -64.89 5.92 -8.23
CA ARG A 1273 -64.98 4.66 -7.50
C ARG A 1273 -66.36 4.50 -6.86
N ASN A 1274 -66.86 5.52 -6.18
CA ASN A 1274 -68.13 5.39 -5.49
C ASN A 1274 -69.31 5.39 -6.46
N ALA A 1275 -69.14 5.94 -7.67
CA ALA A 1275 -70.22 5.88 -8.65
C ALA A 1275 -70.53 4.43 -9.02
N SER A 1276 -69.50 3.67 -9.41
CA SER A 1276 -69.59 2.24 -9.67
C SER A 1276 -70.54 1.92 -10.82
N THR A 1277 -71.16 2.96 -11.40
CA THR A 1277 -72.11 2.83 -12.50
C THR A 1277 -71.98 4.09 -13.34
N THR A 1278 -71.18 4.01 -14.40
CA THR A 1278 -70.85 5.16 -15.23
C THR A 1278 -71.42 4.95 -16.64
N SER A 1279 -71.17 5.94 -17.49
CA SER A 1279 -71.69 5.97 -18.85
C SER A 1279 -70.58 5.58 -19.84
N ALA A 1280 -70.92 5.65 -21.13
CA ALA A 1280 -69.97 5.30 -22.18
C ALA A 1280 -68.82 6.30 -22.30
N LYS A 1281 -68.95 7.48 -21.69
CA LYS A 1281 -67.90 8.48 -21.70
C LYS A 1281 -66.98 8.37 -20.49
N ASP A 1282 -67.09 7.30 -19.72
CA ASP A 1282 -66.38 7.14 -18.45
C ASP A 1282 -64.89 7.47 -18.55
N GLN A 1283 -64.17 6.77 -19.41
CA GLN A 1283 -62.72 6.93 -19.47
C GLN A 1283 -62.32 8.28 -20.06
N ILE A 1284 -63.03 8.71 -21.10
CA ILE A 1284 -62.59 9.88 -21.87
C ILE A 1284 -62.63 11.14 -21.00
N ILE A 1285 -63.78 11.42 -20.38
CA ILE A 1285 -63.93 12.65 -19.62
C ILE A 1285 -63.08 12.60 -18.35
N TYR A 1286 -62.98 11.42 -17.72
CA TYR A 1286 -62.15 11.29 -16.53
C TYR A 1286 -60.68 11.58 -16.84
N ARG A 1287 -60.17 10.97 -17.93
CA ARG A 1287 -58.79 11.21 -18.33
C ARG A 1287 -58.58 12.67 -18.71
N LEU A 1288 -59.54 13.27 -19.43
CA LEU A 1288 -59.42 14.67 -19.82
C LEU A 1288 -59.38 15.58 -18.60
N GLN A 1289 -60.21 15.30 -17.59
CA GLN A 1289 -60.21 16.12 -16.38
C GLN A 1289 -58.92 15.95 -15.60
N VAL A 1290 -58.42 14.72 -15.49
CA VAL A 1290 -57.13 14.50 -14.83
C VAL A 1290 -56.03 15.26 -15.55
N ARG A 1291 -56.05 15.25 -16.88
CA ARG A 1291 -55.05 15.98 -17.66
C ARG A 1291 -55.20 17.49 -17.48
N SER A 1292 -56.44 17.98 -17.38
CA SER A 1292 -56.67 19.40 -17.18
C SER A 1292 -56.14 19.85 -15.83
N HIS A 1293 -56.35 19.04 -14.78
CA HIS A 1293 -55.72 19.33 -13.49
C HIS A 1293 -54.21 19.24 -13.58
N MET A 1294 -53.71 18.60 -14.63
CA MET A 1294 -52.30 18.27 -14.79
C MET A 1294 -51.63 19.22 -15.79
N SER A 1295 -50.32 19.12 -15.87
CA SER A 1295 -49.55 19.79 -16.92
C SER A 1295 -49.48 18.88 -18.14
N ASN A 1296 -48.68 19.26 -19.12
CA ASN A 1296 -48.57 18.52 -20.38
C ASN A 1296 -47.31 17.66 -20.44
N THR A 1297 -46.65 17.43 -19.31
CA THR A 1297 -45.37 16.74 -19.33
C THR A 1297 -45.34 15.44 -18.52
N GLU A 1298 -45.84 15.45 -17.29
CA GLU A 1298 -45.65 14.29 -16.43
C GLU A 1298 -46.65 13.20 -16.82
N ASN A 1299 -46.23 11.95 -16.62
CA ASN A 1299 -46.90 10.81 -17.22
C ASN A 1299 -48.18 10.45 -16.47
N MET A 1300 -49.01 9.66 -17.15
CA MET A 1300 -50.19 9.04 -16.56
C MET A 1300 -49.86 7.61 -16.19
N PHE A 1301 -50.55 7.08 -15.19
CA PHE A 1301 -50.47 5.66 -14.85
C PHE A 1301 -51.88 5.14 -14.68
N ARG A 1302 -52.26 4.18 -15.53
CA ARG A 1302 -53.61 3.64 -15.53
C ARG A 1302 -53.67 2.47 -14.57
N ILE A 1303 -54.10 2.73 -13.34
CA ILE A 1303 -54.23 1.71 -12.31
C ILE A 1303 -55.68 1.29 -12.28
N GLU A 1304 -55.93 0.02 -12.61
CA GLU A 1304 -57.27 -0.53 -12.62
C GLU A 1304 -57.38 -1.64 -11.58
N PHE A 1305 -58.58 -1.81 -11.06
CA PHE A 1305 -58.83 -2.84 -10.05
C PHE A 1305 -60.24 -3.38 -10.25
N ASP A 1306 -60.37 -4.70 -10.30
CA ASP A 1306 -61.66 -5.37 -10.35
C ASP A 1306 -61.89 -6.05 -9.01
N LYS A 1307 -63.01 -5.71 -8.36
CA LYS A 1307 -63.32 -6.28 -7.06
C LYS A 1307 -63.58 -7.79 -7.14
N ARG A 1308 -63.77 -8.32 -8.35
CA ARG A 1308 -64.10 -9.72 -8.52
C ARG A 1308 -62.97 -10.63 -8.03
N THR A 1309 -61.71 -10.30 -8.35
CA THR A 1309 -60.62 -11.22 -8.11
C THR A 1309 -59.43 -10.59 -7.40
N LEU A 1310 -59.52 -9.34 -6.96
CA LEU A 1310 -58.44 -8.64 -6.26
C LEU A 1310 -57.15 -8.66 -7.08
N HIS A 1311 -57.26 -8.16 -8.31
CA HIS A 1311 -56.12 -8.05 -9.22
C HIS A 1311 -56.00 -6.60 -9.65
N VAL A 1312 -54.77 -6.08 -9.66
CA VAL A 1312 -54.50 -4.70 -10.02
C VAL A 1312 -53.59 -4.69 -11.24
N SER A 1313 -53.99 -3.94 -12.26
CA SER A 1313 -53.22 -3.78 -13.49
C SER A 1313 -52.82 -2.33 -13.64
N ILE A 1314 -51.56 -2.08 -13.99
CA ILE A 1314 -51.04 -0.74 -14.20
C ILE A 1314 -50.63 -0.62 -15.67
N GLN A 1315 -51.15 0.39 -16.34
CA GLN A 1315 -50.77 0.70 -17.71
C GLN A 1315 -49.97 1.99 -17.74
N TYR A 1316 -48.84 1.96 -18.45
CA TYR A 1316 -47.94 3.12 -18.49
C TYR A 1316 -48.27 3.93 -19.74
N ILE A 1317 -49.33 4.73 -19.62
CA ILE A 1317 -49.68 5.71 -20.67
C ILE A 1317 -48.92 6.98 -20.31
N ALA A 1318 -47.70 7.08 -20.83
CA ALA A 1318 -46.86 8.23 -20.53
C ALA A 1318 -47.49 9.52 -21.06
N LEU A 1319 -47.55 9.65 -22.39
CA LEU A 1319 -48.10 10.83 -23.05
C LEU A 1319 -49.07 10.47 -24.16
N ASP A 1320 -49.59 9.24 -24.16
CA ASP A 1320 -50.47 8.78 -25.23
C ASP A 1320 -51.85 9.41 -25.16
N ASP A 1321 -52.18 10.12 -24.08
CA ASP A 1321 -53.48 10.76 -23.96
C ASP A 1321 -53.68 11.85 -25.00
N LEU A 1322 -52.61 12.51 -25.44
CA LEU A 1322 -52.70 13.55 -26.45
C LEU A 1322 -53.10 12.98 -27.80
N ASP B 17 -30.49 -51.01 -3.56
CA ASP B 17 -29.12 -51.33 -3.95
C ASP B 17 -28.50 -52.33 -2.98
N LYS B 18 -28.32 -51.90 -1.73
CA LYS B 18 -27.69 -52.72 -0.69
C LYS B 18 -26.32 -53.21 -1.15
N ARG B 19 -25.48 -52.24 -1.51
CA ARG B 19 -24.16 -52.55 -2.05
C ARG B 19 -23.19 -52.93 -0.93
N ARG B 20 -22.28 -53.85 -1.24
CA ARG B 20 -21.19 -54.18 -0.33
C ARG B 20 -20.13 -53.10 -0.48
N VAL B 21 -20.01 -52.24 0.52
CA VAL B 21 -19.17 -51.05 0.44
C VAL B 21 -17.87 -51.35 1.16
N ALA B 22 -16.77 -51.28 0.44
CA ALA B 22 -15.45 -51.30 1.04
C ALA B 22 -15.00 -49.86 1.32
N TYR B 23 -14.02 -49.72 2.21
CA TYR B 23 -13.59 -48.39 2.60
C TYR B 23 -12.10 -48.41 2.90
N PHE B 24 -11.42 -47.32 2.58
CA PHE B 24 -9.98 -47.19 2.76
C PHE B 24 -9.69 -45.96 3.62
N TYR B 25 -8.75 -46.09 4.55
CA TYR B 25 -8.31 -44.96 5.36
C TYR B 25 -6.96 -45.29 5.97
N ASP B 26 -6.00 -44.38 5.81
CA ASP B 26 -4.73 -44.47 6.52
C ASP B 26 -4.74 -43.46 7.66
N ALA B 27 -4.26 -43.89 8.82
CA ALA B 27 -4.22 -43.00 9.97
C ALA B 27 -3.09 -41.99 9.90
N ASP B 28 -2.31 -41.96 8.82
CA ASP B 28 -1.22 -41.01 8.66
C ASP B 28 -1.59 -39.82 7.78
N VAL B 29 -2.83 -39.76 7.28
CA VAL B 29 -3.23 -38.69 6.37
C VAL B 29 -3.57 -37.39 7.08
N GLY B 30 -3.81 -37.43 8.39
CA GLY B 30 -4.14 -36.22 9.11
C GLY B 30 -2.92 -35.57 9.73
N ASN B 31 -1.74 -36.19 9.50
CA ASN B 31 -0.49 -35.73 10.09
C ASN B 31 0.45 -35.11 9.05
N TYR B 32 -0.09 -34.62 7.93
CA TYR B 32 0.69 -33.96 6.89
C TYR B 32 -0.01 -32.64 6.55
N ALA B 33 0.54 -31.54 7.04
CA ALA B 33 -0.08 -30.23 6.86
C ALA B 33 0.61 -29.43 5.77
N TYR B 34 -0.17 -28.63 5.05
CA TYR B 34 0.37 -27.70 4.07
C TYR B 34 0.89 -26.44 4.77
N GLY B 35 1.16 -25.39 4.01
CA GLY B 35 1.54 -24.13 4.59
C GLY B 35 0.49 -23.62 5.57
N ALA B 36 0.93 -22.66 6.40
CA ALA B 36 0.09 -22.18 7.50
C ALA B 36 -1.22 -21.62 6.99
N GLY B 37 -1.17 -20.71 6.03
CA GLY B 37 -2.37 -20.15 5.45
C GLY B 37 -2.92 -20.91 4.26
N HIS B 38 -2.35 -22.07 3.96
CA HIS B 38 -2.75 -22.79 2.75
C HIS B 38 -4.15 -23.36 2.94
N PRO B 39 -5.03 -23.24 1.95
CA PRO B 39 -6.40 -23.76 2.12
C PRO B 39 -6.51 -25.26 2.07
N MET B 40 -5.47 -25.98 1.64
CA MET B 40 -5.51 -27.43 1.50
C MET B 40 -4.99 -28.08 2.78
N LYS B 41 -5.91 -28.63 3.57
CA LYS B 41 -5.57 -29.42 4.75
C LYS B 41 -6.24 -30.79 4.62
N PRO B 42 -5.49 -31.90 4.64
CA PRO B 42 -6.12 -33.22 4.66
C PRO B 42 -6.63 -33.62 6.03
N HIS B 43 -6.51 -32.74 7.02
CA HIS B 43 -7.08 -33.01 8.32
C HIS B 43 -8.59 -33.21 8.20
N ARG B 44 -9.21 -32.58 7.20
CA ARG B 44 -10.65 -32.74 6.94
C ARG B 44 -10.99 -34.21 6.70
N ILE B 45 -10.10 -34.95 6.03
CA ILE B 45 -10.26 -36.38 5.88
C ILE B 45 -10.36 -37.03 7.25
N ARG B 46 -9.53 -36.58 8.19
CA ARG B 46 -9.50 -37.27 9.48
C ARG B 46 -10.75 -36.98 10.32
N MET B 47 -11.23 -35.73 10.34
CA MET B 47 -12.46 -35.59 11.11
C MET B 47 -13.64 -36.16 10.34
N ALA B 48 -13.57 -36.26 9.01
CA ALA B 48 -14.60 -36.98 8.27
C ALA B 48 -14.61 -38.44 8.65
N HIS B 49 -13.42 -39.01 8.82
CA HIS B 49 -13.31 -40.38 9.30
C HIS B 49 -13.94 -40.54 10.66
N SER B 50 -13.69 -39.58 11.57
CA SER B 50 -14.27 -39.67 12.90
C SER B 50 -15.79 -39.54 12.85
N LEU B 51 -16.31 -38.71 11.95
CA LEU B 51 -17.75 -38.61 11.73
C LEU B 51 -18.32 -39.92 11.25
N ILE B 52 -17.62 -40.61 10.36
CA ILE B 52 -18.07 -41.92 9.90
C ILE B 52 -18.06 -42.94 11.03
N MET B 53 -17.00 -42.96 11.85
CA MET B 53 -16.82 -43.99 12.86
C MET B 53 -17.79 -43.86 14.02
N ASN B 54 -17.95 -42.66 14.57
CA ASN B 54 -18.81 -42.49 15.74
C ASN B 54 -20.29 -42.61 15.42
N TYR B 55 -20.66 -42.63 14.14
CA TYR B 55 -22.06 -42.86 13.77
C TYR B 55 -22.42 -44.34 13.74
N GLY B 56 -21.48 -45.22 14.05
CA GLY B 56 -21.73 -46.65 13.99
C GLY B 56 -21.73 -47.22 12.60
N LEU B 57 -21.27 -46.47 11.62
CA LEU B 57 -21.23 -46.96 10.24
C LEU B 57 -20.12 -47.97 10.01
N TYR B 58 -19.14 -48.05 10.91
CA TYR B 58 -18.02 -48.97 10.75
C TYR B 58 -18.48 -50.42 10.65
N LYS B 59 -19.68 -50.73 11.13
CA LYS B 59 -20.24 -52.07 11.01
C LYS B 59 -20.84 -52.33 9.64
N LYS B 60 -20.88 -51.34 8.75
CA LYS B 60 -21.50 -51.49 7.45
C LYS B 60 -20.53 -51.43 6.27
N MET B 61 -19.27 -51.09 6.48
CA MET B 61 -18.30 -51.04 5.40
C MET B 61 -17.10 -51.91 5.71
N GLU B 62 -16.36 -52.25 4.66
CA GLU B 62 -15.11 -53.00 4.77
C GLU B 62 -13.96 -52.01 4.82
N ILE B 63 -13.43 -51.78 6.02
CA ILE B 63 -12.36 -50.80 6.19
C ILE B 63 -11.03 -51.43 5.82
N TYR B 64 -10.22 -50.70 5.06
CA TYR B 64 -8.89 -51.12 4.64
C TYR B 64 -7.91 -49.97 4.81
N ARG B 65 -6.62 -50.33 4.77
CA ARG B 65 -5.53 -49.36 4.71
C ARG B 65 -4.65 -49.78 3.53
N ALA B 66 -4.87 -49.14 2.39
CA ALA B 66 -4.19 -49.55 1.16
C ALA B 66 -2.69 -49.28 1.23
N LYS B 67 -1.93 -50.11 0.55
CA LYS B 67 -0.48 -49.93 0.51
C LYS B 67 -0.13 -48.68 -0.30
N PRO B 68 0.81 -47.86 0.16
CA PRO B 68 1.22 -46.69 -0.64
C PRO B 68 1.85 -47.13 -1.97
N ALA B 69 1.62 -46.33 -3.00
CA ALA B 69 2.13 -46.65 -4.32
C ALA B 69 3.63 -46.38 -4.41
N THR B 70 4.26 -46.98 -5.42
CA THR B 70 5.68 -46.84 -5.66
C THR B 70 5.91 -46.06 -6.95
N LYS B 71 7.18 -45.70 -7.18
CA LYS B 71 7.52 -44.85 -8.31
C LYS B 71 7.16 -45.50 -9.63
N GLN B 72 7.31 -46.82 -9.72
CA GLN B 72 7.00 -47.53 -10.95
C GLN B 72 5.53 -47.40 -11.33
N GLU B 73 4.66 -47.18 -10.35
CA GLU B 73 3.24 -47.02 -10.62
C GLU B 73 2.85 -45.58 -10.92
N MET B 74 3.55 -44.60 -10.33
CA MET B 74 3.30 -43.21 -10.69
C MET B 74 3.87 -42.90 -12.07
N CYS B 75 4.93 -43.59 -12.48
CA CYS B 75 5.48 -43.40 -13.81
C CYS B 75 4.58 -43.96 -14.90
N GLN B 76 3.50 -44.66 -14.53
CA GLN B 76 2.53 -45.11 -15.52
C GLN B 76 1.93 -43.91 -16.26
N PHE B 77 1.58 -42.86 -15.51
CA PHE B 77 1.07 -41.62 -16.08
C PHE B 77 2.04 -40.46 -15.93
N HIS B 78 2.66 -40.31 -14.76
CA HIS B 78 3.64 -39.25 -14.57
C HIS B 78 4.97 -39.65 -15.18
N THR B 79 5.93 -38.74 -15.15
CA THR B 79 7.21 -38.95 -15.79
C THR B 79 8.28 -39.32 -14.76
N ASP B 80 9.33 -39.99 -15.26
CA ASP B 80 10.38 -40.46 -14.37
C ASP B 80 11.11 -39.31 -13.69
N GLU B 81 11.41 -38.24 -14.45
CA GLU B 81 12.04 -37.08 -13.86
C GLU B 81 11.14 -36.43 -12.83
N TYR B 82 9.84 -36.33 -13.12
CA TYR B 82 8.91 -35.71 -12.19
C TYR B 82 8.84 -36.50 -10.90
N ILE B 83 8.66 -37.82 -11.01
CA ILE B 83 8.55 -38.65 -9.81
C ILE B 83 9.85 -38.63 -9.03
N ASP B 84 10.98 -38.71 -9.73
CA ASP B 84 12.29 -38.67 -9.07
C ASP B 84 12.48 -37.36 -8.31
N PHE B 85 12.13 -36.24 -8.94
CA PHE B 85 12.22 -34.96 -8.25
C PHE B 85 11.29 -34.92 -7.04
N LEU B 86 10.11 -35.51 -7.17
CA LEU B 86 9.18 -35.55 -6.06
C LEU B 86 9.75 -36.33 -4.87
N SER B 87 10.40 -37.47 -5.15
CA SER B 87 10.88 -38.33 -4.08
C SER B 87 12.08 -37.76 -3.34
N ARG B 88 12.77 -36.77 -3.90
CA ARG B 88 13.97 -36.23 -3.28
C ARG B 88 13.82 -34.82 -2.78
N VAL B 89 12.89 -34.04 -3.34
CA VAL B 89 12.73 -32.66 -2.92
C VAL B 89 12.30 -32.62 -1.47
N THR B 90 12.76 -31.60 -0.76
CA THR B 90 12.51 -31.44 0.67
C THR B 90 12.63 -29.97 1.00
N PRO B 91 11.85 -29.47 1.95
CA PRO B 91 12.06 -28.08 2.38
C PRO B 91 13.49 -27.79 2.81
N ASP B 92 14.22 -28.82 3.24
CA ASP B 92 15.62 -28.63 3.63
C ASP B 92 16.53 -28.54 2.41
N ASN B 93 16.26 -29.33 1.37
CA ASN B 93 17.12 -29.38 0.19
C ASN B 93 16.59 -28.50 -0.94
N LEU B 94 15.70 -27.57 -0.63
CA LEU B 94 15.02 -26.81 -1.67
C LEU B 94 15.96 -25.83 -2.39
N GLU B 95 16.88 -25.21 -1.65
CA GLU B 95 17.65 -24.10 -2.22
C GLU B 95 18.52 -24.51 -3.39
N MET B 96 19.00 -25.76 -3.44
CA MET B 96 19.71 -26.22 -4.61
C MET B 96 18.77 -26.76 -5.70
N PHE B 97 17.49 -26.92 -5.39
CA PHE B 97 16.50 -27.38 -6.36
C PHE B 97 15.79 -26.15 -6.90
N LYS B 98 16.28 -25.62 -8.02
CA LYS B 98 15.73 -24.40 -8.60
C LYS B 98 15.14 -24.60 -9.98
N ARG B 99 15.75 -25.43 -10.82
CA ARG B 99 15.27 -25.67 -12.17
C ARG B 99 14.01 -26.52 -12.16
N GLU B 100 13.99 -27.55 -11.32
CA GLU B 100 12.81 -28.41 -11.23
C GLU B 100 11.64 -27.69 -10.58
N SER B 101 11.93 -26.80 -9.63
CA SER B 101 10.86 -26.06 -8.96
C SER B 101 10.05 -25.26 -9.95
N VAL B 102 10.73 -24.50 -10.81
CA VAL B 102 10.03 -23.74 -11.83
C VAL B 102 9.51 -24.66 -12.93
N LYS B 103 10.26 -25.71 -13.26
CA LYS B 103 9.89 -26.55 -14.39
C LYS B 103 8.59 -27.29 -14.15
N PHE B 104 8.41 -27.84 -12.95
CA PHE B 104 7.25 -28.66 -12.64
C PHE B 104 6.20 -27.93 -11.82
N ASN B 105 6.32 -26.60 -11.67
CA ASN B 105 5.33 -25.81 -10.93
C ASN B 105 5.15 -26.32 -9.51
N VAL B 106 6.26 -26.38 -8.77
CA VAL B 106 6.24 -26.92 -7.42
C VAL B 106 6.61 -25.82 -6.45
N GLY B 107 6.25 -24.60 -6.78
CA GLY B 107 6.68 -23.46 -5.99
C GLY B 107 5.70 -23.09 -4.90
N ASP B 108 4.96 -22.00 -5.11
CA ASP B 108 4.09 -21.46 -4.07
C ASP B 108 2.66 -22.00 -4.16
N ASP B 109 2.10 -22.08 -5.37
CA ASP B 109 0.74 -22.58 -5.52
C ASP B 109 0.65 -24.02 -5.02
N CYS B 110 1.62 -24.84 -5.37
CA CYS B 110 1.68 -26.19 -4.84
C CYS B 110 2.95 -26.30 -4.01
N PRO B 111 2.91 -25.93 -2.74
CA PRO B 111 4.13 -25.85 -1.94
C PRO B 111 4.65 -27.23 -1.57
N VAL B 112 5.91 -27.25 -1.15
CA VAL B 112 6.59 -28.46 -0.70
C VAL B 112 6.60 -28.47 0.82
N PHE B 113 6.08 -29.54 1.41
CA PHE B 113 6.08 -29.69 2.86
C PHE B 113 6.81 -30.99 3.23
N ASP B 114 6.75 -31.33 4.52
CA ASP B 114 7.59 -32.40 5.06
C ASP B 114 7.23 -33.77 4.48
N GLY B 115 5.94 -34.09 4.39
CA GLY B 115 5.54 -35.42 3.98
C GLY B 115 4.79 -35.46 2.67
N LEU B 116 5.24 -34.65 1.71
CA LEU B 116 4.55 -34.57 0.43
C LEU B 116 4.61 -35.92 -0.30
N TYR B 117 5.79 -36.53 -0.36
CA TYR B 117 5.92 -37.82 -1.02
C TYR B 117 5.07 -38.87 -0.35
N GLU B 118 5.06 -38.88 0.99
CA GLU B 118 4.27 -39.86 1.71
C GLU B 118 2.78 -39.70 1.43
N TYR B 119 2.30 -38.45 1.46
CA TYR B 119 0.89 -38.20 1.21
C TYR B 119 0.51 -38.58 -0.22
N CYS B 120 1.34 -38.23 -1.19
CA CYS B 120 1.04 -38.59 -2.57
C CYS B 120 1.02 -40.10 -2.74
N SER B 121 1.99 -40.80 -2.13
CA SER B 121 2.00 -42.25 -2.21
C SER B 121 0.76 -42.84 -1.56
N ILE B 122 0.33 -42.29 -0.43
CA ILE B 122 -0.85 -42.80 0.24
C ILE B 122 -2.09 -42.61 -0.64
N SER B 123 -2.26 -41.42 -1.21
CA SER B 123 -3.43 -41.16 -2.04
C SER B 123 -3.44 -42.05 -3.27
N GLY B 124 -2.29 -42.16 -3.95
CA GLY B 124 -2.22 -43.01 -5.13
C GLY B 124 -2.44 -44.46 -4.81
N GLY B 125 -1.84 -44.96 -3.73
CA GLY B 125 -2.07 -46.34 -3.34
C GLY B 125 -3.52 -46.61 -3.01
N GLY B 126 -4.15 -45.69 -2.27
CA GLY B 126 -5.54 -45.89 -1.92
C GLY B 126 -6.44 -45.95 -3.13
N SER B 127 -6.29 -44.98 -4.04
CA SER B 127 -7.15 -44.97 -5.22
C SER B 127 -6.86 -46.14 -6.16
N MET B 128 -5.58 -46.50 -6.31
CA MET B 128 -5.22 -47.57 -7.22
C MET B 128 -5.74 -48.91 -6.66
N GLU B 129 -5.64 -49.10 -5.34
CA GLU B 129 -6.22 -50.26 -4.67
C GLU B 129 -7.75 -50.27 -4.77
N GLY B 130 -8.38 -49.10 -4.69
CA GLY B 130 -9.82 -49.06 -4.87
C GLY B 130 -10.24 -49.53 -6.26
N ALA B 131 -9.50 -49.07 -7.28
CA ALA B 131 -9.78 -49.55 -8.63
C ALA B 131 -9.50 -51.06 -8.75
N ALA B 132 -8.46 -51.53 -8.07
CA ALA B 132 -8.17 -52.97 -8.07
C ALA B 132 -9.33 -53.76 -7.46
N ARG B 133 -9.83 -53.31 -6.29
CA ARG B 133 -10.93 -54.01 -5.64
C ARG B 133 -12.19 -53.97 -6.49
N LEU B 134 -12.47 -52.83 -7.14
CA LEU B 134 -13.61 -52.77 -8.05
C LEU B 134 -13.43 -53.76 -9.19
N ASN B 135 -12.20 -53.91 -9.68
CA ASN B 135 -11.96 -54.85 -10.77
C ASN B 135 -12.22 -56.29 -10.32
N ARG B 136 -11.66 -56.69 -9.18
CA ARG B 136 -11.78 -58.08 -8.76
C ARG B 136 -13.20 -58.44 -8.35
N GLY B 137 -14.02 -57.45 -7.99
CA GLY B 137 -15.36 -57.71 -7.53
C GLY B 137 -15.53 -57.87 -6.04
N LYS B 138 -14.49 -57.54 -5.25
CA LYS B 138 -14.62 -57.62 -3.80
C LYS B 138 -15.71 -56.68 -3.30
N CYS B 139 -15.78 -55.47 -3.85
CA CYS B 139 -16.85 -54.54 -3.58
C CYS B 139 -17.30 -53.89 -4.88
N ASP B 140 -18.57 -53.51 -4.94
CA ASP B 140 -19.09 -52.70 -6.02
C ASP B 140 -19.02 -51.21 -5.69
N VAL B 141 -18.60 -50.87 -4.48
CA VAL B 141 -18.47 -49.50 -4.03
C VAL B 141 -17.15 -49.36 -3.30
N ALA B 142 -16.20 -48.63 -3.89
CA ALA B 142 -14.93 -48.32 -3.26
C ALA B 142 -14.85 -46.82 -3.07
N VAL B 143 -14.45 -46.39 -1.87
CA VAL B 143 -14.43 -44.98 -1.53
C VAL B 143 -13.03 -44.61 -1.05
N ASN B 144 -12.46 -43.55 -1.62
CA ASN B 144 -11.16 -43.03 -1.21
C ASN B 144 -11.19 -41.52 -1.33
N TYR B 145 -11.47 -40.83 -0.22
CA TYR B 145 -11.47 -39.38 -0.21
C TYR B 145 -10.07 -38.79 -0.25
N ALA B 146 -9.05 -39.56 0.15
CA ALA B 146 -7.69 -39.05 0.13
C ALA B 146 -7.26 -38.68 -1.29
N GLY B 147 -7.63 -39.51 -2.26
CA GLY B 147 -7.40 -39.18 -3.65
C GLY B 147 -8.41 -38.20 -4.19
N GLY B 148 -8.16 -37.72 -5.40
CA GLY B 148 -9.03 -36.75 -6.04
C GLY B 148 -8.30 -35.50 -6.49
N LEU B 149 -6.99 -35.61 -6.72
CA LEU B 149 -6.18 -34.50 -7.20
C LEU B 149 -6.32 -34.41 -8.71
N HIS B 150 -7.42 -33.80 -9.15
CA HIS B 150 -7.81 -33.75 -10.54
C HIS B 150 -7.18 -32.62 -11.33
N HIS B 151 -6.10 -32.01 -10.84
CA HIS B 151 -5.52 -30.85 -11.50
C HIS B 151 -4.14 -31.08 -12.05
N ALA B 152 -3.26 -31.76 -11.32
CA ALA B 152 -1.94 -32.08 -11.84
C ALA B 152 -2.07 -32.98 -13.06
N LYS B 153 -1.26 -32.71 -14.09
CA LYS B 153 -1.32 -33.47 -15.34
C LYS B 153 0.09 -33.93 -15.74
N LYS B 154 0.53 -35.03 -15.13
CA LYS B 154 1.61 -35.88 -15.63
C LYS B 154 2.99 -35.24 -15.55
N SER B 155 3.06 -33.93 -15.41
CA SER B 155 4.37 -33.28 -15.38
C SER B 155 4.47 -32.07 -14.47
N GLU B 156 3.41 -31.70 -13.76
CA GLU B 156 3.44 -30.44 -13.03
C GLU B 156 2.37 -30.45 -11.95
N ALA B 157 2.73 -29.92 -10.79
CA ALA B 157 1.76 -29.73 -9.73
C ALA B 157 0.85 -28.54 -10.05
N SER B 158 -0.44 -28.71 -9.81
CA SER B 158 -1.42 -27.71 -10.21
C SER B 158 -2.61 -27.78 -9.27
N GLY B 159 -3.14 -26.61 -8.89
CA GLY B 159 -4.33 -26.54 -8.07
C GLY B 159 -4.18 -27.29 -6.77
N PHE B 160 -3.03 -27.15 -6.12
CA PHE B 160 -2.65 -27.84 -4.90
C PHE B 160 -2.52 -29.34 -5.11
N CYS B 161 -2.69 -29.82 -6.34
CA CYS B 161 -2.59 -31.23 -6.66
C CYS B 161 -1.17 -31.54 -7.14
N TYR B 162 -0.70 -32.74 -6.81
CA TYR B 162 0.66 -33.13 -7.16
C TYR B 162 0.65 -34.44 -7.96
N LEU B 163 -0.31 -35.31 -7.67
CA LEU B 163 -0.42 -36.60 -8.34
C LEU B 163 -1.86 -36.87 -8.70
N ASN B 164 -2.13 -37.06 -9.99
CA ASN B 164 -3.48 -37.34 -10.47
C ASN B 164 -3.74 -38.84 -10.38
N ASP B 165 -3.95 -39.31 -9.14
CA ASP B 165 -4.21 -40.72 -8.91
C ASP B 165 -5.52 -41.16 -9.55
N ILE B 166 -6.39 -40.20 -9.89
CA ILE B 166 -7.66 -40.53 -10.53
C ILE B 166 -7.41 -41.26 -11.85
N VAL B 167 -6.44 -40.78 -12.63
CA VAL B 167 -6.13 -41.42 -13.89
C VAL B 167 -5.60 -42.83 -13.66
N LEU B 168 -4.89 -43.06 -12.56
CA LEU B 168 -4.48 -44.42 -12.22
C LEU B 168 -5.69 -45.30 -11.94
N GLY B 169 -6.69 -44.73 -11.24
CA GLY B 169 -7.91 -45.48 -11.01
C GLY B 169 -8.61 -45.85 -12.30
N ILE B 170 -8.73 -44.90 -13.23
CA ILE B 170 -9.36 -45.23 -14.51
C ILE B 170 -8.52 -46.21 -15.30
N ILE B 171 -7.19 -46.13 -15.17
CA ILE B 171 -6.32 -47.08 -15.85
C ILE B 171 -6.59 -48.49 -15.36
N GLU B 172 -6.71 -48.66 -14.05
CA GLU B 172 -6.96 -49.98 -13.49
C GLU B 172 -8.37 -50.47 -13.82
N LEU B 173 -9.35 -49.58 -13.82
CA LEU B 173 -10.70 -49.99 -14.17
C LEU B 173 -10.80 -50.40 -15.64
N LEU B 174 -10.13 -49.64 -16.52
CA LEU B 174 -10.12 -49.98 -17.93
C LEU B 174 -9.42 -51.31 -18.18
N ARG B 175 -8.56 -51.73 -17.26
CA ARG B 175 -7.96 -53.05 -17.34
C ARG B 175 -9.01 -54.15 -17.32
N TYR B 176 -10.19 -53.86 -16.80
CA TYR B 176 -11.29 -54.81 -16.69
C TYR B 176 -12.54 -54.34 -17.42
N HIS B 177 -12.75 -53.04 -17.52
CA HIS B 177 -13.98 -52.56 -18.13
C HIS B 177 -13.73 -51.94 -19.49
N PRO B 178 -14.53 -52.31 -20.49
CA PRO B 178 -14.39 -51.71 -21.82
C PRO B 178 -14.63 -50.21 -21.82
N ARG B 179 -15.55 -49.74 -20.98
CA ARG B 179 -15.86 -48.32 -20.90
C ARG B 179 -15.93 -47.89 -19.45
N VAL B 180 -15.30 -46.75 -19.16
CA VAL B 180 -15.32 -46.14 -17.84
C VAL B 180 -15.73 -44.69 -18.01
N LEU B 181 -16.64 -44.22 -17.17
CA LEU B 181 -17.16 -42.86 -17.23
C LEU B 181 -16.67 -42.08 -16.02
N TYR B 182 -16.16 -40.88 -16.25
CA TYR B 182 -15.68 -40.01 -15.18
C TYR B 182 -16.58 -38.79 -15.10
N ILE B 183 -17.08 -38.50 -13.90
CA ILE B 183 -17.90 -37.33 -13.64
C ILE B 183 -17.17 -36.43 -12.65
N ASP B 184 -17.06 -35.15 -12.98
CA ASP B 184 -16.47 -34.15 -12.10
C ASP B 184 -17.55 -33.15 -11.70
N ILE B 185 -17.75 -33.01 -10.40
CA ILE B 185 -18.73 -32.06 -9.88
C ILE B 185 -18.06 -30.92 -9.13
N ASP B 186 -16.74 -30.97 -8.98
CA ASP B 186 -16.02 -29.87 -8.36
C ASP B 186 -16.24 -28.59 -9.15
N VAL B 187 -16.48 -27.50 -8.42
CA VAL B 187 -16.62 -26.19 -9.05
C VAL B 187 -15.42 -25.89 -9.93
N HIS B 188 -14.31 -26.61 -9.73
CA HIS B 188 -13.17 -26.56 -10.62
C HIS B 188 -13.30 -27.64 -11.69
N HIS B 189 -12.98 -27.27 -12.93
CA HIS B 189 -13.04 -28.22 -14.03
C HIS B 189 -11.96 -29.29 -13.85
N GLY B 190 -12.29 -30.51 -14.25
CA GLY B 190 -11.33 -31.61 -14.18
C GLY B 190 -10.33 -31.53 -15.31
N ASP B 191 -9.41 -30.56 -15.22
CA ASP B 191 -8.49 -30.31 -16.31
C ASP B 191 -7.56 -31.49 -16.56
N GLY B 192 -6.88 -31.97 -15.51
CA GLY B 192 -5.91 -33.04 -15.70
C GLY B 192 -6.53 -34.32 -16.21
N VAL B 193 -7.66 -34.71 -15.62
CA VAL B 193 -8.34 -35.93 -16.03
C VAL B 193 -8.87 -35.85 -17.46
N GLU B 194 -9.51 -34.74 -17.82
CA GLU B 194 -9.99 -34.58 -19.19
C GLU B 194 -8.85 -34.56 -20.19
N GLU B 195 -7.72 -33.94 -19.83
CA GLU B 195 -6.55 -33.95 -20.68
C GLU B 195 -6.03 -35.37 -20.87
N ALA B 196 -6.02 -36.16 -19.79
CA ALA B 196 -5.51 -37.53 -19.88
C ALA B 196 -6.34 -38.40 -20.81
N PHE B 197 -7.59 -38.04 -21.09
CA PHE B 197 -8.46 -38.82 -21.94
C PHE B 197 -9.14 -37.96 -23.00
N TYR B 198 -8.49 -36.89 -23.42
CA TYR B 198 -9.05 -36.04 -24.46
C TYR B 198 -9.13 -36.75 -25.79
N THR B 199 -8.24 -37.71 -26.02
CA THR B 199 -8.14 -38.37 -27.32
C THR B 199 -8.73 -39.76 -27.36
N THR B 200 -8.85 -40.44 -26.23
CA THR B 200 -9.40 -41.78 -26.23
C THR B 200 -10.91 -41.74 -26.09
N ASP B 201 -11.56 -42.76 -26.63
CA ASP B 201 -13.00 -42.91 -26.57
C ASP B 201 -13.45 -43.88 -25.49
N ARG B 202 -12.52 -44.50 -24.76
CA ARG B 202 -12.90 -45.39 -23.68
C ARG B 202 -13.48 -44.62 -22.49
N VAL B 203 -12.94 -43.43 -22.24
CA VAL B 203 -13.29 -42.67 -21.04
C VAL B 203 -14.00 -41.38 -21.45
N MET B 204 -15.14 -41.12 -20.82
CA MET B 204 -15.78 -39.81 -20.89
C MET B 204 -15.53 -39.06 -19.59
N THR B 205 -14.99 -37.87 -19.71
CA THR B 205 -14.91 -36.94 -18.59
C THR B 205 -16.05 -35.94 -18.70
N CYS B 206 -16.79 -35.80 -17.60
CA CYS B 206 -17.93 -34.89 -17.56
C CYS B 206 -17.78 -34.02 -16.32
N SER B 207 -17.39 -32.77 -16.51
CA SER B 207 -17.07 -31.87 -15.41
C SER B 207 -18.13 -30.80 -15.28
N PHE B 208 -18.79 -30.77 -14.12
CA PHE B 208 -19.63 -29.65 -13.73
C PHE B 208 -18.76 -28.68 -12.93
N HIS B 209 -18.63 -27.46 -13.42
CA HIS B 209 -17.70 -26.50 -12.84
C HIS B 209 -18.17 -25.10 -13.16
N LYS B 210 -17.61 -24.14 -12.45
CA LYS B 210 -17.86 -22.73 -12.73
C LYS B 210 -16.97 -22.29 -13.88
N TYR B 211 -17.57 -21.67 -14.90
CA TYR B 211 -16.84 -21.15 -16.04
C TYR B 211 -16.88 -19.63 -16.00
N GLY B 212 -15.71 -19.02 -16.16
CA GLY B 212 -15.58 -17.57 -16.15
C GLY B 212 -14.13 -17.18 -16.01
N GLU B 213 -13.84 -16.16 -15.21
CA GLU B 213 -12.47 -15.85 -14.85
C GLU B 213 -12.04 -16.65 -13.63
N PHE B 214 -12.26 -17.95 -13.69
CA PHE B 214 -12.02 -18.87 -12.59
C PHE B 214 -10.70 -19.58 -12.78
N PHE B 215 -10.18 -20.10 -11.66
CA PHE B 215 -8.86 -20.75 -11.67
C PHE B 215 -8.72 -21.83 -12.74
N PRO B 216 -9.68 -22.74 -12.96
CA PRO B 216 -9.52 -23.68 -14.07
C PRO B 216 -9.46 -22.97 -15.42
N GLY B 217 -10.45 -22.14 -15.73
CA GLY B 217 -10.42 -21.38 -16.96
C GLY B 217 -10.69 -22.23 -18.18
N THR B 218 -10.46 -23.53 -18.06
CA THR B 218 -10.75 -24.51 -19.08
C THR B 218 -12.16 -25.04 -18.87
N GLY B 219 -12.50 -26.12 -19.56
CA GLY B 219 -13.84 -26.66 -19.47
C GLY B 219 -14.85 -25.92 -20.30
N GLU B 220 -14.43 -25.36 -21.43
CA GLU B 220 -15.36 -24.67 -22.33
C GLU B 220 -16.43 -25.63 -22.82
N LEU B 221 -17.57 -25.06 -23.20
CA LEU B 221 -18.69 -25.86 -23.68
C LEU B 221 -18.31 -26.65 -24.91
N ARG B 222 -17.55 -26.05 -25.82
CA ARG B 222 -17.13 -26.72 -27.05
C ARG B 222 -15.77 -27.41 -26.87
N ASP B 223 -15.74 -28.33 -25.92
CA ASP B 223 -14.54 -29.13 -25.63
C ASP B 223 -14.88 -30.61 -25.67
N ILE B 224 -15.57 -31.02 -26.73
CA ILE B 224 -16.06 -32.39 -26.85
C ILE B 224 -14.95 -33.43 -26.99
N GLY B 225 -13.71 -32.99 -27.10
CA GLY B 225 -12.61 -33.93 -27.25
C GLY B 225 -12.03 -33.89 -28.65
N VAL B 226 -10.74 -34.23 -28.75
CA VAL B 226 -10.04 -34.26 -30.01
C VAL B 226 -9.64 -35.69 -30.31
N GLY B 227 -9.37 -35.96 -31.60
CA GLY B 227 -9.03 -37.31 -32.00
C GLY B 227 -10.19 -38.26 -31.78
N ALA B 228 -9.87 -39.48 -31.38
CA ALA B 228 -10.91 -40.46 -31.07
C ALA B 228 -11.71 -40.08 -29.83
N GLY B 229 -11.23 -39.12 -29.04
CA GLY B 229 -11.97 -38.65 -27.90
C GLY B 229 -12.95 -37.57 -28.27
N LYS B 230 -13.13 -37.36 -29.57
CA LYS B 230 -14.13 -36.41 -30.04
C LYS B 230 -15.52 -36.84 -29.61
N ASN B 231 -16.31 -35.89 -29.15
CA ASN B 231 -17.65 -36.09 -28.60
C ASN B 231 -17.64 -36.97 -27.35
N TYR B 232 -16.47 -37.21 -26.75
CA TYR B 232 -16.33 -38.05 -25.57
C TYR B 232 -15.80 -37.26 -24.38
N ALA B 233 -16.20 -36.00 -24.28
CA ALA B 233 -15.84 -35.15 -23.15
C ALA B 233 -16.91 -34.10 -22.99
N VAL B 234 -17.47 -34.00 -21.78
CA VAL B 234 -18.59 -33.11 -21.50
C VAL B 234 -18.13 -32.06 -20.49
N ASN B 235 -18.34 -30.80 -20.83
CA ASN B 235 -18.02 -29.68 -19.94
C ASN B 235 -19.29 -28.88 -19.69
N VAL B 236 -19.57 -28.61 -18.42
CA VAL B 236 -20.78 -27.91 -18.04
C VAL B 236 -20.40 -26.53 -17.50
N PRO B 237 -20.48 -25.48 -18.31
CA PRO B 237 -20.20 -24.13 -17.82
C PRO B 237 -21.36 -23.61 -16.99
N LEU B 238 -21.04 -23.08 -15.80
CA LEU B 238 -22.05 -22.65 -14.86
C LEU B 238 -21.69 -21.27 -14.33
N ARG B 239 -22.72 -20.53 -13.92
CA ARG B 239 -22.53 -19.23 -13.33
C ARG B 239 -22.56 -19.34 -11.80
N ASP B 240 -22.46 -18.20 -11.12
CA ASP B 240 -22.22 -18.20 -9.68
C ASP B 240 -23.43 -18.69 -8.90
N GLY B 241 -23.12 -19.39 -7.81
CA GLY B 241 -24.11 -19.67 -6.78
C GLY B 241 -25.32 -20.45 -7.24
N ILE B 242 -25.11 -21.53 -7.98
CA ILE B 242 -26.20 -22.44 -8.29
C ILE B 242 -26.62 -23.15 -7.01
N ASP B 243 -27.91 -23.41 -6.89
CA ASP B 243 -28.46 -24.04 -5.70
C ASP B 243 -28.90 -25.47 -6.03
N ASP B 244 -29.43 -26.15 -5.03
CA ASP B 244 -29.80 -27.55 -5.18
C ASP B 244 -30.85 -27.74 -6.26
N ALA B 245 -31.89 -26.91 -6.24
CA ALA B 245 -33.01 -27.06 -7.17
C ALA B 245 -32.60 -26.88 -8.63
N THR B 246 -31.55 -26.10 -8.88
CA THR B 246 -31.05 -25.90 -10.22
C THR B 246 -29.91 -26.85 -10.57
N TYR B 247 -29.06 -27.16 -9.58
CA TYR B 247 -27.98 -28.11 -9.82
C TYR B 247 -28.51 -29.49 -10.15
N ARG B 248 -29.53 -29.94 -9.42
CA ARG B 248 -30.12 -31.24 -9.73
C ARG B 248 -30.77 -31.23 -11.11
N SER B 249 -31.40 -30.11 -11.47
CA SER B 249 -32.09 -30.01 -12.76
C SER B 249 -31.10 -30.01 -13.92
N VAL B 250 -29.92 -29.44 -13.73
CA VAL B 250 -28.90 -29.50 -14.78
C VAL B 250 -28.12 -30.82 -14.72
N PHE B 251 -28.13 -31.48 -13.56
CA PHE B 251 -27.37 -32.72 -13.38
C PHE B 251 -28.09 -33.91 -14.00
N GLU B 252 -29.32 -34.16 -13.57
CA GLU B 252 -29.95 -35.45 -13.81
C GLU B 252 -30.17 -35.77 -15.28
N PRO B 253 -30.74 -34.88 -16.11
CA PRO B 253 -31.00 -35.28 -17.52
C PRO B 253 -29.75 -35.64 -18.29
N VAL B 254 -28.65 -34.94 -18.06
CA VAL B 254 -27.41 -35.23 -18.80
C VAL B 254 -26.86 -36.59 -18.39
N ILE B 255 -26.88 -36.87 -17.08
CA ILE B 255 -26.44 -38.18 -16.60
C ILE B 255 -27.31 -39.27 -17.18
N LYS B 256 -28.62 -39.04 -17.22
CA LYS B 256 -29.55 -39.99 -17.84
C LYS B 256 -29.18 -40.26 -19.28
N LYS B 257 -28.93 -39.21 -20.06
CA LYS B 257 -28.61 -39.38 -21.46
C LYS B 257 -27.29 -40.12 -21.66
N ILE B 258 -26.28 -39.78 -20.86
CA ILE B 258 -24.98 -40.43 -20.98
C ILE B 258 -25.09 -41.92 -20.66
N MET B 259 -25.77 -42.25 -19.56
CA MET B 259 -25.94 -43.65 -19.19
C MET B 259 -26.72 -44.41 -20.25
N GLU B 260 -27.81 -43.81 -20.75
CA GLU B 260 -28.61 -44.45 -21.79
C GLU B 260 -27.83 -44.63 -23.08
N TRP B 261 -26.88 -43.75 -23.37
CA TRP B 261 -26.23 -43.71 -24.66
C TRP B 261 -24.79 -44.19 -24.66
N TYR B 262 -23.93 -43.57 -23.86
CA TYR B 262 -22.55 -44.02 -23.80
C TYR B 262 -22.46 -45.39 -23.13
N GLN B 263 -23.29 -45.61 -22.10
CA GLN B 263 -23.43 -46.89 -21.43
C GLN B 263 -22.09 -47.42 -20.92
N PRO B 264 -21.51 -46.77 -19.92
CA PRO B 264 -20.21 -47.23 -19.40
C PRO B 264 -20.37 -48.54 -18.63
N SER B 265 -19.26 -49.28 -18.57
CA SER B 265 -19.19 -50.47 -17.72
C SER B 265 -18.86 -50.06 -16.29
N ALA B 266 -17.75 -49.34 -16.11
CA ALA B 266 -17.38 -48.75 -14.83
C ALA B 266 -17.62 -47.25 -14.88
N VAL B 267 -17.58 -46.62 -13.71
CA VAL B 267 -17.79 -45.18 -13.62
C VAL B 267 -17.11 -44.64 -12.38
N VAL B 268 -16.48 -43.47 -12.50
CA VAL B 268 -15.76 -42.83 -11.40
C VAL B 268 -16.38 -41.46 -11.16
N LEU B 269 -16.55 -41.10 -9.89
CA LEU B 269 -17.16 -39.83 -9.51
C LEU B 269 -16.22 -39.08 -8.57
N GLN B 270 -16.03 -37.79 -8.83
CA GLN B 270 -15.20 -36.92 -8.00
C GLN B 270 -16.12 -36.10 -7.10
N CYS B 271 -16.02 -36.31 -5.80
CA CYS B 271 -16.88 -35.63 -4.82
C CYS B 271 -16.04 -34.59 -4.09
N GLY B 272 -15.98 -33.39 -4.65
CA GLY B 272 -15.27 -32.29 -4.02
C GLY B 272 -16.23 -31.39 -3.27
N GLY B 273 -15.79 -30.92 -2.11
CA GLY B 273 -16.59 -30.05 -1.28
C GLY B 273 -16.51 -28.58 -1.65
N ASP B 274 -15.82 -28.25 -2.74
CA ASP B 274 -15.64 -26.86 -3.13
C ASP B 274 -16.95 -26.18 -3.51
N SER B 275 -17.89 -26.92 -4.10
CA SER B 275 -19.18 -26.37 -4.49
C SER B 275 -20.12 -26.18 -3.30
N LEU B 276 -19.70 -26.56 -2.10
CA LEU B 276 -20.53 -26.39 -0.93
C LEU B 276 -20.85 -24.92 -0.70
N SER B 277 -22.04 -24.67 -0.17
CA SER B 277 -22.41 -23.32 0.22
C SER B 277 -21.41 -22.80 1.25
N GLY B 278 -20.94 -21.58 1.03
CA GLY B 278 -19.99 -20.99 1.95
C GLY B 278 -18.67 -21.73 2.03
N ASP B 279 -18.13 -22.19 0.90
CA ASP B 279 -16.80 -22.75 0.88
C ASP B 279 -15.78 -21.62 0.92
N ARG B 280 -14.60 -21.93 1.48
CA ARG B 280 -13.56 -20.91 1.62
C ARG B 280 -13.20 -20.30 0.27
N LEU B 281 -13.18 -21.11 -0.78
CA LEU B 281 -12.92 -20.62 -2.12
C LEU B 281 -14.10 -20.81 -3.06
N GLY B 282 -15.05 -21.68 -2.73
CA GLY B 282 -16.17 -21.92 -3.60
C GLY B 282 -17.13 -20.74 -3.67
N CYS B 283 -17.96 -20.77 -4.71
CA CYS B 283 -18.94 -19.70 -4.91
C CYS B 283 -20.32 -20.27 -5.21
N PHE B 284 -20.50 -21.58 -5.11
CA PHE B 284 -21.79 -22.20 -5.37
C PHE B 284 -22.65 -22.17 -4.11
N ASN B 285 -23.95 -22.39 -4.31
CA ASN B 285 -24.93 -22.32 -3.23
C ASN B 285 -25.59 -23.67 -3.04
N LEU B 286 -24.77 -24.73 -3.00
CA LEU B 286 -25.27 -26.06 -2.76
C LEU B 286 -25.32 -26.37 -1.27
N SER B 287 -26.46 -26.87 -0.82
CA SER B 287 -26.59 -27.35 0.55
C SER B 287 -26.18 -28.81 0.62
N MET B 288 -26.45 -29.44 1.76
CA MET B 288 -26.10 -30.85 1.94
C MET B 288 -26.88 -31.74 0.98
N GLU B 289 -28.20 -31.57 0.92
CA GLU B 289 -29.03 -32.49 0.15
C GLU B 289 -28.91 -32.26 -1.34
N GLY B 290 -28.64 -31.01 -1.75
CA GLY B 290 -28.35 -30.78 -3.16
C GLY B 290 -27.13 -31.53 -3.62
N HIS B 291 -26.08 -31.56 -2.79
CA HIS B 291 -24.90 -32.36 -3.11
C HIS B 291 -25.21 -33.84 -3.08
N ALA B 292 -25.94 -34.31 -2.07
CA ALA B 292 -26.25 -35.73 -1.96
C ALA B 292 -27.18 -36.21 -3.07
N ASN B 293 -27.91 -35.29 -3.71
CA ASN B 293 -28.78 -35.67 -4.82
C ASN B 293 -27.98 -36.30 -5.95
N CYS B 294 -26.82 -35.72 -6.27
CA CYS B 294 -25.99 -36.28 -7.34
C CYS B 294 -25.50 -37.67 -6.98
N VAL B 295 -25.08 -37.88 -5.74
CA VAL B 295 -24.62 -39.19 -5.30
C VAL B 295 -25.75 -40.20 -5.39
N ASN B 296 -26.94 -39.82 -4.95
CA ASN B 296 -28.10 -40.72 -5.02
C ASN B 296 -28.41 -41.07 -6.47
N TYR B 297 -28.42 -40.07 -7.35
CA TYR B 297 -28.71 -40.35 -8.75
C TYR B 297 -27.66 -41.24 -9.38
N VAL B 298 -26.38 -41.04 -9.04
CA VAL B 298 -25.33 -41.90 -9.59
C VAL B 298 -25.50 -43.33 -9.10
N LYS B 299 -25.72 -43.51 -7.80
CA LYS B 299 -25.92 -44.85 -7.27
C LYS B 299 -27.21 -45.49 -7.79
N SER B 300 -28.12 -44.68 -8.31
CA SER B 300 -29.36 -45.18 -8.90
C SER B 300 -29.16 -45.97 -10.19
N PHE B 301 -27.96 -46.28 -10.69
CA PHE B 301 -27.85 -47.01 -11.94
C PHE B 301 -27.21 -48.39 -11.80
N GLY B 302 -26.56 -48.68 -10.68
CA GLY B 302 -26.13 -50.03 -10.36
C GLY B 302 -24.70 -50.39 -10.73
N ILE B 303 -24.07 -49.63 -11.63
CA ILE B 303 -22.72 -49.95 -12.08
C ILE B 303 -21.73 -49.64 -10.96
N PRO B 304 -20.59 -50.34 -10.89
CA PRO B 304 -19.67 -50.15 -9.75
C PRO B 304 -19.16 -48.72 -9.65
N MET B 305 -18.90 -48.28 -8.42
CA MET B 305 -18.55 -46.90 -8.14
C MET B 305 -17.26 -46.82 -7.34
N MET B 306 -16.48 -45.78 -7.61
CA MET B 306 -15.19 -45.54 -6.98
C MET B 306 -15.18 -44.06 -6.57
N VAL B 307 -15.66 -43.78 -5.36
CA VAL B 307 -15.91 -42.40 -4.93
C VAL B 307 -14.63 -41.79 -4.37
N VAL B 308 -14.25 -40.64 -4.90
CA VAL B 308 -13.09 -39.90 -4.38
C VAL B 308 -13.54 -38.57 -3.80
N GLY B 309 -12.61 -37.88 -3.14
CA GLY B 309 -12.91 -36.58 -2.56
C GLY B 309 -11.97 -35.48 -3.04
N GLY B 310 -12.52 -34.48 -3.73
CA GLY B 310 -11.69 -33.46 -4.33
C GLY B 310 -11.61 -32.16 -3.57
N GLY B 311 -12.29 -31.13 -4.09
CA GLY B 311 -12.21 -29.80 -3.53
C GLY B 311 -12.88 -29.71 -2.17
N GLY B 312 -12.94 -28.48 -1.66
CA GLY B 312 -13.49 -28.23 -0.36
C GLY B 312 -12.42 -27.77 0.62
N TYR B 313 -12.57 -26.56 1.13
CA TYR B 313 -11.61 -26.02 2.08
C TYR B 313 -12.28 -25.50 3.35
N THR B 314 -13.53 -25.89 3.59
CA THR B 314 -14.21 -25.66 4.87
C THR B 314 -14.42 -27.04 5.49
N MET B 315 -13.45 -27.47 6.30
CA MET B 315 -13.41 -28.86 6.73
C MET B 315 -14.60 -29.23 7.60
N ARG B 316 -15.12 -28.27 8.38
CA ARG B 316 -16.33 -28.56 9.14
C ARG B 316 -17.51 -28.87 8.23
N ASN B 317 -17.49 -28.36 6.99
CA ASN B 317 -18.56 -28.64 6.03
C ASN B 317 -18.29 -29.90 5.24
N VAL B 318 -17.05 -30.07 4.76
CA VAL B 318 -16.77 -31.23 3.91
C VAL B 318 -16.77 -32.51 4.72
N ALA B 319 -16.38 -32.44 6.00
CA ALA B 319 -16.46 -33.63 6.85
C ALA B 319 -17.90 -34.09 6.98
N ARG B 320 -18.82 -33.16 7.25
CA ARG B 320 -20.24 -33.51 7.32
C ARG B 320 -20.75 -34.02 5.98
N THR B 321 -20.34 -33.37 4.89
CA THR B 321 -20.77 -33.79 3.57
C THR B 321 -20.33 -35.22 3.27
N TRP B 322 -19.07 -35.52 3.55
CA TRP B 322 -18.54 -36.85 3.26
C TRP B 322 -19.17 -37.90 4.16
N CYS B 323 -19.40 -37.57 5.43
CA CYS B 323 -20.08 -38.51 6.32
C CYS B 323 -21.50 -38.80 5.84
N PHE B 324 -22.22 -37.76 5.41
CA PHE B 324 -23.57 -37.98 4.89
C PHE B 324 -23.54 -38.83 3.63
N GLU B 325 -22.57 -38.60 2.74
CA GLU B 325 -22.50 -39.38 1.52
C GLU B 325 -22.17 -40.84 1.80
N THR B 326 -21.24 -41.11 2.73
CA THR B 326 -20.94 -42.51 3.02
C THR B 326 -22.11 -43.19 3.72
N GLY B 327 -22.87 -42.45 4.52
CA GLY B 327 -24.12 -43.00 5.01
C GLY B 327 -25.10 -43.31 3.89
N LEU B 328 -25.21 -42.39 2.93
CA LEU B 328 -26.17 -42.54 1.84
C LEU B 328 -25.82 -43.72 0.93
N LEU B 329 -24.54 -43.95 0.66
CA LEU B 329 -24.15 -45.03 -0.24
C LEU B 329 -24.51 -46.40 0.35
N ASN B 330 -24.42 -46.53 1.67
CA ASN B 330 -24.85 -47.74 2.36
C ASN B 330 -26.37 -47.83 2.48
N ASN B 331 -27.11 -47.01 1.74
CA ASN B 331 -28.57 -47.00 1.70
C ASN B 331 -29.20 -46.71 3.06
N VAL B 332 -28.53 -45.92 3.89
CA VAL B 332 -29.09 -45.50 5.18
C VAL B 332 -29.01 -43.98 5.26
N VAL B 333 -29.87 -43.40 6.08
CA VAL B 333 -29.88 -41.96 6.33
C VAL B 333 -29.44 -41.73 7.77
N LEU B 334 -28.33 -41.02 7.95
CA LEU B 334 -27.76 -40.83 9.27
C LEU B 334 -28.56 -39.82 10.08
N ASP B 335 -28.28 -39.81 11.38
CA ASP B 335 -28.94 -38.89 12.30
C ASP B 335 -28.52 -37.45 12.00
N LYS B 336 -29.43 -36.52 12.31
CA LYS B 336 -29.13 -35.09 12.20
C LYS B 336 -28.40 -34.56 13.42
N ASP B 337 -28.17 -35.39 14.42
CA ASP B 337 -27.52 -35.00 15.67
C ASP B 337 -26.13 -35.61 15.73
N LEU B 338 -25.21 -34.88 16.30
CA LEU B 338 -23.85 -35.40 16.22
C LEU B 338 -23.63 -36.50 17.25
N PRO B 339 -22.82 -37.50 16.91
CA PRO B 339 -22.53 -38.60 17.83
C PRO B 339 -21.45 -38.25 18.84
N TYR B 340 -21.18 -36.97 19.02
CA TYR B 340 -20.12 -36.48 19.90
C TYR B 340 -18.75 -37.00 19.46
N ASN B 341 -18.35 -36.53 18.29
CA ASN B 341 -17.02 -36.81 17.78
C ASN B 341 -15.97 -36.12 18.64
N GLU B 342 -14.70 -36.43 18.37
CA GLU B 342 -13.61 -35.82 19.13
C GLU B 342 -13.51 -34.33 18.84
N TYR B 343 -13.59 -33.94 17.57
CA TYR B 343 -13.48 -32.54 17.18
C TYR B 343 -14.87 -31.90 17.15
N TYR B 344 -15.51 -31.89 18.32
CA TYR B 344 -16.87 -31.40 18.42
C TYR B 344 -16.94 -29.90 18.14
N GLU B 345 -15.93 -29.15 18.59
CA GLU B 345 -15.95 -27.70 18.49
C GLU B 345 -16.10 -27.21 17.06
N TYR B 346 -15.71 -28.02 16.08
CA TYR B 346 -15.68 -27.58 14.68
C TYR B 346 -17.05 -27.35 14.09
N TYR B 347 -18.11 -27.93 14.68
CA TYR B 347 -19.37 -28.11 13.97
C TYR B 347 -20.42 -27.07 14.35
N GLY B 348 -20.00 -25.84 14.59
CA GLY B 348 -20.91 -24.72 14.66
C GLY B 348 -21.70 -24.63 15.94
N PRO B 349 -22.67 -23.72 15.97
CA PRO B 349 -23.43 -23.51 17.23
C PRO B 349 -24.41 -24.63 17.51
N ASP B 350 -25.12 -25.13 16.50
CA ASP B 350 -26.12 -26.16 16.71
C ASP B 350 -25.55 -27.57 16.72
N TYR B 351 -24.34 -27.76 16.19
CA TYR B 351 -23.70 -29.08 16.13
C TYR B 351 -24.62 -30.10 15.46
N LYS B 352 -25.15 -29.72 14.31
CA LYS B 352 -25.97 -30.61 13.49
C LYS B 352 -25.14 -31.17 12.34
N LEU B 353 -25.78 -32.00 11.53
CA LEU B 353 -25.15 -32.60 10.36
C LEU B 353 -25.89 -32.10 9.12
N SER B 354 -25.49 -30.92 8.64
CA SER B 354 -26.09 -30.27 7.49
C SER B 354 -25.25 -29.08 7.09
N VAL B 355 -25.44 -28.62 5.86
CA VAL B 355 -24.80 -27.42 5.35
C VAL B 355 -25.91 -26.43 5.00
N ARG B 356 -25.88 -25.27 5.63
CA ARG B 356 -26.94 -24.27 5.41
C ARG B 356 -26.55 -23.33 4.28
N PRO B 357 -27.32 -23.30 3.19
CA PRO B 357 -27.01 -22.37 2.10
C PRO B 357 -27.29 -20.92 2.50
N SER B 358 -26.63 -20.01 1.79
CA SER B 358 -26.75 -18.59 2.06
C SER B 358 -27.82 -17.95 1.18
N ASN B 359 -28.02 -16.66 1.38
CA ASN B 359 -29.11 -15.92 0.75
C ASN B 359 -28.73 -15.28 -0.58
N MET B 360 -27.57 -15.64 -1.14
CA MET B 360 -27.09 -14.97 -2.33
C MET B 360 -27.96 -15.29 -3.54
N PHE B 361 -27.95 -14.38 -4.51
CA PHE B 361 -28.81 -14.50 -5.69
C PHE B 361 -28.16 -15.39 -6.75
N ASN B 362 -28.87 -16.45 -7.14
CA ASN B 362 -28.38 -17.37 -8.16
C ASN B 362 -28.62 -16.76 -9.54
N VAL B 363 -27.56 -16.67 -10.33
CA VAL B 363 -27.60 -15.98 -11.62
C VAL B 363 -27.81 -16.94 -12.78
N ASN B 364 -27.79 -18.25 -12.53
CA ASN B 364 -27.94 -19.25 -13.59
C ASN B 364 -29.36 -19.16 -14.13
N THR B 365 -29.53 -18.38 -15.19
CA THR B 365 -30.84 -18.24 -15.82
C THR B 365 -31.22 -19.53 -16.55
N PRO B 366 -32.51 -19.83 -16.62
CA PRO B 366 -32.94 -21.07 -17.30
C PRO B 366 -32.63 -21.10 -18.79
N GLU B 367 -32.58 -19.95 -19.46
CA GLU B 367 -32.36 -19.94 -20.90
C GLU B 367 -30.94 -20.41 -21.25
N TYR B 368 -29.96 -19.89 -20.51
CA TYR B 368 -28.57 -20.31 -20.71
C TYR B 368 -28.42 -21.81 -20.44
N LEU B 369 -29.05 -22.29 -19.37
CA LEU B 369 -29.01 -23.72 -19.06
C LEU B 369 -29.67 -24.54 -20.16
N ASP B 370 -30.79 -24.06 -20.70
CA ASP B 370 -31.48 -24.77 -21.76
C ASP B 370 -30.62 -24.86 -23.02
N LYS B 371 -29.95 -23.76 -23.37
CA LYS B 371 -29.01 -23.81 -24.49
C LYS B 371 -27.90 -24.81 -24.22
N VAL B 372 -27.42 -24.87 -22.97
CA VAL B 372 -26.41 -25.84 -22.60
C VAL B 372 -26.92 -27.27 -22.80
N MET B 373 -28.15 -27.53 -22.35
CA MET B 373 -28.75 -28.86 -22.54
C MET B 373 -28.83 -29.19 -24.02
N THR B 374 -29.31 -28.24 -24.83
CA THR B 374 -29.47 -28.47 -26.26
C THR B 374 -28.13 -28.83 -26.90
N ASN B 375 -27.09 -28.05 -26.60
CA ASN B 375 -25.78 -28.31 -27.18
C ASN B 375 -25.25 -29.68 -26.76
N ILE B 376 -25.33 -29.99 -25.46
CA ILE B 376 -24.77 -31.23 -24.95
C ILE B 376 -25.48 -32.43 -25.55
N PHE B 377 -26.82 -32.38 -25.59
CA PHE B 377 -27.58 -33.50 -26.11
C PHE B 377 -27.39 -33.66 -27.61
N ALA B 378 -27.30 -32.54 -28.35
CA ALA B 378 -27.03 -32.63 -29.78
C ALA B 378 -25.68 -33.26 -30.04
N ASN B 379 -24.67 -32.91 -29.25
CA ASN B 379 -23.36 -33.55 -29.39
C ASN B 379 -23.43 -35.03 -29.05
N LEU B 380 -24.19 -35.39 -28.01
CA LEU B 380 -24.29 -36.78 -27.59
C LEU B 380 -25.17 -37.62 -28.52
N GLU B 381 -25.92 -37.00 -29.42
CA GLU B 381 -26.77 -37.75 -30.35
C GLU B 381 -25.99 -38.70 -31.24
N ASN B 382 -24.66 -38.70 -31.16
CA ASN B 382 -23.81 -39.56 -31.96
C ASN B 382 -22.91 -40.42 -31.10
N THR B 383 -23.42 -40.90 -29.97
CA THR B 383 -22.65 -41.72 -29.02
C THR B 383 -23.48 -42.91 -28.56
N LYS B 384 -24.05 -43.63 -29.52
CA LYS B 384 -24.78 -44.86 -29.25
C LYS B 384 -23.96 -45.82 -28.37
N GLU C 7 81.40 47.66 22.30
CA GLU C 7 82.25 46.78 21.51
C GLU C 7 82.19 45.35 22.02
N PHE C 8 82.81 45.12 23.19
CA PHE C 8 82.91 43.79 23.79
C PHE C 8 82.76 43.97 25.31
N ALA C 9 81.54 43.80 25.81
CA ALA C 9 81.28 43.91 27.23
C ALA C 9 80.12 43.00 27.60
N LEU C 10 80.04 42.66 28.89
CA LEU C 10 78.98 41.78 29.38
C LEU C 10 77.62 42.45 29.18
N GLY C 11 76.75 41.80 28.43
CA GLY C 11 75.44 42.33 28.13
C GLY C 11 75.41 43.29 26.97
N GLY C 12 76.56 43.82 26.56
CA GLY C 12 76.58 44.71 25.42
C GLY C 12 76.27 43.99 24.12
N ARG C 13 75.63 44.72 23.22
CA ARG C 13 75.27 44.15 21.93
C ARG C 13 76.53 43.80 21.15
N CYS C 14 76.51 42.63 20.52
CA CYS C 14 77.66 42.16 19.75
C CYS C 14 77.15 41.53 18.46
N LEU C 15 77.99 41.60 17.44
CA LEU C 15 77.70 41.04 16.14
C LEU C 15 78.55 39.79 15.92
N ALA C 16 77.92 38.78 15.31
CA ALA C 16 78.56 37.49 15.16
C ALA C 16 78.38 36.98 13.73
N PHE C 17 79.46 36.49 13.16
CA PHE C 17 79.42 35.90 11.83
C PHE C 17 78.79 34.52 11.87
N HIS C 18 78.22 34.11 10.74
CA HIS C 18 77.81 32.72 10.53
C HIS C 18 77.81 32.50 9.01
N GLY C 19 78.88 31.91 8.51
CA GLY C 19 79.06 31.74 7.09
C GLY C 19 79.03 33.08 6.38
N PRO C 20 78.25 33.16 5.31
CA PRO C 20 78.09 34.41 4.57
C PRO C 20 77.11 35.41 5.18
N LEU C 21 76.72 35.22 6.43
CA LEU C 21 75.75 36.10 7.09
C LEU C 21 76.23 36.42 8.50
N MET C 22 75.67 37.51 9.04
CA MET C 22 76.07 38.04 10.34
C MET C 22 74.80 38.28 11.16
N TYR C 23 74.93 38.13 12.47
CA TYR C 23 73.79 38.24 13.37
C TYR C 23 74.17 38.97 14.65
N GLU C 24 73.27 39.82 15.12
CA GLU C 24 73.45 40.54 16.37
C GLU C 24 73.16 39.61 17.54
N ALA C 25 74.05 39.64 18.53
CA ALA C 25 73.92 38.79 19.69
C ALA C 25 74.22 39.61 20.94
N LYS C 26 73.83 39.07 22.08
CA LYS C 26 74.09 39.70 23.38
C LYS C 26 75.12 38.87 24.13
N ILE C 27 76.16 39.52 24.60
CA ILE C 27 77.22 38.84 25.34
C ILE C 27 76.73 38.51 26.74
N LEU C 28 77.02 37.29 27.20
CA LEU C 28 76.64 36.88 28.53
C LEU C 28 77.86 36.48 29.34
N LYS C 29 78.82 35.82 28.67
CA LYS C 29 80.05 35.39 29.32
C LYS C 29 81.22 35.89 28.48
N ILE C 30 82.15 36.60 29.13
CA ILE C 30 83.40 37.01 28.51
C ILE C 30 84.51 36.10 29.03
N TRP C 31 85.26 35.50 28.12
CA TRP C 31 86.26 34.49 28.47
C TRP C 31 87.62 35.13 28.70
N ASP C 32 88.24 34.75 29.82
CA ASP C 32 89.63 35.10 30.09
C ASP C 32 90.45 33.82 30.05
N PRO C 33 91.23 33.57 28.98
CA PRO C 33 91.91 32.28 28.86
C PRO C 33 92.96 32.04 29.93
N SER C 34 93.64 33.09 30.39
CA SER C 34 94.74 32.91 31.33
C SER C 34 94.24 32.32 32.64
N SER C 35 93.14 32.83 33.17
CA SER C 35 92.56 32.33 34.40
C SER C 35 91.60 31.16 34.18
N LYS C 36 91.37 30.78 32.91
CA LYS C 36 90.41 29.73 32.56
C LYS C 36 89.03 30.02 33.15
N MET C 37 88.64 31.30 33.12
CA MET C 37 87.43 31.76 33.76
C MET C 37 86.63 32.61 32.79
N TYR C 38 85.30 32.52 32.91
CA TYR C 38 84.40 33.41 32.20
C TYR C 38 83.62 34.25 33.20
N THR C 39 83.43 35.51 32.88
CA THR C 39 82.66 36.43 33.71
C THR C 39 81.25 36.51 33.14
N SER C 40 80.27 36.22 33.98
CA SER C 40 78.90 36.06 33.52
C SER C 40 77.97 36.97 34.32
N ILE C 41 76.87 37.37 33.69
CA ILE C 41 75.85 38.18 34.33
C ILE C 41 74.54 37.40 34.32
N PRO C 42 73.79 37.38 35.43
CA PRO C 42 72.51 36.68 35.53
C PRO C 42 71.48 37.20 34.54
N LYS C 57 81.53 38.55 37.63
CA LYS C 57 81.44 37.27 38.34
C LYS C 57 82.49 36.30 37.85
N PRO C 58 83.64 36.26 38.52
CA PRO C 58 84.71 35.32 38.13
C PRO C 58 84.33 33.87 38.41
N GLN C 59 84.04 33.13 37.36
CA GLN C 59 83.66 31.72 37.48
C GLN C 59 84.40 30.90 36.43
N LYS C 60 84.91 29.75 36.87
CA LYS C 60 85.58 28.84 35.97
C LYS C 60 84.57 28.17 35.05
N LEU C 61 85.07 27.30 34.18
CA LEU C 61 84.20 26.53 33.31
C LEU C 61 83.23 25.69 34.14
N GLY C 62 81.95 25.74 33.76
CA GLY C 62 80.93 25.05 34.51
C GLY C 62 80.86 23.57 34.19
N GLU C 63 79.95 22.88 34.89
CA GLU C 63 79.76 21.46 34.67
C GLU C 63 79.23 21.15 33.28
N ASP C 64 78.49 22.08 32.66
CA ASP C 64 78.03 21.93 31.29
C ASP C 64 78.63 22.95 30.34
N GLU C 65 79.04 24.12 30.82
CA GLU C 65 79.74 25.10 29.99
C GLU C 65 81.09 24.53 29.58
N SER C 66 81.41 24.63 28.29
CA SER C 66 82.66 24.12 27.77
C SER C 66 83.02 24.91 26.51
N ILE C 67 84.30 25.22 26.38
CA ILE C 67 84.79 25.96 25.23
C ILE C 67 85.81 25.10 24.50
N PRO C 68 85.69 24.94 23.18
CA PRO C 68 86.68 24.16 22.45
C PRO C 68 88.06 24.80 22.52
N GLU C 69 89.08 23.94 22.42
CA GLU C 69 90.46 24.37 22.68
C GLU C 69 90.95 25.43 21.70
N GLU C 70 90.42 25.47 20.48
CA GLU C 70 90.87 26.47 19.52
C GLU C 70 90.35 27.86 19.81
N ILE C 71 89.35 28.00 20.68
CA ILE C 71 88.82 29.29 21.08
C ILE C 71 88.79 29.48 22.59
N ILE C 72 89.18 28.45 23.36
CA ILE C 72 89.26 28.61 24.81
C ILE C 72 90.51 29.39 25.21
N ASN C 73 91.52 29.43 24.36
CA ASN C 73 92.75 30.17 24.64
C ASN C 73 92.71 31.59 24.09
N GLY C 74 91.62 31.97 23.41
CA GLY C 74 91.43 33.32 22.94
C GLY C 74 90.26 33.98 23.66
N LYS C 75 90.04 35.23 23.30
CA LYS C 75 88.94 36.00 23.89
C LYS C 75 87.63 35.46 23.36
N CYS C 76 87.04 34.51 24.08
CA CYS C 76 85.79 33.90 23.68
C CYS C 76 84.61 34.62 24.35
N PHE C 77 83.44 34.47 23.74
CA PHE C 77 82.25 35.13 24.25
C PHE C 77 81.06 34.20 24.10
N PHE C 78 80.33 33.98 25.19
CA PHE C 78 79.11 33.18 25.17
C PHE C 78 77.93 34.11 24.95
N ILE C 79 77.21 33.92 23.85
CA ILE C 79 76.22 34.88 23.39
C ILE C 79 74.92 34.17 23.05
N HIS C 80 73.83 34.95 23.05
CA HIS C 80 72.55 34.54 22.53
C HIS C 80 72.16 35.46 21.38
N TYR C 81 71.70 34.87 20.28
CA TYR C 81 71.34 35.66 19.11
C TYR C 81 69.93 36.21 19.26
N GLN C 82 69.82 37.53 19.11
CA GLN C 82 68.52 38.18 19.19
C GLN C 82 67.63 37.71 18.05
N GLY C 83 66.35 37.50 18.36
CA GLY C 83 65.42 36.99 17.38
C GLY C 83 65.49 35.49 17.18
N TRP C 84 66.37 34.80 17.90
CA TRP C 84 66.48 33.36 17.85
C TRP C 84 66.27 32.78 19.23
N LYS C 85 65.85 31.52 19.27
CA LYS C 85 65.60 30.86 20.54
C LYS C 85 66.86 30.80 21.38
N SER C 86 66.67 30.77 22.70
CA SER C 86 67.78 30.62 23.63
C SER C 86 68.45 29.26 23.51
N SER C 87 67.82 28.32 22.81
CA SER C 87 68.43 27.02 22.56
C SER C 87 69.66 27.11 21.68
N TRP C 88 69.92 28.26 21.06
CA TRP C 88 70.99 28.40 20.10
C TRP C 88 72.11 29.31 20.60
N ASP C 89 72.31 29.36 21.92
CA ASP C 89 73.41 30.13 22.47
C ASP C 89 74.73 29.50 22.05
N GLU C 90 75.72 30.36 21.79
CA GLU C 90 76.98 29.90 21.21
C GLU C 90 78.15 30.52 21.94
N TRP C 91 79.20 29.73 22.11
CA TRP C 91 80.50 30.22 22.60
C TRP C 91 81.33 30.59 21.38
N VAL C 92 81.33 31.87 21.02
CA VAL C 92 82.06 32.35 19.86
C VAL C 92 83.31 33.07 20.35
N GLY C 93 84.45 32.73 19.74
CA GLY C 93 85.70 33.38 20.08
C GLY C 93 85.77 34.78 19.52
N TYR C 94 86.94 35.39 19.69
CA TYR C 94 87.17 36.73 19.19
C TYR C 94 87.22 36.77 17.67
N ASP C 95 87.25 35.62 17.00
CA ASP C 95 87.41 35.55 15.56
C ASP C 95 86.22 36.17 14.83
N ARG C 96 85.00 35.78 15.19
CA ARG C 96 83.81 36.21 14.47
C ARG C 96 83.18 37.45 15.08
N ILE C 97 83.19 37.55 16.42
CA ILE C 97 82.50 38.65 17.07
C ILE C 97 83.29 39.94 16.89
N ARG C 98 82.62 40.96 16.38
CA ARG C 98 83.19 42.29 16.18
C ARG C 98 82.55 43.29 17.13
N ALA C 99 83.16 44.48 17.16
CA ALA C 99 82.63 45.58 17.95
C ALA C 99 81.35 46.09 17.31
N TYR C 100 80.32 46.29 18.13
CA TYR C 100 79.03 46.73 17.60
C TYR C 100 79.14 48.20 17.20
N ASN C 101 78.86 48.49 15.94
CA ASN C 101 79.04 49.84 15.40
C ASN C 101 78.25 49.97 14.11
N GLU C 102 78.27 51.17 13.55
CA GLU C 102 77.47 51.46 12.36
C GLU C 102 77.99 50.72 11.13
N GLU C 103 79.31 50.76 10.89
CA GLU C 103 79.85 50.08 9.72
C GLU C 103 79.59 48.58 9.78
N ASN C 104 79.52 48.02 10.99
CA ASN C 104 79.18 46.62 11.12
C ASN C 104 77.76 46.36 10.64
N ILE C 105 76.82 47.25 10.98
CA ILE C 105 75.46 47.12 10.47
C ILE C 105 75.44 47.30 8.96
N ALA C 106 76.28 48.18 8.43
CA ALA C 106 76.33 48.39 6.99
C ALA C 106 76.81 47.14 6.26
N MET C 107 77.87 46.50 6.77
CA MET C 107 78.34 45.29 6.10
C MET C 107 77.43 44.10 6.41
N LYS C 108 76.64 44.19 7.50
CA LYS C 108 75.51 43.29 7.69
C LYS C 108 74.49 43.44 6.55
N LYS C 109 74.14 44.69 6.21
CA LYS C 109 73.30 44.92 5.05
C LYS C 109 73.95 44.42 3.77
N ARG C 110 75.27 44.56 3.68
CA ARG C 110 76.02 44.04 2.53
C ARG C 110 75.79 42.54 2.37
N LEU C 111 75.98 41.78 3.45
CA LEU C 111 75.79 40.34 3.34
C LEU C 111 74.32 39.97 3.20
N ALA C 112 73.41 40.76 3.76
CA ALA C 112 71.99 40.50 3.54
C ALA C 112 71.62 40.65 2.07
N ASN C 113 72.11 41.72 1.45
CA ASN C 113 71.90 41.91 0.01
C ASN C 113 72.59 40.84 -0.81
N GLU C 114 73.77 40.39 -0.36
CA GLU C 114 74.45 39.30 -1.04
C GLU C 114 73.61 38.04 -1.01
N ALA C 115 73.02 37.72 0.14
CA ALA C 115 72.14 36.57 0.25
C ALA C 115 70.90 36.74 -0.63
N LYS C 116 70.33 37.95 -0.64
CA LYS C 116 69.17 38.22 -1.48
C LYS C 116 69.49 37.97 -2.94
N GLU C 117 70.64 38.50 -3.40
CA GLU C 117 71.04 38.32 -4.79
C GLU C 117 71.35 36.87 -5.11
N ALA C 118 72.00 36.15 -4.19
CA ALA C 118 72.30 34.75 -4.41
C ALA C 118 71.01 33.94 -4.55
N LYS C 119 70.04 34.19 -3.67
CA LYS C 119 68.77 33.48 -3.75
C LYS C 119 68.03 33.82 -5.04
N LYS C 120 68.03 35.09 -5.43
CA LYS C 120 67.37 35.49 -6.66
C LYS C 120 68.05 34.86 -7.88
N SER C 121 69.37 34.73 -7.84
CA SER C 121 70.08 34.03 -8.91
C SER C 121 69.72 32.56 -8.93
N LEU C 122 69.55 31.95 -7.75
CA LEU C 122 69.11 30.57 -7.68
C LEU C 122 67.73 30.42 -8.31
N LEU C 123 66.84 31.39 -8.09
CA LEU C 123 65.51 31.36 -8.68
C LEU C 123 65.51 31.87 -10.12
N GLU C 124 66.01 33.08 -10.32
CA GLU C 124 66.01 33.70 -11.65
C GLU C 124 67.44 33.86 -12.16
N ILE C 220 20.94 5.59 -41.59
CA ILE C 220 20.70 5.38 -43.01
C ILE C 220 19.32 4.77 -43.23
N SER C 221 18.60 5.27 -44.24
CA SER C 221 17.27 4.79 -44.52
C SER C 221 17.32 3.46 -45.25
N LEU C 222 16.46 2.53 -44.84
CA LEU C 222 16.33 1.23 -45.49
C LEU C 222 14.87 1.04 -45.91
N GLN C 223 14.66 0.65 -47.15
CA GLN C 223 13.33 0.50 -47.72
C GLN C 223 12.97 -0.99 -47.74
N ILE C 224 12.46 -1.48 -46.63
CA ILE C 224 11.98 -2.86 -46.56
C ILE C 224 10.59 -2.94 -47.19
N PRO C 225 10.33 -3.92 -48.04
CA PRO C 225 8.99 -4.06 -48.62
C PRO C 225 7.94 -4.27 -47.54
N ILE C 226 6.72 -3.84 -47.87
CA ILE C 226 5.62 -3.89 -46.89
C ILE C 226 5.33 -5.32 -46.48
N LYS C 227 5.45 -6.27 -47.41
CA LYS C 227 5.15 -7.66 -47.08
C LYS C 227 6.19 -8.23 -46.12
N LEU C 228 7.47 -7.88 -46.32
CA LEU C 228 8.50 -8.32 -45.39
C LEU C 228 8.30 -7.71 -44.01
N LYS C 229 7.86 -6.45 -43.96
CA LYS C 229 7.56 -5.82 -42.67
C LYS C 229 6.42 -6.56 -41.97
N SER C 230 5.38 -6.92 -42.72
CA SER C 230 4.28 -7.68 -42.15
C SER C 230 4.75 -9.04 -41.64
N VAL C 231 5.64 -9.70 -42.40
CA VAL C 231 6.16 -10.99 -41.98
C VAL C 231 6.97 -10.86 -40.69
N LEU C 232 7.79 -9.81 -40.60
CA LEU C 232 8.57 -9.59 -39.39
C LEU C 232 7.66 -9.32 -38.19
N VAL C 233 6.61 -8.53 -38.39
CA VAL C 233 5.65 -8.29 -37.32
C VAL C 233 4.98 -9.58 -36.89
N ASP C 234 4.60 -10.42 -37.86
CA ASP C 234 3.96 -11.69 -37.54
C ASP C 234 4.92 -12.59 -36.77
N ASP C 235 6.19 -12.59 -37.16
CA ASP C 235 7.19 -13.39 -36.43
C ASP C 235 7.33 -12.91 -34.99
N TRP C 236 7.44 -11.60 -34.79
CA TRP C 236 7.55 -11.08 -33.43
C TRP C 236 6.32 -11.47 -32.62
N GLU C 237 5.14 -11.34 -33.22
CA GLU C 237 3.90 -11.69 -32.52
C GLU C 237 3.86 -13.17 -32.17
N TYR C 238 4.24 -14.03 -33.11
CA TYR C 238 4.21 -15.47 -32.85
C TYR C 238 5.21 -15.85 -31.76
N VAL C 239 6.41 -15.28 -31.79
CA VAL C 239 7.41 -15.63 -30.80
C VAL C 239 7.03 -15.13 -29.43
N THR C 240 6.61 -13.86 -29.34
CA THR C 240 6.41 -13.24 -28.05
C THR C 240 4.99 -13.41 -27.52
N LYS C 241 3.99 -13.25 -28.39
CA LYS C 241 2.60 -13.34 -27.94
C LYS C 241 2.11 -14.78 -27.92
N ASP C 242 2.24 -15.50 -29.04
CA ASP C 242 1.77 -16.88 -29.11
C ASP C 242 2.76 -17.87 -28.52
N LYS C 243 3.94 -17.41 -28.09
CA LYS C 243 4.98 -18.23 -27.49
C LYS C 243 5.52 -19.30 -28.43
N LYS C 244 5.06 -19.33 -29.68
CA LYS C 244 5.57 -20.32 -30.62
C LYS C 244 7.04 -20.03 -30.92
N ILE C 245 7.77 -21.10 -31.21
CA ILE C 245 9.16 -21.01 -31.63
C ILE C 245 9.27 -21.61 -33.02
N CYS C 246 10.37 -21.30 -33.69
CA CYS C 246 10.57 -21.77 -35.05
C CYS C 246 10.76 -23.27 -35.08
N ARG C 247 10.25 -23.89 -36.14
CA ARG C 247 10.40 -25.33 -36.34
C ARG C 247 11.78 -25.57 -36.94
N LEU C 248 12.68 -26.12 -36.12
CA LEU C 248 14.07 -26.27 -36.49
C LEU C 248 14.46 -27.75 -36.54
N PRO C 249 15.40 -28.13 -37.41
CA PRO C 249 16.06 -27.32 -38.44
C PRO C 249 15.14 -27.03 -39.60
N ALA C 250 15.21 -25.83 -40.17
CA ALA C 250 14.33 -25.47 -41.26
C ALA C 250 14.66 -26.26 -42.51
N ASP C 251 13.62 -26.66 -43.25
CA ASP C 251 13.81 -27.20 -44.59
C ASP C 251 14.29 -26.15 -45.57
N VAL C 252 14.15 -24.87 -45.22
CA VAL C 252 14.62 -23.75 -46.02
C VAL C 252 15.55 -22.95 -45.12
N THR C 253 16.85 -23.20 -45.23
CA THR C 253 17.81 -22.62 -44.31
C THR C 253 18.49 -21.40 -44.90
N VAL C 254 19.21 -20.66 -44.06
CA VAL C 254 19.85 -19.41 -44.47
C VAL C 254 20.92 -19.67 -45.51
N GLU C 255 21.76 -20.69 -45.27
CA GLU C 255 22.83 -20.98 -46.20
C GLU C 255 22.27 -21.30 -47.59
N MET C 256 21.22 -22.12 -47.66
CA MET C 256 20.75 -22.57 -48.96
C MET C 256 19.95 -21.48 -49.67
N VAL C 257 19.23 -20.63 -48.93
CA VAL C 257 18.59 -19.50 -49.59
C VAL C 257 19.65 -18.54 -50.14
N LEU C 258 20.72 -18.31 -49.38
CA LEU C 258 21.78 -17.45 -49.91
C LEU C 258 22.43 -18.06 -51.14
N ASN C 259 22.62 -19.38 -51.12
CA ASN C 259 23.17 -20.07 -52.28
C ASN C 259 22.27 -19.95 -53.49
N LYS C 260 20.96 -20.13 -53.29
CA LYS C 260 20.01 -19.99 -54.39
C LYS C 260 20.00 -18.56 -54.92
N TYR C 261 20.05 -17.58 -54.01
CA TYR C 261 20.10 -16.18 -54.43
C TYR C 261 21.33 -15.91 -55.27
N GLU C 262 22.50 -16.33 -54.79
CA GLU C 262 23.75 -16.11 -55.51
C GLU C 262 23.74 -16.81 -56.86
N HIS C 263 23.25 -18.06 -56.90
CA HIS C 263 23.19 -18.80 -58.15
C HIS C 263 22.24 -18.16 -59.15
N GLU C 264 21.06 -17.76 -58.69
CA GLU C 264 20.05 -17.23 -59.59
C GLU C 264 20.39 -15.83 -60.08
N VAL C 265 21.13 -15.06 -59.29
CA VAL C 265 21.49 -13.71 -59.72
C VAL C 265 22.76 -13.74 -60.55
N SER C 266 23.73 -14.57 -60.19
CA SER C 266 24.99 -14.62 -60.92
C SER C 266 24.80 -15.10 -62.35
N GLN C 267 23.91 -16.07 -62.56
CA GLN C 267 23.68 -16.59 -63.90
C GLN C 267 23.09 -15.55 -64.84
N GLU C 268 22.42 -14.52 -64.30
CA GLU C 268 21.86 -13.46 -65.12
C GLU C 268 22.73 -12.22 -65.14
N LEU C 269 23.71 -12.12 -64.24
CA LEU C 269 24.64 -11.01 -64.20
C LEU C 269 25.92 -11.40 -64.93
N GLU C 270 26.36 -10.54 -65.85
CA GLU C 270 27.56 -10.82 -66.63
C GLU C 270 28.77 -10.01 -66.19
N SER C 271 28.57 -8.88 -65.51
CA SER C 271 29.68 -8.07 -65.08
C SER C 271 30.50 -8.81 -64.02
N PRO C 272 31.82 -8.91 -64.20
CA PRO C 272 32.61 -9.69 -63.25
C PRO C 272 32.77 -9.03 -61.90
N GLY C 273 32.94 -7.72 -61.86
CA GLY C 273 33.13 -7.04 -60.59
C GLY C 273 31.94 -7.18 -59.67
N SER C 274 30.74 -6.91 -60.18
CA SER C 274 29.53 -7.03 -59.38
C SER C 274 29.17 -8.48 -59.08
N GLN C 275 29.62 -9.43 -59.90
CA GLN C 275 29.40 -10.85 -59.63
C GLN C 275 30.30 -11.34 -58.50
N SER C 276 31.57 -10.95 -58.52
CA SER C 276 32.46 -11.28 -57.43
C SER C 276 32.07 -10.55 -56.14
N GLN C 277 31.60 -9.31 -56.26
CA GLN C 277 31.11 -8.60 -55.10
C GLN C 277 29.84 -9.23 -54.56
N LEU C 278 29.04 -9.85 -55.44
CA LEU C 278 27.89 -10.61 -54.97
C LEU C 278 28.34 -11.80 -54.11
N SER C 279 29.37 -12.50 -54.56
CA SER C 279 29.89 -13.62 -53.78
C SER C 279 30.47 -13.15 -52.45
N GLU C 280 31.22 -12.04 -52.47
CA GLU C 280 31.75 -11.48 -51.24
C GLU C 280 30.63 -11.08 -50.30
N TYR C 281 29.57 -10.46 -50.83
CA TYR C 281 28.44 -10.05 -50.01
C TYR C 281 27.75 -11.25 -49.39
N CYS C 282 27.54 -12.31 -50.17
CA CYS C 282 26.90 -13.51 -49.64
C CYS C 282 27.77 -14.17 -48.57
N ALA C 283 29.07 -14.27 -48.81
CA ALA C 283 29.95 -14.91 -47.83
C ALA C 283 30.02 -14.11 -46.54
N GLY C 284 30.18 -12.79 -46.66
CA GLY C 284 30.20 -11.96 -45.47
C GLY C 284 28.87 -11.98 -44.73
N LEU C 285 27.77 -12.07 -45.48
CA LEU C 285 26.46 -12.20 -44.86
C LEU C 285 26.35 -13.48 -44.07
N LYS C 286 26.82 -14.59 -44.64
CA LYS C 286 26.81 -15.86 -43.91
C LYS C 286 27.65 -15.77 -42.65
N LEU C 287 28.85 -15.18 -42.76
CA LEU C 287 29.73 -15.06 -41.61
C LEU C 287 29.10 -14.21 -40.51
N TYR C 288 28.52 -13.07 -40.90
CA TYR C 288 27.94 -12.16 -39.92
C TYR C 288 26.72 -12.78 -39.26
N PHE C 289 25.88 -13.47 -40.04
CA PHE C 289 24.72 -14.15 -39.49
C PHE C 289 25.15 -15.22 -38.49
N ASP C 290 26.16 -16.00 -38.84
CA ASP C 290 26.66 -17.02 -37.93
C ASP C 290 27.22 -16.40 -36.66
N LYS C 291 27.88 -15.25 -36.79
CA LYS C 291 28.49 -14.59 -35.64
C LYS C 291 27.47 -13.89 -34.75
N CYS C 292 26.31 -13.50 -35.28
CA CYS C 292 25.40 -12.64 -34.54
C CYS C 292 24.06 -13.29 -34.18
N LEU C 293 23.77 -14.49 -34.67
CA LEU C 293 22.54 -15.18 -34.25
C LEU C 293 22.50 -15.35 -32.73
N GLY C 294 23.59 -15.81 -32.14
CA GLY C 294 23.65 -16.05 -30.72
C GLY C 294 23.83 -14.81 -29.88
N ASN C 295 23.85 -13.63 -30.49
CA ASN C 295 24.10 -12.39 -29.75
C ASN C 295 22.95 -11.40 -29.84
N MET C 296 22.52 -11.03 -31.05
CA MET C 296 21.54 -9.96 -31.18
C MET C 296 20.26 -10.36 -31.90
N LEU C 297 20.13 -11.61 -32.34
CA LEU C 297 18.99 -11.98 -33.18
C LEU C 297 18.04 -12.98 -32.54
N LEU C 298 18.04 -13.14 -31.22
CA LEU C 298 17.16 -14.08 -30.56
C LEU C 298 16.38 -13.40 -29.45
N TYR C 299 15.09 -13.70 -29.36
CA TYR C 299 14.29 -13.33 -28.21
C TYR C 299 14.69 -14.20 -27.01
N ARG C 300 14.28 -13.77 -25.82
CA ARG C 300 14.59 -14.55 -24.62
C ARG C 300 13.92 -15.92 -24.67
N LEU C 301 12.72 -16.00 -25.25
CA LEU C 301 12.01 -17.27 -25.31
C LEU C 301 12.78 -18.31 -26.11
N GLU C 302 13.34 -17.92 -27.25
CA GLU C 302 14.07 -18.85 -28.09
C GLU C 302 15.46 -19.16 -27.58
N ARG C 303 15.92 -18.46 -26.53
CA ARG C 303 17.22 -18.76 -25.94
C ARG C 303 17.28 -20.17 -25.37
N LEU C 304 16.15 -20.69 -24.87
CA LEU C 304 16.15 -22.05 -24.33
C LEU C 304 16.38 -23.07 -25.43
N GLN C 305 15.67 -22.94 -26.55
CA GLN C 305 15.89 -23.84 -27.68
C GLN C 305 17.29 -23.65 -28.27
N TYR C 306 17.78 -22.42 -28.26
CA TYR C 306 19.16 -22.17 -28.69
C TYR C 306 20.15 -22.92 -27.82
N ASP C 307 19.97 -22.86 -26.50
CA ASP C 307 20.86 -23.59 -25.60
C ASP C 307 20.73 -25.09 -25.80
N GLU C 308 19.52 -25.57 -26.05
CA GLU C 308 19.33 -27.00 -26.28
C GLU C 308 20.08 -27.45 -27.53
N LEU C 309 19.97 -26.68 -28.62
CA LEU C 309 20.72 -27.02 -29.83
C LEU C 309 22.21 -26.93 -29.58
N LEU C 310 22.65 -25.93 -28.81
CA LEU C 310 24.07 -25.79 -28.49
C LEU C 310 24.59 -27.01 -27.76
N LYS C 311 23.86 -27.48 -26.75
CA LYS C 311 24.31 -28.64 -26.00
C LYS C 311 24.22 -29.92 -26.81
N LYS C 312 23.20 -30.04 -27.67
CA LYS C 312 23.12 -31.21 -28.53
C LYS C 312 24.30 -31.27 -29.49
N SER C 313 24.70 -30.12 -30.04
CA SER C 313 25.89 -30.09 -30.90
C SER C 313 27.16 -30.35 -30.11
N SER C 314 27.26 -29.81 -28.89
CA SER C 314 28.44 -30.03 -28.06
C SER C 314 28.58 -31.48 -27.60
N LYS C 315 27.46 -32.20 -27.52
CA LYS C 315 27.51 -33.61 -27.18
C LYS C 315 28.26 -34.44 -28.21
N ASP C 316 28.32 -33.97 -29.46
CA ASP C 316 29.07 -34.64 -30.51
C ASP C 316 30.41 -33.97 -30.78
N GLN C 317 30.80 -33.00 -29.94
CA GLN C 317 32.00 -32.20 -30.16
C GLN C 317 31.97 -31.50 -31.52
N LYS C 318 30.78 -31.26 -32.03
CA LYS C 318 30.56 -30.65 -33.33
C LYS C 318 30.42 -29.15 -33.20
N PRO C 319 30.74 -28.40 -34.26
CA PRO C 319 30.52 -26.95 -34.22
C PRO C 319 29.09 -26.58 -34.56
N LEU C 320 28.77 -25.29 -34.55
CA LEU C 320 27.42 -24.81 -34.80
C LEU C 320 27.39 -24.07 -36.13
N VAL C 321 26.44 -24.45 -36.99
CA VAL C 321 26.29 -23.83 -38.30
C VAL C 321 24.86 -23.30 -38.39
N PRO C 322 24.60 -22.11 -37.86
CA PRO C 322 23.22 -21.60 -37.84
C PRO C 322 22.59 -21.43 -39.21
N ILE C 323 23.40 -21.10 -40.24
CA ILE C 323 22.87 -20.96 -41.58
C ILE C 323 22.28 -22.26 -42.09
N ARG C 324 22.70 -23.39 -41.53
CA ARG C 324 22.19 -24.70 -41.91
C ARG C 324 21.06 -25.17 -41.00
N ILE C 325 20.74 -24.40 -39.95
CA ILE C 325 19.62 -24.74 -39.09
C ILE C 325 18.51 -23.72 -39.30
N TYR C 326 18.82 -22.46 -39.01
CA TYR C 326 17.89 -21.37 -39.19
C TYR C 326 17.73 -21.04 -40.67
N GLY C 327 16.59 -20.45 -41.01
CA GLY C 327 16.34 -20.14 -42.40
C GLY C 327 15.19 -19.21 -42.72
N ALA C 328 15.49 -18.23 -43.59
CA ALA C 328 14.52 -17.39 -44.29
C ALA C 328 13.81 -16.41 -43.37
N ILE C 329 13.92 -16.60 -42.06
CA ILE C 329 13.24 -15.71 -41.12
C ILE C 329 14.15 -15.13 -40.06
N HIS C 330 15.18 -15.85 -39.61
CA HIS C 330 16.23 -15.22 -38.83
C HIS C 330 17.24 -14.51 -39.71
N LEU C 331 17.40 -14.96 -40.96
CA LEU C 331 18.07 -14.13 -41.95
C LEU C 331 17.26 -12.88 -42.24
N LEU C 332 15.93 -13.03 -42.37
CA LEU C 332 15.09 -11.86 -42.59
C LEU C 332 15.18 -10.89 -41.43
N ARG C 333 15.17 -11.40 -40.20
CA ARG C 333 15.34 -10.54 -39.04
C ARG C 333 16.77 -10.04 -38.90
N LEU C 334 17.73 -10.69 -39.56
CA LEU C 334 19.10 -10.22 -39.50
C LEU C 334 19.23 -8.86 -40.18
N ILE C 335 18.70 -8.71 -41.39
CA ILE C 335 18.69 -7.40 -42.01
C ILE C 335 17.44 -6.67 -41.56
N SER C 336 17.48 -6.17 -40.34
CA SER C 336 16.58 -5.13 -39.86
C SER C 336 17.27 -4.10 -39.01
N VAL C 337 18.40 -4.45 -38.38
CA VAL C 337 19.19 -3.53 -37.57
C VAL C 337 20.46 -3.09 -38.27
N LEU C 338 20.61 -3.42 -39.55
CA LEU C 338 21.80 -3.04 -40.29
C LEU C 338 22.05 -1.52 -40.28
N PRO C 339 21.05 -0.66 -40.46
CA PRO C 339 21.32 0.77 -40.23
C PRO C 339 21.79 1.06 -38.82
N GLU C 340 21.29 0.33 -37.83
CA GLU C 340 21.71 0.51 -36.45
C GLU C 340 23.06 -0.14 -36.17
N LEU C 341 23.51 -1.06 -37.02
CA LEU C 341 24.81 -1.70 -36.86
C LEU C 341 25.92 -0.92 -37.53
N ILE C 342 25.69 -0.45 -38.76
CA ILE C 342 26.69 0.32 -39.48
C ILE C 342 26.90 1.69 -38.81
N SER C 343 25.85 2.25 -38.21
CA SER C 343 25.95 3.58 -37.62
C SER C 343 27.03 3.64 -36.55
N SER C 344 27.17 2.58 -35.75
CA SER C 344 28.18 2.53 -34.71
C SER C 344 29.44 1.82 -35.20
N THR C 345 29.98 2.33 -36.30
CA THR C 345 31.23 1.80 -36.86
C THR C 345 32.09 2.98 -37.31
N THR C 346 33.21 2.67 -37.95
CA THR C 346 34.10 3.67 -38.53
C THR C 346 34.18 3.50 -40.04
N MET C 347 33.23 2.78 -40.62
CA MET C 347 33.26 2.48 -42.04
C MET C 347 32.75 3.68 -42.83
N ASP C 348 33.06 3.70 -44.13
CA ASP C 348 32.85 4.87 -44.97
C ASP C 348 31.36 4.98 -45.36
N LEU C 349 31.08 5.86 -46.32
CA LEU C 349 29.72 6.12 -46.76
C LEU C 349 29.35 5.33 -48.02
N GLN C 350 30.19 5.39 -49.06
CA GLN C 350 29.89 4.69 -50.30
C GLN C 350 29.91 3.17 -50.13
N SER C 351 30.76 2.64 -49.26
CA SER C 351 30.72 1.23 -48.95
C SER C 351 29.43 0.87 -48.25
N CYS C 352 28.97 1.73 -47.35
CA CYS C 352 27.65 1.57 -46.76
C CYS C 352 26.57 1.64 -47.83
N GLN C 353 26.71 2.55 -48.78
CA GLN C 353 25.74 2.63 -49.88
C GLN C 353 25.74 1.36 -50.71
N LEU C 354 26.92 0.82 -51.02
CA LEU C 354 27.00 -0.41 -51.77
C LEU C 354 26.35 -1.56 -51.01
N LEU C 355 26.63 -1.66 -49.72
CA LEU C 355 26.04 -2.73 -48.91
C LEU C 355 24.53 -2.60 -48.85
N ILE C 356 24.04 -1.37 -48.69
CA ILE C 356 22.59 -1.14 -48.66
C ILE C 356 21.97 -1.55 -49.98
N LYS C 357 22.61 -1.20 -51.10
CA LYS C 357 22.08 -1.58 -52.40
C LYS C 357 22.04 -3.09 -52.56
N GLN C 358 23.10 -3.77 -52.13
CA GLN C 358 23.12 -5.23 -52.20
C GLN C 358 21.99 -5.83 -51.38
N THR C 359 21.77 -5.31 -50.17
CA THR C 359 20.68 -5.78 -49.34
C THR C 359 19.34 -5.54 -50.01
N GLU C 360 19.17 -4.39 -50.66
CA GLU C 360 17.92 -4.10 -51.34
C GLU C 360 17.67 -5.07 -52.48
N ASP C 361 18.70 -5.36 -53.27
CA ASP C 361 18.54 -6.31 -54.36
C ASP C 361 18.20 -7.70 -53.84
N PHE C 362 18.86 -8.11 -52.76
CA PHE C 362 18.52 -9.41 -52.16
C PHE C 362 17.09 -9.42 -51.66
N LEU C 363 16.64 -8.32 -51.07
CA LEU C 363 15.27 -8.22 -50.60
C LEU C 363 14.29 -8.36 -51.75
N VAL C 364 14.58 -7.72 -52.88
CA VAL C 364 13.70 -7.83 -54.04
C VAL C 364 13.68 -9.27 -54.54
N TRP C 365 14.84 -9.89 -54.67
CA TRP C 365 14.89 -11.27 -55.14
C TRP C 365 14.06 -12.17 -54.22
N LEU C 366 14.16 -11.95 -52.91
CA LEU C 366 13.30 -12.68 -51.99
C LEU C 366 11.84 -12.36 -52.25
N LEU C 367 11.54 -11.10 -52.59
CA LEU C 367 10.16 -10.70 -52.80
C LEU C 367 9.51 -11.46 -53.95
N MET C 368 10.26 -11.69 -55.03
CA MET C 368 9.72 -12.55 -56.10
C MET C 368 9.47 -13.96 -55.59
N HIS C 369 10.43 -14.54 -54.88
CA HIS C 369 10.25 -15.88 -54.32
C HIS C 369 9.75 -15.78 -52.88
N VAL C 370 8.52 -15.28 -52.77
CA VAL C 370 7.90 -15.05 -51.47
C VAL C 370 6.74 -15.99 -51.18
N ASP C 371 6.14 -16.61 -52.20
CA ASP C 371 5.03 -17.52 -52.02
C ASP C 371 5.48 -18.91 -51.59
N GLU C 372 6.74 -19.07 -51.18
CA GLU C 372 7.28 -20.38 -50.84
C GLU C 372 8.12 -20.41 -49.57
N TYR C 373 8.50 -19.26 -49.01
CA TYR C 373 9.32 -19.24 -47.80
C TYR C 373 8.53 -18.96 -46.53
N PHE C 374 7.38 -18.29 -46.63
CA PHE C 374 6.50 -18.03 -45.49
C PHE C 374 5.09 -18.38 -45.93
N ASN C 375 4.70 -19.62 -45.66
CA ASN C 375 3.39 -20.14 -46.03
C ASN C 375 2.55 -20.35 -44.78
N ASP C 376 1.24 -20.18 -44.94
CA ASP C 376 0.31 -20.25 -43.81
C ASP C 376 -0.07 -21.71 -43.57
N LYS C 377 0.49 -22.29 -42.51
CA LYS C 377 0.10 -23.60 -42.02
C LYS C 377 -0.03 -23.55 -40.51
N ASP C 378 -1.07 -24.20 -40.00
CA ASP C 378 -1.23 -24.18 -38.55
C ASP C 378 -0.49 -25.33 -37.90
N PRO C 379 0.21 -25.08 -36.79
CA PRO C 379 0.84 -26.18 -36.06
C PRO C 379 -0.16 -27.24 -35.63
N ASN C 380 -1.38 -26.85 -35.28
CA ASN C 380 -2.40 -27.82 -34.91
C ASN C 380 -2.87 -28.60 -36.13
N ARG C 381 -2.89 -27.97 -37.30
CA ARG C 381 -3.29 -28.65 -38.53
C ARG C 381 -2.13 -29.17 -39.36
N SER C 382 -0.92 -28.71 -39.11
CA SER C 382 0.24 -29.13 -39.90
C SER C 382 1.46 -29.28 -39.00
N ASP C 383 2.08 -30.45 -39.05
CA ASP C 383 3.35 -30.65 -38.36
C ASP C 383 4.48 -29.93 -39.04
N ASP C 384 4.42 -29.76 -40.36
CA ASP C 384 5.44 -29.05 -41.11
C ASP C 384 5.22 -27.53 -41.07
N ALA C 385 4.31 -27.05 -40.24
CA ALA C 385 4.09 -25.62 -40.10
C ALA C 385 5.38 -24.95 -39.63
N LEU C 386 5.59 -23.73 -40.13
CA LEU C 386 6.82 -23.01 -39.81
C LEU C 386 7.00 -22.79 -38.33
N TYR C 387 5.93 -22.81 -37.55
CA TYR C 387 5.98 -22.66 -36.10
C TYR C 387 5.45 -23.91 -35.43
N VAL C 388 5.88 -24.10 -34.19
CA VAL C 388 5.51 -25.26 -33.39
C VAL C 388 5.04 -24.77 -32.03
N ASN C 389 4.04 -25.44 -31.47
CA ASN C 389 3.58 -25.11 -30.14
C ASN C 389 4.59 -25.60 -29.11
N THR C 390 4.77 -24.80 -28.07
CA THR C 390 5.73 -25.11 -27.03
C THR C 390 5.02 -25.69 -25.81
N SER C 391 5.80 -26.36 -24.97
CA SER C 391 5.26 -27.00 -23.78
C SER C 391 5.32 -26.05 -22.60
N SER C 392 4.45 -26.32 -21.62
CA SER C 392 4.38 -25.48 -20.44
C SER C 392 5.71 -25.49 -19.68
N GLN C 393 6.33 -26.66 -19.57
CA GLN C 393 7.61 -26.75 -18.89
C GLN C 393 8.69 -25.96 -19.65
N TYR C 394 8.69 -26.09 -20.97
CA TYR C 394 9.65 -25.36 -21.79
C TYR C 394 9.47 -23.86 -21.64
N GLU C 395 8.22 -23.40 -21.74
CA GLU C 395 7.94 -21.98 -21.56
C GLU C 395 8.36 -21.52 -20.18
N GLY C 396 8.12 -22.36 -19.15
CA GLY C 396 8.46 -21.96 -17.80
C GLY C 396 9.98 -21.78 -17.65
N VAL C 397 10.75 -22.77 -18.11
CA VAL C 397 12.20 -22.64 -17.94
C VAL C 397 12.73 -21.50 -18.78
N ALA C 398 12.21 -21.30 -19.99
CA ALA C 398 12.72 -20.26 -20.86
C ALA C 398 12.46 -18.88 -20.27
N LEU C 399 11.24 -18.65 -19.80
CA LEU C 399 10.85 -17.32 -19.36
C LEU C 399 10.93 -17.11 -17.85
N GLY C 400 11.51 -18.05 -17.10
CA GLY C 400 11.67 -17.84 -15.68
C GLY C 400 13.11 -17.50 -15.39
N MET C 401 14.03 -18.07 -16.16
CA MET C 401 15.45 -17.76 -16.04
C MET C 401 16.09 -17.65 -17.42
N LEU D 96 23.51 -41.12 29.38
CA LEU D 96 23.43 -39.96 28.51
C LEU D 96 22.93 -38.73 29.28
N ASN D 97 23.68 -37.62 29.16
CA ASN D 97 23.31 -36.36 29.80
C ASN D 97 23.25 -35.28 28.72
N GLU D 98 22.10 -35.18 28.07
CA GLU D 98 21.86 -34.14 27.09
C GLU D 98 21.59 -32.81 27.80
N PRO D 99 21.71 -31.68 27.07
CA PRO D 99 21.36 -30.40 27.68
C PRO D 99 19.93 -30.40 28.21
N SER D 100 19.74 -29.73 29.34
CA SER D 100 18.54 -29.88 30.17
C SER D 100 17.23 -29.83 29.40
N THR D 101 16.92 -28.69 28.78
CA THR D 101 15.63 -28.54 28.10
C THR D 101 15.82 -27.45 27.03
N ILE D 102 14.85 -27.36 26.12
CA ILE D 102 14.85 -26.35 25.07
C ILE D 102 14.26 -25.09 25.72
N SER D 103 15.14 -24.18 26.14
CA SER D 103 14.67 -22.95 26.76
C SER D 103 13.85 -22.11 25.79
N GLU D 104 14.29 -22.02 24.53
CA GLU D 104 13.52 -21.33 23.50
C GLU D 104 12.49 -22.28 22.88
N ASP D 105 11.56 -22.71 23.73
CA ASP D 105 10.58 -23.71 23.34
C ASP D 105 9.41 -23.08 22.57
N SER D 106 8.68 -22.19 23.22
CA SER D 106 7.49 -21.58 22.64
C SER D 106 7.87 -20.22 22.06
N LYS D 107 7.90 -20.13 20.73
CA LYS D 107 8.29 -18.91 20.04
C LYS D 107 7.09 -18.13 19.54
N VAL D 108 6.27 -18.75 18.65
CA VAL D 108 5.13 -18.07 18.07
C VAL D 108 4.27 -19.13 17.39
N SER D 109 2.98 -18.82 17.22
CA SER D 109 2.06 -19.71 16.53
C SER D 109 1.14 -18.87 15.65
N VAL D 110 0.19 -19.54 14.99
CA VAL D 110 -0.78 -18.83 14.16
C VAL D 110 -1.64 -17.90 15.00
N THR D 111 -1.95 -18.32 16.23
CA THR D 111 -2.76 -17.52 17.13
C THR D 111 -2.04 -16.25 17.55
N GLY D 112 -0.81 -16.07 17.08
CA GLY D 112 0.04 -14.96 17.48
C GLY D 112 0.75 -15.25 18.78
N LEU D 113 0.06 -15.91 19.70
CA LEU D 113 0.65 -16.37 20.94
C LEU D 113 1.61 -17.52 20.67
N PRO D 114 2.51 -17.82 21.61
CA PRO D 114 3.48 -18.90 21.38
C PRO D 114 2.85 -20.28 21.48
N LEU D 115 1.53 -20.36 21.42
CA LEU D 115 0.71 -21.56 21.51
C LEU D 115 0.72 -22.14 22.92
N ASN D 116 1.43 -21.53 23.85
CA ASN D 116 1.53 -22.02 25.22
C ASN D 116 1.05 -21.03 26.25
N LYS D 117 0.40 -19.94 25.84
CA LYS D 117 -0.10 -18.93 26.77
C LYS D 117 -1.61 -18.94 26.91
N GLY D 118 -2.35 -18.99 25.81
CA GLY D 118 -3.77 -19.26 25.88
C GLY D 118 -4.66 -18.11 25.47
N PRO D 119 -5.54 -17.69 26.38
CA PRO D 119 -6.63 -16.78 26.01
C PRO D 119 -6.20 -15.48 25.36
N SER D 120 -5.08 -14.89 25.79
CA SER D 120 -4.67 -13.57 25.34
C SER D 120 -5.76 -12.53 25.65
N GLU D 121 -5.88 -12.27 26.96
CA GLU D 121 -7.01 -11.57 27.59
C GLU D 121 -7.60 -10.44 26.75
N LYS D 122 -6.77 -9.71 26.01
CA LYS D 122 -7.29 -8.75 25.05
C LYS D 122 -8.26 -9.42 24.09
N ILE D 123 -7.90 -10.59 23.57
CA ILE D 123 -8.82 -11.34 22.72
C ILE D 123 -10.02 -11.85 23.52
N LYS D 124 -9.81 -12.23 24.78
CA LYS D 124 -10.93 -12.63 25.63
C LYS D 124 -11.99 -11.54 25.67
N ARG D 125 -11.57 -10.30 25.93
CA ARG D 125 -12.52 -9.19 25.91
C ARG D 125 -13.06 -8.95 24.51
N GLU D 126 -12.23 -9.14 23.48
CA GLU D 126 -12.67 -8.91 22.12
C GLU D 126 -13.59 -10.00 21.58
N SER D 127 -13.29 -11.26 21.88
CA SER D 127 -13.94 -12.40 21.22
C SER D 127 -14.89 -13.14 22.13
N LEU D 128 -15.47 -12.44 23.11
CA LEU D 128 -16.43 -13.06 24.01
C LEU D 128 -17.68 -12.21 24.11
N TRP D 129 -18.56 -12.55 25.05
CA TRP D 129 -19.79 -11.81 25.29
C TRP D 129 -19.69 -10.87 26.49
N ASN D 130 -19.19 -11.37 27.61
CA ASN D 130 -19.07 -10.56 28.82
C ASN D 130 -17.66 -10.61 29.38
N ASP D 166 -20.91 -48.13 17.57
CA ASP D 166 -21.24 -46.74 17.90
C ASP D 166 -20.22 -46.18 18.88
N LEU D 167 -19.04 -46.78 18.90
CA LEU D 167 -18.00 -46.41 19.85
C LEU D 167 -17.16 -45.27 19.29
N LYS D 168 -16.03 -44.99 19.93
CA LYS D 168 -15.13 -43.93 19.49
C LYS D 168 -14.20 -44.48 18.40
N THR D 169 -13.25 -43.64 17.96
CA THR D 169 -12.42 -43.99 16.82
C THR D 169 -11.31 -44.97 17.16
N PHE D 170 -11.20 -45.40 18.42
CA PHE D 170 -10.11 -46.29 18.81
C PHE D 170 -10.21 -47.67 18.19
N LEU D 171 -11.38 -48.07 17.68
CA LEU D 171 -11.55 -49.40 17.10
C LEU D 171 -11.01 -49.51 15.68
N THR D 172 -10.62 -48.41 15.05
CA THR D 172 -10.17 -48.45 13.67
C THR D 172 -8.84 -49.17 13.51
N GLU D 173 -8.07 -49.34 14.59
CA GLU D 173 -6.79 -50.02 14.51
C GLU D 173 -6.97 -51.48 14.10
N ASN D 174 -8.15 -52.05 14.35
CA ASN D 174 -8.36 -53.47 14.17
C ASN D 174 -9.11 -53.82 12.89
N MET D 175 -10.09 -53.00 12.49
CA MET D 175 -10.90 -53.30 11.31
C MET D 175 -10.26 -52.76 10.03
N THR D 176 -9.03 -52.27 10.10
CA THR D 176 -8.28 -51.82 8.93
C THR D 176 -7.44 -52.98 8.43
N GLU D 177 -7.72 -53.42 7.21
CA GLU D 177 -7.03 -54.56 6.61
C GLU D 177 -6.19 -54.05 5.45
N GLU D 178 -4.88 -54.29 5.51
CA GLU D 178 -3.97 -53.81 4.48
C GLU D 178 -4.23 -54.52 3.16
N SER D 179 -4.90 -53.84 2.23
CA SER D 179 -5.25 -54.41 0.94
C SER D 179 -4.20 -53.97 -0.09
N ASN D 180 -3.53 -54.96 -0.69
CA ASN D 180 -2.55 -54.72 -1.75
C ASN D 180 -2.80 -55.71 -2.89
N ILE D 181 -4.05 -55.80 -3.34
CA ILE D 181 -4.44 -56.74 -4.37
C ILE D 181 -4.32 -56.11 -5.77
N ARG D 182 -3.52 -55.05 -5.89
CA ARG D 182 -3.38 -54.31 -7.13
C ARG D 182 -2.77 -55.18 -8.24
N SER D 183 -3.20 -54.92 -9.47
CA SER D 183 -2.65 -55.67 -10.60
C SER D 183 -1.19 -55.35 -10.85
N THR D 184 -0.70 -54.20 -10.38
CA THR D 184 0.70 -53.82 -10.54
C THR D 184 1.45 -53.77 -9.22
N ILE D 185 0.97 -54.53 -8.21
CA ILE D 185 1.59 -54.51 -6.90
C ILE D 185 3.01 -55.07 -6.95
N GLY D 186 3.30 -55.93 -7.93
CA GLY D 186 4.59 -56.58 -8.04
C GLY D 186 5.70 -55.74 -8.63
N TRP D 187 5.43 -54.48 -8.97
CA TRP D 187 6.45 -53.62 -9.54
C TRP D 187 7.33 -53.04 -8.45
N ASN D 259 24.03 -6.79 -9.46
CA ASN D 259 23.73 -5.40 -9.14
C ASN D 259 22.33 -5.02 -9.62
N GLU D 260 22.16 -4.97 -10.93
CA GLU D 260 20.90 -4.54 -11.51
C GLU D 260 19.80 -5.58 -11.25
N ASP D 261 18.57 -5.08 -11.15
CA ASP D 261 17.40 -5.92 -10.98
C ASP D 261 16.83 -6.44 -12.29
N PHE D 262 17.48 -6.14 -13.41
CA PHE D 262 17.07 -6.60 -14.72
C PHE D 262 18.24 -7.28 -15.41
N CYS D 263 17.94 -8.24 -16.28
CA CYS D 263 18.97 -8.79 -17.16
C CYS D 263 19.46 -7.70 -18.09
N SER D 264 20.77 -7.67 -18.32
CA SER D 264 21.29 -6.68 -19.26
C SER D 264 20.94 -7.00 -20.70
N ALA D 265 20.37 -8.17 -20.96
CA ALA D 265 19.92 -8.55 -22.29
C ALA D 265 18.41 -8.56 -22.44
N CYS D 266 17.68 -9.15 -21.48
CA CYS D 266 16.24 -9.19 -21.56
C CYS D 266 15.57 -8.05 -20.81
N ASN D 267 16.31 -7.30 -19.99
CA ASN D 267 15.76 -6.22 -19.18
C ASN D 267 14.59 -6.71 -18.33
N GLN D 268 14.76 -7.90 -17.77
CA GLN D 268 13.76 -8.51 -16.93
C GLN D 268 14.42 -9.03 -15.66
N SER D 269 13.63 -9.11 -14.60
CA SER D 269 14.12 -9.69 -13.35
C SER D 269 14.18 -11.21 -13.48
N GLY D 270 14.79 -11.83 -12.48
CA GLY D 270 14.95 -13.27 -12.47
C GLY D 270 16.36 -13.64 -12.10
N SER D 271 16.77 -14.83 -12.52
CA SER D 271 18.10 -15.33 -12.21
C SER D 271 19.16 -14.42 -12.82
N PHE D 272 20.12 -14.02 -12.00
CA PHE D 272 21.09 -13.00 -12.37
C PHE D 272 22.50 -13.50 -12.15
N LEU D 273 23.30 -13.47 -13.20
CA LEU D 273 24.73 -13.72 -13.12
C LEU D 273 25.39 -12.36 -13.24
N CYS D 274 25.47 -11.65 -12.12
CA CYS D 274 26.03 -10.31 -12.12
C CYS D 274 27.55 -10.37 -12.20
N CYS D 275 28.16 -9.26 -12.59
CA CYS D 275 29.59 -9.16 -12.77
C CYS D 275 30.20 -8.26 -11.69
N ASP D 276 31.52 -8.26 -11.63
CA ASP D 276 32.28 -7.44 -10.70
C ASP D 276 33.09 -6.36 -11.38
N THR D 277 33.71 -6.67 -12.51
CA THR D 277 34.43 -5.63 -13.27
C THR D 277 33.49 -4.56 -13.77
N CYS D 278 32.34 -4.96 -14.31
CA CYS D 278 31.31 -4.03 -14.73
C CYS D 278 30.01 -4.36 -14.00
N PRO D 279 29.41 -3.40 -13.30
CA PRO D 279 28.20 -3.71 -12.54
C PRO D 279 27.01 -3.97 -13.45
N LYS D 280 26.97 -5.15 -14.06
CA LYS D 280 25.89 -5.53 -14.95
C LYS D 280 25.23 -6.79 -14.43
N SER D 281 23.97 -6.97 -14.82
CA SER D 281 23.18 -8.12 -14.40
C SER D 281 22.59 -8.78 -15.63
N PHE D 282 22.81 -10.09 -15.75
CA PHE D 282 22.38 -10.85 -16.91
C PHE D 282 21.58 -12.07 -16.47
N HIS D 283 20.58 -12.44 -17.25
CA HIS D 283 19.96 -13.75 -17.10
C HIS D 283 20.92 -14.83 -17.60
N PHE D 284 20.84 -16.01 -17.00
CA PHE D 284 21.69 -17.10 -17.41
C PHE D 284 21.38 -17.54 -18.84
N LEU D 285 20.11 -17.60 -19.20
CA LEU D 285 19.75 -17.83 -20.60
C LEU D 285 20.12 -16.62 -21.46
N CYS D 286 19.90 -15.41 -20.95
CA CYS D 286 20.28 -14.19 -21.65
C CYS D 286 21.78 -13.97 -21.50
N LEU D 287 22.52 -14.89 -22.10
CA LEU D 287 23.98 -14.85 -22.09
C LEU D 287 24.48 -15.67 -23.27
N ASP D 288 25.55 -15.22 -23.90
CA ASP D 288 26.14 -15.91 -25.04
C ASP D 288 27.48 -16.51 -24.65
N PRO D 289 27.63 -17.83 -24.61
CA PRO D 289 26.60 -18.86 -24.83
C PRO D 289 25.73 -19.05 -23.58
N PRO D 290 24.53 -19.60 -23.73
CA PRO D 290 23.67 -19.84 -22.56
C PRO D 290 24.32 -20.84 -21.62
N ILE D 291 24.52 -20.43 -20.37
CA ILE D 291 25.22 -21.21 -19.37
C ILE D 291 24.20 -21.88 -18.46
N ASP D 292 24.47 -23.14 -18.12
CA ASP D 292 23.60 -23.87 -17.21
C ASP D 292 23.90 -23.43 -15.78
N PRO D 293 22.90 -22.96 -15.02
CA PRO D 293 23.16 -22.58 -13.63
C PRO D 293 23.59 -23.73 -12.74
N ASN D 294 23.32 -24.98 -13.14
CA ASN D 294 23.72 -26.12 -12.33
C ASN D 294 25.24 -26.19 -12.21
N ASN D 295 25.95 -26.12 -13.33
CA ASN D 295 27.41 -26.12 -13.33
C ASN D 295 27.92 -24.68 -13.37
N LEU D 296 27.91 -24.06 -12.18
CA LEU D 296 28.32 -22.68 -12.06
C LEU D 296 29.77 -22.52 -12.47
N PRO D 297 30.13 -21.44 -13.18
CA PRO D 297 31.54 -21.17 -13.46
C PRO D 297 32.40 -21.15 -12.22
N LYS D 298 31.88 -20.62 -11.11
CA LYS D 298 32.58 -20.56 -9.83
C LYS D 298 33.90 -19.81 -9.97
N GLY D 299 33.78 -18.54 -10.36
CA GLY D 299 34.93 -17.70 -10.58
C GLY D 299 34.51 -16.31 -11.01
N ASP D 300 35.49 -15.48 -11.30
CA ASP D 300 35.23 -14.11 -11.72
C ASP D 300 34.68 -14.11 -13.15
N TRP D 301 33.44 -13.64 -13.31
CA TRP D 301 32.78 -13.56 -14.61
C TRP D 301 32.68 -12.09 -15.00
N HIS D 302 33.14 -11.78 -16.21
CA HIS D 302 33.10 -10.43 -16.75
C HIS D 302 32.31 -10.43 -18.05
N CYS D 303 31.62 -9.32 -18.33
CA CYS D 303 30.87 -9.21 -19.56
C CYS D 303 31.81 -9.13 -20.76
N ASN D 304 31.24 -9.30 -21.95
CA ASN D 304 32.02 -9.23 -23.18
C ASN D 304 32.68 -7.87 -23.32
N GLU D 305 31.96 -6.81 -22.97
CA GLU D 305 32.55 -5.47 -22.99
C GLU D 305 33.69 -5.36 -21.99
N CYS D 306 33.52 -5.95 -20.79
CA CYS D 306 34.60 -5.96 -19.81
C CYS D 306 35.80 -6.74 -20.34
N LYS D 307 35.55 -7.88 -20.99
CA LYS D 307 36.64 -8.66 -21.53
C LYS D 307 37.41 -7.88 -22.58
N PHE D 308 36.69 -7.18 -23.47
CA PHE D 308 37.37 -6.37 -24.48
C PHE D 308 38.13 -5.22 -23.84
N LYS D 309 37.53 -4.56 -22.84
CA LYS D 309 38.18 -3.42 -22.19
C LYS D 309 39.42 -3.83 -21.41
N ILE D 310 39.49 -5.08 -20.95
CA ILE D 310 40.65 -5.53 -20.18
C ILE D 310 41.72 -6.11 -21.09
N PHE D 311 41.36 -7.04 -21.96
CA PHE D 311 42.36 -7.74 -22.76
C PHE D 311 42.87 -6.89 -23.92
N ILE D 312 42.03 -6.09 -24.55
CA ILE D 312 42.33 -5.45 -25.82
C ILE D 312 42.50 -3.94 -25.66
N ASN D 313 41.68 -3.31 -24.82
CA ASN D 313 41.54 -1.86 -24.87
C ASN D 313 42.75 -1.13 -24.31
N ASN D 314 43.86 -1.18 -25.04
CA ASN D 314 44.94 -0.20 -24.87
C ASN D 314 44.55 1.02 -25.68
N SER D 315 44.49 2.19 -25.01
CA SER D 315 43.86 3.39 -25.55
C SER D 315 44.25 3.70 -27.00
N MET D 316 45.48 3.35 -27.39
CA MET D 316 45.94 3.56 -28.76
C MET D 316 46.07 2.26 -29.54
N ALA D 317 46.47 1.17 -28.89
CA ALA D 317 46.71 -0.08 -29.59
C ALA D 317 45.46 -0.70 -30.18
N THR D 318 44.26 -0.30 -29.72
CA THR D 318 43.03 -0.85 -30.28
C THR D 318 42.95 -0.59 -31.79
N LEU D 319 43.49 0.54 -32.23
CA LEU D 319 43.58 0.82 -33.67
C LEU D 319 44.44 -0.24 -34.34
N LYS D 320 45.53 -0.64 -33.71
CA LYS D 320 46.38 -1.69 -34.27
C LYS D 320 45.61 -3.00 -34.41
N LYS D 321 44.83 -3.35 -33.38
CA LYS D 321 44.06 -4.60 -33.44
C LYS D 321 43.01 -4.55 -34.55
N ILE D 322 42.27 -3.44 -34.65
CA ILE D 322 41.23 -3.36 -35.67
C ILE D 322 41.84 -3.32 -37.06
N GLU D 323 42.99 -2.64 -37.21
CA GLU D 323 43.68 -2.62 -38.49
C GLU D 323 44.15 -4.02 -38.87
N SER D 324 44.69 -4.76 -37.90
CA SER D 324 45.12 -6.13 -38.18
C SER D 324 43.95 -6.99 -38.60
N ASN D 325 42.82 -6.88 -37.89
CA ASN D 325 41.65 -7.68 -38.25
C ASN D 325 41.14 -7.29 -39.63
N PHE D 326 41.17 -6.00 -39.96
CA PHE D 326 40.74 -5.55 -41.28
C PHE D 326 41.65 -6.09 -42.37
N ILE D 327 42.96 -6.09 -42.13
CA ILE D 327 43.90 -6.57 -43.15
C ILE D 327 43.96 -8.08 -43.22
N LYS D 328 43.44 -8.79 -42.23
CA LYS D 328 43.21 -10.22 -42.37
C LYS D 328 41.88 -10.52 -43.05
N GLN D 329 41.11 -9.49 -43.39
CA GLN D 329 39.83 -9.67 -44.06
C GLN D 329 39.62 -8.72 -45.24
N ASN D 330 40.58 -7.84 -45.54
CA ASN D 330 40.42 -6.95 -46.67
C ASN D 330 40.46 -7.72 -47.99
N ASN D 331 41.41 -8.66 -48.12
CA ASN D 331 41.44 -9.51 -49.31
C ASN D 331 40.19 -10.37 -49.39
N ASN D 332 39.78 -10.95 -48.26
CA ASN D 332 38.53 -11.69 -48.17
C ASN D 332 37.38 -10.71 -48.05
N VAL D 333 36.21 -11.19 -47.64
CA VAL D 333 35.06 -10.32 -47.42
C VAL D 333 35.48 -9.22 -46.44
N LYS D 334 35.44 -7.98 -46.91
CA LYS D 334 35.86 -6.83 -46.12
C LYS D 334 34.74 -5.85 -45.81
N ILE D 335 33.62 -5.94 -46.53
CA ILE D 335 32.46 -5.12 -46.20
C ILE D 335 31.95 -5.48 -44.82
N PHE D 336 32.04 -6.76 -44.44
CA PHE D 336 31.60 -7.24 -43.15
C PHE D 336 32.73 -7.31 -42.13
N ALA D 337 33.96 -6.97 -42.53
CA ALA D 337 35.11 -7.13 -41.64
C ALA D 337 35.00 -6.23 -40.42
N LYS D 338 34.60 -4.97 -40.62
CA LYS D 338 34.43 -4.06 -39.50
C LYS D 338 33.37 -4.57 -38.53
N LEU D 339 32.23 -4.99 -39.05
CA LEU D 339 31.16 -5.52 -38.22
C LEU D 339 31.60 -6.81 -37.52
N LEU D 340 32.27 -7.69 -38.26
CA LEU D 340 32.73 -8.95 -37.67
C LEU D 340 33.71 -8.70 -36.53
N PHE D 341 34.59 -7.71 -36.70
CA PHE D 341 35.47 -7.32 -35.61
C PHE D 341 34.70 -6.76 -34.43
N ASN D 342 33.76 -5.84 -34.68
CA ASN D 342 33.18 -5.07 -33.61
C ASN D 342 32.17 -5.85 -32.79
N ILE D 343 31.49 -6.82 -33.39
CA ILE D 343 30.45 -7.56 -32.67
C ILE D 343 31.07 -8.44 -31.59
N ASP D 344 32.38 -8.61 -31.62
CA ASP D 344 33.08 -9.34 -30.57
C ASP D 344 33.27 -8.51 -29.31
N SER D 345 32.94 -7.23 -29.35
CA SER D 345 33.10 -6.34 -28.22
C SER D 345 31.81 -6.10 -27.46
N HIS D 346 30.70 -6.73 -27.88
CA HIS D 346 29.39 -6.40 -27.38
C HIS D 346 28.82 -7.54 -26.55
N ASN D 347 28.03 -7.18 -25.57
CA ASN D 347 27.26 -8.09 -24.75
C ASN D 347 26.04 -8.59 -25.52
N PRO D 348 25.61 -9.82 -25.29
CA PRO D 348 24.39 -10.31 -25.94
C PRO D 348 23.17 -9.53 -25.47
N LYS D 349 22.22 -9.35 -26.38
CA LYS D 349 20.99 -8.63 -26.09
C LYS D 349 19.81 -9.37 -26.71
N GLN D 350 18.65 -9.21 -26.09
CA GLN D 350 17.43 -9.77 -26.65
C GLN D 350 17.05 -9.03 -27.93
N PHE D 351 16.60 -9.78 -28.92
CA PHE D 351 16.31 -9.21 -30.24
C PHE D 351 15.01 -8.42 -30.18
N GLN D 352 15.06 -7.18 -30.68
CA GLN D 352 13.90 -6.32 -30.78
C GLN D 352 13.80 -5.71 -32.16
N LEU D 353 12.58 -5.40 -32.59
CA LEU D 353 12.37 -4.80 -33.89
C LEU D 353 12.94 -3.38 -33.91
N PRO D 354 13.36 -2.87 -35.08
CA PRO D 354 14.13 -1.62 -35.10
C PRO D 354 13.28 -0.35 -35.07
N ASN D 355 12.25 -0.32 -34.22
CA ASN D 355 11.57 0.91 -33.85
C ASN D 355 10.84 1.59 -35.00
N TYR D 356 10.93 1.03 -36.21
CA TYR D 356 10.25 1.61 -37.36
C TYR D 356 9.42 0.62 -38.16
N ILE D 357 9.76 -0.68 -38.12
CA ILE D 357 8.87 -1.67 -38.69
C ILE D 357 7.54 -1.66 -37.96
N LYS D 358 7.58 -1.51 -36.64
CA LYS D 358 6.35 -1.40 -35.86
C LYS D 358 5.56 -0.17 -36.26
N GLU D 359 6.24 0.98 -36.40
CA GLU D 359 5.57 2.21 -36.78
C GLU D 359 4.95 2.14 -38.16
N THR D 360 5.37 1.19 -38.99
CA THR D 360 4.73 0.98 -40.28
C THR D 360 3.28 0.56 -40.13
N PHE D 361 2.90 0.06 -38.96
CA PHE D 361 1.53 -0.36 -38.69
C PHE D 361 0.99 0.40 -37.48
N PRO D 362 0.05 1.32 -37.67
CA PRO D 362 -0.53 2.02 -36.52
C PRO D 362 -1.64 1.22 -35.85
N ALA D 363 -1.37 -0.05 -35.56
CA ALA D 363 -2.32 -0.89 -34.85
C ALA D 363 -1.64 -1.82 -33.86
N VAL D 364 -0.36 -1.60 -33.57
CA VAL D 364 0.42 -2.48 -32.71
C VAL D 364 1.14 -1.64 -31.66
N LYS D 365 1.29 -2.21 -30.48
CA LYS D 365 1.97 -1.52 -29.38
C LYS D 365 2.76 -2.54 -28.59
N THR D 366 3.84 -2.07 -27.97
CA THR D 366 4.72 -2.93 -27.19
C THR D 366 4.20 -3.04 -25.76
N GLY D 367 4.19 -4.27 -25.23
CA GLY D 367 3.73 -4.48 -23.87
C GLY D 367 4.70 -3.98 -22.81
N SER D 368 4.60 -4.54 -21.60
CA SER D 368 5.41 -4.06 -20.49
C SER D 368 6.87 -4.43 -20.65
N ARG D 369 7.17 -5.73 -20.68
CA ARG D 369 8.54 -6.18 -20.87
C ARG D 369 8.98 -6.18 -22.33
N GLY D 370 8.07 -5.89 -23.26
CA GLY D 370 8.42 -5.82 -24.66
C GLY D 370 7.53 -6.67 -25.53
N GLN D 371 6.41 -7.11 -24.97
CA GLN D 371 5.57 -8.10 -25.64
C GLN D 371 4.68 -7.44 -26.68
N TYR D 372 4.11 -8.29 -27.52
CA TYR D 372 3.18 -7.85 -28.55
C TYR D 372 1.86 -7.43 -27.93
N SER D 373 1.24 -6.40 -28.51
CA SER D 373 -0.06 -5.94 -28.03
C SER D 373 -0.77 -5.22 -29.17
N ASP D 374 -2.05 -5.54 -29.36
CA ASP D 374 -2.81 -5.00 -30.47
C ASP D 374 -4.14 -4.41 -30.02
N GLU D 375 -5.02 -4.11 -30.98
CA GLU D 375 -6.33 -3.49 -30.80
C GLU D 375 -7.32 -4.38 -30.07
N ASN D 376 -6.97 -5.60 -29.66
CA ASN D 376 -7.91 -6.50 -29.00
C ASN D 376 -7.40 -6.91 -27.63
N ASP D 377 -6.63 -6.03 -26.99
CA ASP D 377 -6.02 -6.37 -25.70
C ASP D 377 -6.93 -6.09 -24.51
N LYS D 378 -7.81 -5.10 -24.60
CA LYS D 378 -8.60 -4.64 -23.45
C LYS D 378 -7.69 -4.25 -22.28
N SER D 400 -25.04 -6.08 -6.14
CA SER D 400 -25.73 -7.33 -6.49
C SER D 400 -26.66 -7.12 -7.68
N TYR D 401 -27.78 -6.44 -7.43
CA TYR D 401 -28.75 -6.12 -8.47
C TYR D 401 -28.35 -4.81 -9.11
N ASN D 402 -27.97 -4.86 -10.38
CA ASN D 402 -27.45 -3.69 -11.09
C ASN D 402 -28.32 -3.41 -12.30
N PRO D 403 -29.39 -2.64 -12.15
CA PRO D 403 -30.26 -2.34 -13.30
C PRO D 403 -29.69 -1.22 -14.16
N ASP D 404 -28.77 -0.44 -13.57
CA ASP D 404 -28.13 0.65 -14.29
C ASP D 404 -27.34 0.16 -15.50
N THR D 405 -26.99 -1.13 -15.53
CA THR D 405 -26.26 -1.69 -16.66
C THR D 405 -27.08 -1.65 -17.94
N HIS D 406 -28.40 -1.54 -17.84
CA HIS D 406 -29.28 -1.50 -19.00
C HIS D 406 -29.50 -0.10 -19.53
N ILE D 407 -28.94 0.92 -18.89
CA ILE D 407 -29.18 2.31 -19.24
C ILE D 407 -27.98 2.84 -20.00
N ASP D 408 -28.26 3.55 -21.10
CA ASP D 408 -27.18 4.16 -21.87
C ASP D 408 -26.41 5.18 -21.05
N SER D 409 -27.13 5.99 -20.25
CA SER D 409 -26.64 7.03 -19.36
C SER D 409 -26.18 8.28 -20.10
N ASN D 410 -26.09 8.25 -21.43
CA ASN D 410 -25.84 9.45 -22.22
C ASN D 410 -27.04 9.87 -23.07
N SER D 411 -27.96 8.95 -23.34
CA SER D 411 -29.22 9.28 -23.97
C SER D 411 -30.43 8.89 -23.12
N GLY D 412 -30.21 8.25 -21.98
CA GLY D 412 -31.32 7.81 -21.14
C GLY D 412 -32.08 6.62 -21.68
N LYS D 413 -31.57 5.95 -22.69
CA LYS D 413 -32.28 4.86 -23.35
C LYS D 413 -31.84 3.51 -22.78
N PHE D 414 -32.66 2.51 -23.06
CA PHE D 414 -32.37 1.14 -22.64
C PHE D 414 -31.50 0.45 -23.68
N LEU D 415 -30.97 -0.71 -23.28
CA LEU D 415 -30.07 -1.48 -24.14
C LEU D 415 -30.88 -2.62 -24.75
N ILE D 416 -31.43 -2.35 -25.93
CA ILE D 416 -32.19 -3.33 -26.69
C ILE D 416 -31.20 -4.29 -27.35
N CYS D 417 -31.11 -5.52 -26.83
CA CYS D 417 -30.20 -6.50 -27.41
C CYS D 417 -30.60 -6.82 -28.84
N TYR D 418 -29.61 -7.06 -29.70
CA TYR D 418 -29.90 -7.38 -31.08
C TYR D 418 -30.67 -8.69 -31.21
N LYS D 419 -30.28 -9.70 -30.44
CA LYS D 419 -30.90 -11.02 -30.56
C LYS D 419 -32.29 -11.05 -29.92
N CYS D 420 -32.45 -10.48 -28.73
CA CYS D 420 -33.71 -10.55 -28.01
C CYS D 420 -34.61 -9.36 -28.25
N ASN D 421 -34.07 -8.25 -28.76
CA ASN D 421 -34.81 -7.00 -28.97
C ASN D 421 -35.43 -6.48 -27.68
N GLN D 422 -34.83 -6.81 -26.54
CA GLN D 422 -35.28 -6.35 -25.24
C GLN D 422 -34.07 -5.98 -24.38
N THR D 423 -34.36 -5.30 -23.27
CA THR D 423 -33.35 -5.14 -22.24
C THR D 423 -33.55 -6.12 -21.10
N ARG D 424 -34.79 -6.55 -20.84
CA ARG D 424 -35.10 -7.48 -19.76
C ARG D 424 -34.56 -6.97 -18.42
N LEU D 425 -35.11 -5.83 -17.99
CA LEU D 425 -34.66 -5.20 -16.76
C LEU D 425 -35.15 -5.91 -15.52
N GLY D 426 -36.22 -6.69 -15.60
CA GLY D 426 -36.80 -7.25 -14.40
C GLY D 426 -37.33 -6.15 -13.51
N SER D 427 -36.96 -6.19 -12.24
CA SER D 427 -37.35 -5.16 -11.29
C SER D 427 -36.50 -5.29 -10.05
N TRP D 428 -36.44 -4.21 -9.27
CA TRP D 428 -35.80 -4.30 -7.96
C TRP D 428 -36.57 -5.23 -7.05
N SER D 429 -37.90 -5.16 -7.09
CA SER D 429 -38.71 -6.08 -6.30
C SER D 429 -38.48 -7.53 -6.72
N HIS D 430 -38.32 -7.77 -8.03
CA HIS D 430 -38.11 -9.10 -8.57
C HIS D 430 -36.84 -9.08 -9.41
N PRO D 431 -35.68 -9.18 -8.75
CA PRO D 431 -34.41 -9.15 -9.50
C PRO D 431 -34.17 -10.37 -10.35
N GLU D 432 -34.95 -11.44 -10.17
CA GLU D 432 -34.74 -12.71 -10.84
C GLU D 432 -35.26 -12.71 -12.27
N ASN D 433 -35.58 -11.54 -12.82
CA ASN D 433 -36.02 -11.43 -14.20
C ASN D 433 -35.08 -10.60 -15.06
N SER D 434 -34.12 -9.92 -14.47
CA SER D 434 -33.16 -9.15 -15.26
C SER D 434 -32.22 -10.07 -16.01
N ARG D 435 -31.76 -9.60 -17.18
CA ARG D 435 -30.86 -10.36 -18.02
C ARG D 435 -29.62 -9.53 -18.32
N LEU D 436 -28.46 -10.17 -18.18
CA LEU D 436 -27.20 -9.47 -18.24
C LEU D 436 -26.82 -9.10 -19.67
N ILE D 437 -26.12 -7.97 -19.82
CA ILE D 437 -25.72 -7.47 -21.12
C ILE D 437 -24.26 -7.05 -21.09
N MET D 438 -23.57 -7.30 -22.21
CA MET D 438 -22.14 -7.01 -22.34
C MET D 438 -21.86 -5.86 -23.29
N THR D 439 -22.71 -5.64 -24.31
CA THR D 439 -22.61 -4.45 -25.15
C THR D 439 -21.25 -4.44 -25.87
N CYS D 440 -21.13 -5.28 -26.89
CA CYS D 440 -19.88 -5.66 -27.55
C CYS D 440 -18.84 -4.55 -27.63
N ASP D 441 -17.59 -4.88 -27.39
CA ASP D 441 -16.55 -3.89 -27.12
C ASP D 441 -16.05 -3.22 -28.38
N TYR D 442 -16.60 -3.55 -29.54
CA TYR D 442 -16.10 -3.02 -30.81
C TYR D 442 -17.12 -2.09 -31.47
N CYS D 443 -18.32 -2.58 -31.70
CA CYS D 443 -19.39 -1.75 -32.24
C CYS D 443 -20.47 -1.45 -31.21
N GLN D 444 -20.22 -1.75 -29.94
CA GLN D 444 -21.08 -1.33 -28.83
C GLN D 444 -22.51 -1.83 -29.00
N THR D 445 -22.64 -3.04 -29.53
CA THR D 445 -23.98 -3.60 -29.65
C THR D 445 -24.35 -4.36 -28.37
N PRO D 446 -25.47 -4.02 -27.75
CA PRO D 446 -25.91 -4.72 -26.54
C PRO D 446 -26.37 -6.13 -26.84
N TRP D 447 -26.03 -7.06 -25.96
CA TRP D 447 -26.33 -8.47 -26.17
C TRP D 447 -26.65 -9.10 -24.83
N HIS D 448 -27.63 -9.99 -24.80
CA HIS D 448 -27.91 -10.74 -23.58
C HIS D 448 -26.91 -11.87 -23.42
N LEU D 449 -26.54 -12.14 -22.16
CA LEU D 449 -25.80 -13.37 -21.84
C LEU D 449 -26.58 -14.61 -22.21
N ASP D 450 -27.91 -14.50 -22.29
CA ASP D 450 -28.73 -15.65 -22.67
C ASP D 450 -29.08 -15.67 -24.16
N CYS D 451 -29.13 -14.50 -24.79
CA CYS D 451 -29.37 -14.47 -26.23
C CYS D 451 -28.25 -15.15 -27.00
N VAL D 452 -27.00 -14.87 -26.65
CA VAL D 452 -25.86 -15.65 -27.08
C VAL D 452 -25.32 -16.41 -25.86
N PRO D 453 -25.14 -17.72 -25.94
CA PRO D 453 -24.66 -18.47 -24.77
C PRO D 453 -23.34 -17.94 -24.22
N ARG D 454 -23.36 -17.45 -22.98
CA ARG D 454 -22.13 -17.00 -22.35
C ARG D 454 -22.30 -17.09 -20.83
N ALA D 455 -21.25 -17.54 -20.16
CA ALA D 455 -21.30 -17.76 -18.72
C ALA D 455 -20.97 -16.51 -17.92
N SER D 456 -20.03 -15.70 -18.36
CA SER D 456 -19.62 -14.53 -17.58
C SER D 456 -19.14 -13.44 -18.53
N PHE D 457 -18.94 -12.25 -17.98
CA PHE D 457 -18.47 -11.13 -18.77
C PHE D 457 -16.99 -11.26 -19.08
N LYS D 458 -16.54 -10.49 -20.07
CA LYS D 458 -15.15 -10.41 -20.47
C LYS D 458 -14.56 -9.16 -19.82
N ASN D 459 -13.70 -9.37 -18.83
CA ASN D 459 -13.18 -8.27 -18.04
C ASN D 459 -11.67 -8.25 -17.97
N LEU D 460 -11.02 -9.41 -17.90
CA LEU D 460 -9.58 -9.51 -17.75
C LEU D 460 -8.86 -9.77 -19.07
N GLY D 461 -9.43 -10.63 -19.91
CA GLY D 461 -8.76 -11.01 -21.13
C GLY D 461 -8.92 -10.01 -22.25
N SER D 462 -9.14 -10.50 -23.46
CA SER D 462 -9.21 -9.64 -24.63
C SER D 462 -10.54 -8.90 -24.67
N LYS D 463 -10.65 -7.96 -25.59
CA LYS D 463 -11.89 -7.22 -25.81
C LYS D 463 -12.92 -8.13 -26.47
N TRP D 464 -14.12 -8.19 -25.91
CA TRP D 464 -15.17 -8.98 -26.51
C TRP D 464 -15.69 -8.34 -27.79
N LYS D 465 -15.97 -9.17 -28.78
CA LYS D 465 -16.50 -8.71 -30.06
C LYS D 465 -17.73 -9.54 -30.41
N CYS D 466 -18.82 -8.87 -30.76
CA CYS D 466 -20.05 -9.57 -31.07
C CYS D 466 -19.89 -10.30 -32.39
N PRO D 467 -20.74 -11.29 -32.68
CA PRO D 467 -20.58 -12.07 -33.90
C PRO D 467 -21.02 -11.35 -35.17
N LEU D 468 -21.26 -10.04 -35.09
CA LEU D 468 -21.58 -9.24 -36.27
C LEU D 468 -20.34 -8.61 -36.87
N HIS D 469 -19.21 -9.32 -36.84
CA HIS D 469 -17.96 -8.81 -37.36
C HIS D 469 -17.35 -9.82 -38.32
N SER D 470 -16.48 -9.32 -39.21
CA SER D 470 -15.85 -10.17 -40.21
C SER D 470 -14.87 -11.14 -39.57
N PRO D 471 -14.76 -12.35 -40.12
CA PRO D 471 -13.83 -13.34 -39.52
C PRO D 471 -12.37 -12.89 -39.51
N THR D 472 -11.93 -12.17 -40.53
CA THR D 472 -10.55 -11.71 -40.72
C THR D 472 -9.55 -12.87 -40.83
N LYS D 473 -10.04 -14.11 -40.90
CA LYS D 473 -9.19 -15.28 -41.06
C LYS D 473 -10.04 -16.48 -41.46
N VAL D 474 -9.68 -17.16 -42.54
CA VAL D 474 -10.48 -18.25 -43.08
C VAL D 474 -9.61 -19.47 -43.30
N TYR D 475 -10.05 -20.61 -42.78
CA TYR D 475 -9.51 -21.92 -43.13
C TYR D 475 -10.51 -22.62 -44.04
N LYS D 476 -10.12 -22.84 -45.28
CA LYS D 476 -10.94 -23.55 -46.25
C LYS D 476 -10.22 -24.81 -46.71
N LYS D 477 -10.99 -25.88 -46.93
CA LYS D 477 -10.42 -27.15 -47.33
C LYS D 477 -10.52 -27.35 -48.84
N TYR D 489 -5.46 -28.19 -46.65
CA TYR D 489 -6.34 -27.04 -46.43
C TYR D 489 -5.70 -25.77 -46.97
N LYS D 490 -6.36 -24.64 -46.73
CA LYS D 490 -5.85 -23.35 -47.16
C LYS D 490 -6.24 -22.29 -46.14
N VAL D 491 -5.35 -21.34 -45.90
CA VAL D 491 -5.53 -20.29 -44.91
C VAL D 491 -5.65 -18.95 -45.61
N TRP D 492 -6.59 -18.13 -45.16
CA TRP D 492 -6.73 -16.76 -45.62
C TRP D 492 -6.63 -15.80 -44.44
N LYS D 493 -5.93 -14.69 -44.66
CA LYS D 493 -5.78 -13.65 -43.65
C LYS D 493 -5.99 -12.29 -44.29
N LYS D 494 -6.55 -11.36 -43.50
CA LYS D 494 -6.70 -9.98 -43.94
C LYS D 494 -5.43 -9.20 -43.63
N GLN D 495 -5.09 -8.26 -44.50
CA GLN D 495 -3.89 -7.47 -44.31
C GLN D 495 -4.01 -6.61 -43.04
N ARG D 496 -2.87 -6.15 -42.55
CA ARG D 496 -2.80 -5.38 -41.33
C ARG D 496 -3.06 -3.90 -41.62
N LEU D 497 -3.22 -3.15 -40.54
CA LEU D 497 -3.45 -1.71 -40.64
C LEU D 497 -2.13 -1.00 -40.87
N ILE D 498 -2.05 -0.24 -41.95
CA ILE D 498 -0.88 0.56 -42.28
C ILE D 498 -1.25 2.02 -42.22
N ASN D 499 -0.23 2.87 -42.11
CA ASN D 499 -0.46 4.31 -42.15
C ASN D 499 -1.03 4.71 -43.50
N LYS D 500 -2.00 5.62 -43.47
CA LYS D 500 -2.65 6.04 -44.72
C LYS D 500 -1.70 6.83 -45.61
N LYS D 501 -0.54 7.24 -45.09
CA LYS D 501 0.50 7.78 -45.95
C LYS D 501 0.95 6.74 -46.97
N ASN D 502 1.14 5.51 -46.52
CA ASN D 502 1.61 4.42 -47.38
C ASN D 502 0.47 3.56 -47.92
N GLN D 503 -0.78 3.87 -47.57
CA GLN D 503 -1.91 3.10 -48.05
C GLN D 503 -2.25 3.55 -49.46
N LEU D 504 -2.35 2.60 -50.37
CA LEU D 504 -2.61 2.88 -51.78
C LEU D 504 -3.99 2.36 -52.14
N TYR D 505 -5.00 3.21 -51.99
CA TYR D 505 -6.35 2.83 -52.34
C TYR D 505 -6.51 2.76 -53.85
N TYR D 506 -7.30 1.79 -54.31
CA TYR D 506 -7.49 1.59 -55.73
C TYR D 506 -8.94 1.20 -56.00
N GLU D 507 -9.41 1.53 -57.20
CA GLU D 507 -10.76 1.19 -57.63
C GLU D 507 -10.71 0.53 -58.99
N PRO D 508 -11.41 -0.58 -59.17
CA PRO D 508 -11.42 -1.27 -60.46
C PRO D 508 -12.35 -0.57 -61.44
N LEU D 509 -12.47 -1.15 -62.63
CA LEU D 509 -13.32 -0.62 -63.69
C LEU D 509 -14.37 -1.60 -64.20
N GLN D 510 -14.14 -2.91 -64.07
CA GLN D 510 -15.13 -3.88 -64.56
C GLN D 510 -16.41 -3.81 -63.74
N LYS D 511 -16.29 -3.67 -62.41
CA LYS D 511 -17.39 -3.45 -61.47
C LYS D 511 -18.36 -4.63 -61.38
N ILE D 512 -18.14 -5.70 -62.13
CA ILE D 512 -19.00 -6.88 -62.05
C ILE D 512 -18.13 -8.06 -61.65
N GLY D 513 -17.14 -8.38 -62.47
CA GLY D 513 -16.17 -9.41 -62.14
C GLY D 513 -14.79 -8.86 -61.91
N TYR D 514 -14.32 -8.89 -60.67
CA TYR D 514 -12.97 -8.42 -60.34
C TYR D 514 -12.53 -9.17 -59.08
N GLN D 515 -11.69 -10.19 -59.26
CA GLN D 515 -11.25 -11.02 -58.15
C GLN D 515 -10.39 -10.20 -57.20
N ASN D 516 -10.90 -9.97 -55.99
CA ASN D 516 -10.20 -9.24 -54.96
C ASN D 516 -10.10 -10.08 -53.69
N ASN D 517 -9.21 -9.65 -52.80
CA ASN D 517 -9.09 -10.26 -51.48
C ASN D 517 -10.18 -9.69 -50.57
N GLY D 518 -10.08 -9.97 -49.27
CA GLY D 518 -11.00 -9.35 -48.34
C GLY D 518 -10.69 -7.90 -48.02
N ASN D 519 -9.59 -7.38 -48.56
CA ASN D 519 -9.21 -5.98 -48.35
C ASN D 519 -10.01 -5.13 -49.31
N ILE D 520 -11.22 -4.78 -48.90
CA ILE D 520 -12.14 -4.00 -49.72
C ILE D 520 -12.60 -2.79 -48.91
N GLN D 521 -13.08 -1.78 -49.63
CA GLN D 521 -13.66 -0.60 -49.03
C GLN D 521 -15.01 -0.35 -49.66
N ILE D 522 -16.07 -0.34 -48.84
CA ILE D 522 -17.43 -0.19 -49.34
C ILE D 522 -17.73 1.29 -49.51
N ILE D 523 -18.20 1.66 -50.70
CA ILE D 523 -18.52 3.04 -51.01
C ILE D 523 -19.96 3.14 -51.50
N ASN D 534 5.92 -2.47 -52.96
CA ASN D 534 5.11 -1.87 -51.91
C ASN D 534 3.68 -1.67 -52.35
N GLN D 535 3.44 -1.76 -53.66
CA GLN D 535 2.09 -1.66 -54.21
C GLN D 535 1.37 -3.00 -54.12
N ASP D 536 1.35 -3.54 -52.89
CA ASP D 536 0.77 -4.84 -52.63
C ASP D 536 -0.43 -4.81 -51.71
N PHE D 537 -0.56 -3.80 -50.85
CA PHE D 537 -1.65 -3.71 -49.90
C PHE D 537 -2.78 -2.80 -50.38
N LYS D 538 -3.03 -2.77 -51.68
CA LYS D 538 -4.09 -1.94 -52.24
C LYS D 538 -5.45 -2.44 -51.77
N ILE D 539 -6.22 -1.55 -51.16
CA ILE D 539 -7.56 -1.87 -50.70
C ILE D 539 -8.55 -1.46 -51.79
N THR D 540 -9.33 -2.44 -52.26
CA THR D 540 -10.31 -2.16 -53.31
C THR D 540 -11.46 -1.33 -52.77
N GLN D 541 -11.90 -0.35 -53.56
CA GLN D 541 -13.14 0.36 -53.29
C GLN D 541 -14.23 -0.38 -54.07
N ILE D 542 -15.10 -1.10 -53.33
CA ILE D 542 -15.82 -2.23 -53.89
C ILE D 542 -17.08 -1.84 -54.65
N ASP D 543 -17.59 -0.62 -54.48
CA ASP D 543 -18.79 -0.20 -55.19
C ASP D 543 -19.97 -1.12 -54.82
N GLU D 544 -20.48 -0.97 -53.60
CA GLU D 544 -21.35 -1.91 -52.90
C GLU D 544 -22.29 -2.71 -53.79
N ASN D 545 -22.91 -2.07 -54.79
CA ASN D 545 -23.77 -2.82 -55.69
C ASN D 545 -23.00 -3.95 -56.38
N SER D 546 -21.69 -3.80 -56.54
CA SER D 546 -20.89 -4.88 -57.08
C SER D 546 -20.88 -6.08 -56.14
N ILE D 547 -20.98 -5.84 -54.83
CA ILE D 547 -21.08 -6.96 -53.89
C ILE D 547 -22.35 -7.76 -54.15
N LYS D 548 -23.47 -7.06 -54.31
CA LYS D 548 -24.73 -7.73 -54.62
C LYS D 548 -24.62 -8.52 -55.91
N TYR D 549 -24.11 -7.88 -56.97
CA TYR D 549 -23.98 -8.57 -58.25
C TYR D 549 -23.11 -9.82 -58.10
N ASP D 550 -21.91 -9.67 -57.56
CA ASP D 550 -20.99 -10.78 -57.38
C ASP D 550 -21.60 -11.91 -56.56
N PHE D 551 -22.35 -11.59 -55.52
CA PHE D 551 -23.06 -12.63 -54.78
C PHE D 551 -24.07 -13.35 -55.65
N PHE D 552 -24.79 -12.61 -56.48
CA PHE D 552 -25.89 -13.21 -57.24
C PHE D 552 -25.38 -14.26 -58.22
N ASP D 553 -24.46 -13.89 -59.12
CA ASP D 553 -24.00 -14.88 -60.09
C ASP D 553 -23.19 -15.97 -59.40
N LYS D 554 -22.62 -15.69 -58.22
CA LYS D 554 -21.94 -16.74 -57.47
C LYS D 554 -22.93 -17.81 -57.02
N ILE D 555 -24.09 -17.37 -56.50
CA ILE D 555 -25.14 -18.34 -56.16
C ILE D 555 -25.64 -19.06 -57.40
N TYR D 556 -25.73 -18.33 -58.53
CA TYR D 556 -26.11 -18.96 -59.79
C TYR D 556 -25.15 -20.06 -60.19
N LYS D 557 -23.84 -19.81 -60.07
CA LYS D 557 -22.85 -20.81 -60.42
C LYS D 557 -22.91 -21.99 -59.44
N SER D 558 -23.12 -21.71 -58.15
CA SER D 558 -23.29 -22.79 -57.19
C SER D 558 -24.54 -23.61 -57.49
N LYS D 559 -25.53 -23.02 -58.15
CA LYS D 559 -26.70 -23.78 -58.60
C LYS D 559 -26.38 -24.63 -59.83
N MET D 560 -25.75 -24.03 -60.84
CA MET D 560 -25.50 -24.77 -62.08
C MET D 560 -24.41 -25.83 -61.95
N VAL D 561 -23.53 -25.75 -60.95
CA VAL D 561 -22.55 -26.83 -60.79
C VAL D 561 -23.27 -28.14 -60.47
N GLN D 562 -24.34 -28.08 -59.69
CA GLN D 562 -25.12 -29.25 -59.34
C GLN D 562 -26.36 -29.45 -60.20
N LYS D 563 -26.71 -28.47 -61.05
CA LYS D 563 -27.93 -28.54 -61.85
C LYS D 563 -27.73 -29.23 -63.19
N ARG D 564 -26.62 -28.94 -63.88
CA ARG D 564 -26.39 -29.52 -65.20
C ARG D 564 -25.99 -30.99 -65.09
N ASN E 545 -33.08 0.51 -60.04
CA ASN E 545 -32.79 -0.92 -60.05
C ASN E 545 -33.51 -1.61 -61.19
N SER E 546 -33.04 -1.37 -62.41
CA SER E 546 -33.61 -1.98 -63.60
C SER E 546 -32.63 -2.82 -64.41
N ILE E 547 -31.33 -2.47 -64.39
CA ILE E 547 -30.34 -3.27 -65.11
C ILE E 547 -30.31 -4.69 -64.56
N LYS E 548 -30.32 -4.82 -63.23
CA LYS E 548 -30.40 -6.13 -62.61
C LYS E 548 -31.66 -6.87 -63.03
N TYR E 549 -32.79 -6.14 -63.09
CA TYR E 549 -34.06 -6.78 -63.42
C TYR E 549 -34.02 -7.40 -64.82
N ASP E 550 -33.64 -6.61 -65.83
CA ASP E 550 -33.62 -7.12 -67.19
C ASP E 550 -32.56 -8.21 -67.36
N PHE E 551 -31.39 -8.03 -66.73
CA PHE E 551 -30.35 -9.04 -66.81
C PHE E 551 -30.84 -10.37 -66.23
N PHE E 552 -31.57 -10.31 -65.12
CA PHE E 552 -32.06 -11.54 -64.51
C PHE E 552 -33.21 -12.15 -65.29
N ASP E 553 -34.06 -11.33 -65.91
CA ASP E 553 -35.07 -11.90 -66.81
C ASP E 553 -34.42 -12.65 -67.96
N LYS E 554 -33.37 -12.05 -68.56
CA LYS E 554 -32.67 -12.71 -69.64
C LYS E 554 -32.02 -14.01 -69.17
N ILE E 555 -31.36 -13.97 -68.01
CA ILE E 555 -30.69 -15.17 -67.51
C ILE E 555 -31.70 -16.25 -67.16
N TYR E 556 -32.87 -15.87 -66.63
CA TYR E 556 -33.87 -16.87 -66.27
C TYR E 556 -34.51 -17.48 -67.52
N LYS E 557 -34.76 -16.65 -68.53
CA LYS E 557 -35.27 -17.19 -69.80
C LYS E 557 -34.26 -18.16 -70.41
N SER E 558 -32.97 -17.79 -70.39
CA SER E 558 -31.94 -18.71 -70.86
C SER E 558 -31.90 -19.97 -70.01
N LYS E 559 -32.21 -19.84 -68.72
CA LYS E 559 -32.14 -20.98 -67.80
C LYS E 559 -33.24 -21.99 -68.09
N MET E 560 -34.49 -21.51 -68.26
CA MET E 560 -35.55 -22.40 -68.74
C MET E 560 -35.25 -22.93 -70.13
N VAL E 561 -34.58 -22.13 -70.97
CA VAL E 561 -34.21 -22.61 -72.30
C VAL E 561 -33.28 -23.82 -72.19
N GLN E 562 -32.30 -23.75 -71.30
CA GLN E 562 -31.39 -24.86 -71.08
C GLN E 562 -32.01 -25.98 -70.25
N LYS E 563 -33.18 -25.76 -69.66
CA LYS E 563 -33.85 -26.74 -68.82
C LYS E 563 -35.30 -26.92 -69.24
N ARG E 564 -35.55 -26.99 -70.55
CA ARG E 564 -36.91 -27.21 -71.04
C ARG E 564 -37.40 -28.61 -70.68
N ARG F 23 38.40 51.87 34.40
CA ARG F 23 36.95 51.72 34.29
C ARG F 23 36.61 50.84 33.11
N ASP F 24 37.57 50.71 32.19
CA ASP F 24 37.39 49.90 30.98
C ASP F 24 37.68 48.44 31.31
N ASN F 25 37.04 47.95 32.37
CA ASN F 25 37.21 46.56 32.74
C ASN F 25 36.74 45.62 31.64
N ILE F 26 35.85 46.09 30.77
CA ILE F 26 35.51 45.33 29.57
C ILE F 26 36.76 45.08 28.73
N GLN F 27 37.78 45.91 28.87
CA GLN F 27 39.05 45.62 28.24
C GLN F 27 39.93 44.73 29.11
N GLY F 28 39.51 44.44 30.34
CA GLY F 28 40.23 43.47 31.14
C GLY F 28 40.21 42.07 30.55
N ILE F 29 39.21 41.77 29.72
CA ILE F 29 39.18 40.51 29.00
C ILE F 29 40.12 40.62 27.81
N THR F 30 41.36 40.22 28.00
CA THR F 30 42.33 40.37 26.94
C THR F 30 42.03 39.41 25.79
N LYS F 31 42.53 39.76 24.63
CA LYS F 31 42.42 38.88 23.47
C LYS F 31 42.98 37.49 23.74
N PRO F 32 44.13 37.30 24.42
CA PRO F 32 44.56 35.93 24.70
C PRO F 32 43.55 35.11 25.46
N ALA F 33 42.83 35.70 26.40
CA ALA F 33 41.82 34.95 27.13
C ALA F 33 40.72 34.50 26.20
N ILE F 34 40.25 35.39 25.33
CA ILE F 34 39.21 35.03 24.37
C ILE F 34 39.72 33.93 23.45
N ARG F 35 40.99 34.02 23.07
CA ARG F 35 41.58 32.98 22.22
C ARG F 35 41.56 31.63 22.92
N ARG F 36 41.98 31.60 24.18
CA ARG F 36 41.95 30.35 24.93
C ARG F 36 40.53 29.82 25.01
N LEU F 37 39.57 30.71 25.26
CA LEU F 37 38.19 30.30 25.37
C LEU F 37 37.70 29.65 24.08
N ALA F 38 38.01 30.27 22.95
CA ALA F 38 37.63 29.68 21.68
C ALA F 38 38.33 28.36 21.45
N ARG F 39 39.59 28.26 21.88
CA ARG F 39 40.33 27.02 21.71
C ARG F 39 39.65 25.88 22.45
N ARG F 40 39.28 26.11 23.71
CA ARG F 40 38.50 25.09 24.41
C ARG F 40 37.18 24.83 23.70
N GLY F 41 36.64 25.84 23.04
CA GLY F 41 35.47 25.63 22.22
C GLY F 41 35.76 24.93 20.92
N GLY F 42 37.03 24.73 20.59
CA GLY F 42 37.37 24.00 19.38
C GLY F 42 37.40 24.85 18.12
N VAL F 43 37.96 26.04 18.20
CA VAL F 43 38.01 26.96 17.06
C VAL F 43 39.45 27.11 16.62
N LYS F 44 39.69 27.04 15.30
CA LYS F 44 41.05 27.05 14.77
C LYS F 44 41.50 28.44 14.32
N ARG F 45 40.66 29.18 13.60
CA ARG F 45 41.03 30.48 13.07
C ARG F 45 40.00 31.52 13.47
N ILE F 46 40.48 32.69 13.87
CA ILE F 46 39.66 33.72 14.49
C ILE F 46 39.85 35.03 13.74
N SER F 47 38.75 35.70 13.41
CA SER F 47 38.84 37.04 12.89
C SER F 47 39.24 38.03 13.98
N GLY F 48 39.80 39.16 13.58
CA GLY F 48 40.16 40.19 14.53
C GLY F 48 38.97 40.94 15.09
N LEU F 49 37.84 40.93 14.39
CA LEU F 49 36.66 41.64 14.86
C LEU F 49 35.90 40.88 15.93
N ILE F 50 36.28 39.64 16.19
CA ILE F 50 35.50 38.79 17.08
C ILE F 50 35.53 39.33 18.50
N TYR F 51 36.72 39.75 18.96
CA TYR F 51 36.93 40.04 20.38
C TYR F 51 35.91 41.05 20.91
N GLU F 52 35.65 42.10 20.14
CA GLU F 52 34.71 43.11 20.62
C GLU F 52 33.29 42.55 20.68
N GLU F 53 32.93 41.72 19.71
CA GLU F 53 31.62 41.06 19.74
C GLU F 53 31.48 40.21 20.99
N THR F 54 32.54 39.46 21.32
CA THR F 54 32.51 38.66 22.54
C THR F 54 32.34 39.54 23.76
N ARG F 55 33.07 40.66 23.80
CA ARG F 55 32.94 41.56 24.93
C ARG F 55 31.50 42.00 25.10
N GLY F 56 30.87 42.39 24.00
CA GLY F 56 29.48 42.83 24.08
C GLY F 56 28.55 41.74 24.56
N VAL F 57 28.66 40.55 23.99
CA VAL F 57 27.74 39.47 24.35
C VAL F 57 27.92 39.10 25.82
N LEU F 58 29.17 39.01 26.26
CA LEU F 58 29.44 38.71 27.65
C LEU F 58 28.86 39.77 28.56
N LYS F 59 28.98 41.04 28.16
CA LYS F 59 28.39 42.11 28.95
C LYS F 59 26.88 41.92 29.08
N VAL F 60 26.23 41.58 27.97
CA VAL F 60 24.79 41.40 27.99
C VAL F 60 24.42 40.30 28.98
N PHE F 61 25.11 39.16 28.87
CA PHE F 61 24.86 38.04 29.76
C PHE F 61 25.06 38.45 31.22
N LEU F 62 26.14 39.19 31.47
CA LEU F 62 26.48 39.56 32.84
C LEU F 62 25.40 40.45 33.46
N GLU F 63 24.93 41.46 32.74
CA GLU F 63 23.84 42.25 33.29
C GLU F 63 22.61 41.39 33.51
N ASN F 64 22.29 40.53 32.55
CA ASN F 64 21.06 39.75 32.69
C ASN F 64 21.08 38.91 33.94
N VAL F 65 22.22 38.32 34.28
CA VAL F 65 22.29 37.54 35.51
C VAL F 65 22.36 38.45 36.74
N ILE F 66 23.20 39.47 36.70
CA ILE F 66 23.50 40.25 37.90
C ILE F 66 22.27 41.00 38.36
N ARG F 67 21.44 41.46 37.41
CA ARG F 67 20.20 42.13 37.77
C ARG F 67 19.36 41.26 38.69
N ASP F 68 19.13 40.01 38.29
CA ASP F 68 18.31 39.12 39.10
C ASP F 68 19.01 38.76 40.40
N ALA F 69 20.33 38.59 40.36
CA ALA F 69 21.07 38.29 41.58
C ALA F 69 20.89 39.40 42.60
N VAL F 70 21.01 40.65 42.16
CA VAL F 70 20.83 41.77 43.05
C VAL F 70 19.39 41.86 43.52
N THR F 71 18.45 41.52 42.64
CA THR F 71 17.05 41.49 43.06
C THR F 71 16.87 40.56 44.24
N TYR F 72 17.41 39.35 44.13
CA TYR F 72 17.34 38.40 45.24
C TYR F 72 18.03 38.97 46.47
N THR F 73 19.22 39.54 46.31
CA THR F 73 19.94 40.05 47.46
C THR F 73 19.16 41.14 48.17
N GLU F 74 18.50 42.01 47.42
CA GLU F 74 17.67 43.05 48.02
C GLU F 74 16.46 42.49 48.73
N HIS F 75 15.72 41.59 48.10
CA HIS F 75 14.52 41.06 48.76
C HIS F 75 14.89 40.37 50.06
N ALA F 76 16.12 39.89 50.17
CA ALA F 76 16.63 39.35 51.41
C ALA F 76 17.14 40.44 52.35
N LYS F 77 16.94 41.71 52.03
CA LYS F 77 17.32 42.82 52.90
C LYS F 77 18.81 42.78 53.24
N ARG F 78 19.61 42.28 52.32
CA ARG F 78 21.04 42.14 52.59
C ARG F 78 21.83 43.16 51.78
N LYS F 79 23.08 43.32 52.17
CA LYS F 79 24.02 44.18 51.45
C LYS F 79 25.12 43.40 50.76
N THR F 80 25.25 42.11 51.04
CA THR F 80 26.23 41.26 50.38
C THR F 80 25.51 40.21 49.55
N VAL F 81 25.97 40.01 48.33
CA VAL F 81 25.38 39.01 47.45
C VAL F 81 26.03 37.66 47.74
N THR F 82 25.20 36.65 47.96
CA THR F 82 25.69 35.30 48.23
C THR F 82 25.66 34.48 46.95
N ALA F 83 26.56 33.49 46.90
CA ALA F 83 26.61 32.61 45.75
C ALA F 83 25.28 31.89 45.55
N MET F 84 24.56 31.64 46.64
CA MET F 84 23.26 30.99 46.52
C MET F 84 22.31 31.86 45.71
N ASP F 85 22.40 33.17 45.88
CA ASP F 85 21.60 34.08 45.06
C ASP F 85 21.93 33.90 43.59
N VAL F 86 23.23 33.80 43.28
CA VAL F 86 23.65 33.61 41.91
C VAL F 86 23.08 32.32 41.37
N VAL F 87 23.12 31.26 42.16
CA VAL F 87 22.61 29.98 41.73
C VAL F 87 21.13 30.09 41.42
N TYR F 88 20.38 30.78 42.27
CA TYR F 88 18.97 31.00 41.98
C TYR F 88 18.78 31.75 40.67
N ALA F 89 19.59 32.78 40.45
CA ALA F 89 19.44 33.57 39.23
C ALA F 89 19.69 32.71 38.00
N LEU F 90 20.75 31.90 38.04
CA LEU F 90 21.02 31.02 36.91
C LEU F 90 19.91 30.02 36.72
N LYS F 91 19.39 29.47 37.82
CA LYS F 91 18.32 28.49 37.73
C LYS F 91 17.10 29.08 37.05
N ARG F 92 16.74 30.30 37.42
CA ARG F 92 15.56 30.90 36.83
C ARG F 92 15.79 31.38 35.40
N GLN F 93 17.04 31.43 34.95
CA GLN F 93 17.34 31.74 33.57
C GLN F 93 17.55 30.51 32.72
N GLY F 94 17.29 29.33 33.26
CA GLY F 94 17.44 28.10 32.50
C GLY F 94 18.85 27.57 32.40
N ARG F 95 19.79 28.10 33.18
CA ARG F 95 21.17 27.64 33.16
C ARG F 95 21.51 27.14 34.55
N THR F 96 21.14 25.90 34.83
CA THR F 96 21.38 25.34 36.15
C THR F 96 22.87 25.12 36.37
N LEU F 97 23.33 25.44 37.56
CA LEU F 97 24.72 25.25 37.94
C LEU F 97 24.79 24.37 39.18
N TYR F 98 25.73 23.43 39.19
CA TYR F 98 26.01 22.60 40.34
C TYR F 98 27.34 23.00 40.95
N GLY F 99 27.68 22.35 42.05
CA GLY F 99 28.96 22.57 42.69
C GLY F 99 29.03 23.73 43.64
N PHE F 100 27.89 24.34 43.98
CA PHE F 100 27.90 25.46 44.91
C PHE F 100 26.73 25.42 45.89
N GLY F 101 25.96 24.35 45.89
CA GLY F 101 24.84 24.23 46.82
C GLY F 101 23.51 24.54 46.16
N ALA G 12 -22.79 46.48 58.33
CA ALA G 12 -22.95 47.35 57.16
C ALA G 12 -23.04 46.53 55.89
N LYS G 13 -23.37 47.19 54.78
CA LYS G 13 -23.45 46.50 53.50
C LYS G 13 -22.05 46.13 53.01
N ALA G 14 -21.96 44.93 52.42
CA ALA G 14 -20.68 44.44 51.94
C ALA G 14 -20.15 45.31 50.82
N LYS G 15 -18.88 45.68 50.90
CA LYS G 15 -18.22 46.47 49.87
C LYS G 15 -17.06 45.66 49.34
N THR G 16 -17.07 45.40 48.03
CA THR G 16 -16.10 44.49 47.44
C THR G 16 -14.69 45.06 47.57
N ARG G 17 -13.76 44.18 47.92
CA ARG G 17 -12.36 44.60 48.04
C ARG G 17 -11.84 45.16 46.73
N SER G 18 -12.34 44.65 45.60
CA SER G 18 -11.96 45.20 44.31
C SER G 18 -12.36 46.66 44.22
N SER G 19 -13.58 46.98 44.66
CA SER G 19 -13.96 48.38 44.76
C SER G 19 -13.10 49.13 45.75
N ARG G 20 -12.76 48.49 46.88
CA ARG G 20 -11.96 49.16 47.89
C ARG G 20 -10.61 49.58 47.32
N ALA G 21 -10.03 48.76 46.45
CA ALA G 21 -8.84 49.14 45.73
C ALA G 21 -9.15 49.76 44.37
N GLY G 22 -10.41 49.83 44.00
CA GLY G 22 -10.79 50.43 42.73
C GLY G 22 -10.28 49.71 41.51
N LEU G 23 -10.41 48.38 41.47
CA LEU G 23 -9.96 47.59 40.35
C LEU G 23 -11.11 46.78 39.78
N GLN G 24 -10.92 46.32 38.56
CA GLN G 24 -11.92 45.50 37.89
C GLN G 24 -11.80 44.02 38.23
N PHE G 25 -10.62 43.56 38.58
CA PHE G 25 -10.34 42.14 38.76
C PHE G 25 -10.77 41.68 40.15
N PRO G 26 -11.29 40.45 40.26
CA PRO G 26 -11.87 39.98 41.52
C PRO G 26 -10.78 39.59 42.52
N VAL G 27 -10.55 40.46 43.50
CA VAL G 27 -9.49 40.19 44.47
C VAL G 27 -9.87 38.98 45.33
N GLY G 28 -11.16 38.82 45.62
CA GLY G 28 -11.57 37.68 46.42
C GLY G 28 -11.27 36.36 45.74
N ARG G 29 -11.61 36.25 44.46
CA ARG G 29 -11.28 35.03 43.72
C ARG G 29 -9.78 34.83 43.66
N VAL G 30 -9.03 35.91 43.52
CA VAL G 30 -7.58 35.83 43.51
C VAL G 30 -7.08 35.24 44.82
N HIS G 31 -7.59 35.74 45.95
CA HIS G 31 -7.15 35.23 47.24
C HIS G 31 -7.53 33.77 47.41
N ARG G 32 -8.73 33.40 46.98
CA ARG G 32 -9.13 32.01 47.09
C ARG G 32 -8.20 31.11 46.30
N LEU G 33 -7.89 31.49 45.07
CA LEU G 33 -6.97 30.68 44.27
C LEU G 33 -5.60 30.63 44.89
N LEU G 34 -5.12 31.75 45.43
CA LEU G 34 -3.83 31.76 46.08
C LEU G 34 -3.78 30.78 47.23
N ARG G 35 -4.84 30.75 48.04
CA ARG G 35 -4.88 29.80 49.14
C ARG G 35 -4.98 28.37 48.66
N LYS G 36 -5.71 28.13 47.57
CA LYS G 36 -5.87 26.77 47.07
C LYS G 36 -4.70 26.28 46.24
N GLY G 37 -3.78 27.16 45.87
CA GLY G 37 -2.68 26.78 45.02
C GLY G 37 -1.48 26.21 45.74
N ASN G 38 -1.56 26.05 47.06
CA ASN G 38 -0.51 25.39 47.84
C ASN G 38 0.82 26.11 47.68
N TYR G 39 0.76 27.38 47.32
CA TYR G 39 1.98 28.15 47.13
C TYR G 39 2.65 28.44 48.47
N ALA G 40 1.86 28.62 49.52
CA ALA G 40 2.38 28.77 50.86
C ALA G 40 1.26 28.44 51.83
N GLU G 41 1.64 28.29 53.10
CA GLU G 41 0.66 27.94 54.12
C GLU G 41 -0.34 29.07 54.34
N ARG G 42 0.14 30.30 54.47
CA ARG G 42 -0.71 31.43 54.75
C ARG G 42 -0.40 32.55 53.77
N VAL G 43 -1.42 33.33 53.47
CA VAL G 43 -1.37 34.34 52.43
C VAL G 43 -1.53 35.72 53.06
N GLY G 44 -0.62 36.62 52.74
CA GLY G 44 -0.70 37.97 53.25
C GLY G 44 -1.94 38.67 52.74
N ALA G 45 -2.30 39.75 53.43
CA ALA G 45 -3.51 40.48 53.07
C ALA G 45 -3.34 41.28 51.79
N GLY G 46 -2.20 41.96 51.63
CA GLY G 46 -2.01 42.83 50.48
C GLY G 46 -1.55 42.16 49.22
N ALA G 47 -1.09 40.90 49.29
CA ALA G 47 -0.62 40.24 48.09
C ALA G 47 -1.71 40.11 47.02
N PRO G 48 -2.92 39.61 47.33
CA PRO G 48 -3.91 39.45 46.26
C PRO G 48 -4.26 40.75 45.56
N VAL G 49 -4.29 41.86 46.30
CA VAL G 49 -4.57 43.14 45.67
C VAL G 49 -3.47 43.50 44.68
N TYR G 50 -2.21 43.35 45.11
CA TYR G 50 -1.09 43.59 44.23
C TYR G 50 -1.21 42.78 42.97
N LEU G 51 -1.51 41.49 43.12
CA LEU G 51 -1.61 40.62 41.97
C LEU G 51 -2.73 41.03 41.03
N ALA G 52 -3.90 41.35 41.59
CA ALA G 52 -5.02 41.73 40.74
C ALA G 52 -4.69 43.01 39.97
N ALA G 53 -4.06 43.96 40.64
CA ALA G 53 -3.67 45.20 39.97
C ALA G 53 -2.72 44.92 38.82
N VAL G 54 -1.72 44.07 39.05
CA VAL G 54 -0.74 43.78 38.01
C VAL G 54 -1.42 43.11 36.83
N LEU G 55 -2.28 42.13 37.10
CA LEU G 55 -2.96 41.45 36.01
C LEU G 55 -3.82 42.42 35.22
N GLU G 56 -4.54 43.29 35.92
CA GLU G 56 -5.37 44.26 35.23
C GLU G 56 -4.54 45.17 34.34
N TYR G 57 -3.39 45.61 34.86
CA TYR G 57 -2.53 46.51 34.09
C TYR G 57 -2.02 45.83 32.83
N LEU G 58 -1.51 44.60 32.96
CA LEU G 58 -1.00 43.92 31.78
C LEU G 58 -2.10 43.66 30.77
N THR G 59 -3.27 43.26 31.26
CA THR G 59 -4.40 43.05 30.36
C THR G 59 -4.73 44.32 29.62
N ALA G 60 -4.71 45.46 30.32
CA ALA G 60 -4.98 46.73 29.67
C ALA G 60 -3.96 47.00 28.57
N GLU G 61 -2.69 46.75 28.86
CA GLU G 61 -1.64 47.00 27.86
C GLU G 61 -1.92 46.20 26.59
N ILE G 62 -2.10 44.89 26.75
CA ILE G 62 -2.23 44.05 25.56
C ILE G 62 -3.52 44.37 24.83
N LEU G 63 -4.60 44.62 25.58
CA LEU G 63 -5.87 44.92 24.94
C LEU G 63 -5.80 46.22 24.16
N GLU G 64 -5.12 47.22 24.70
CA GLU G 64 -4.95 48.47 23.98
C GLU G 64 -4.21 48.24 22.67
N LEU G 65 -3.11 47.49 22.73
CA LEU G 65 -2.36 47.25 21.50
C LEU G 65 -3.19 46.49 20.49
N ALA G 66 -3.93 45.48 20.96
CA ALA G 66 -4.74 44.68 20.05
C ALA G 66 -5.85 45.52 19.43
N GLY G 67 -6.46 46.41 20.21
CA GLY G 67 -7.47 47.28 19.64
C GLY G 67 -6.89 48.20 18.59
N ASN G 68 -5.69 48.74 18.86
CA ASN G 68 -5.03 49.56 17.85
C ASN G 68 -4.84 48.79 16.57
N ALA G 69 -4.35 47.55 16.68
CA ALA G 69 -4.13 46.74 15.49
C ALA G 69 -5.44 46.45 14.76
N ALA G 70 -6.49 46.08 15.49
CA ALA G 70 -7.75 45.73 14.86
C ALA G 70 -8.36 46.92 14.14
N ARG G 71 -8.28 48.10 14.75
CA ARG G 71 -8.70 49.31 14.06
C ARG G 71 -7.85 49.57 12.83
N ASP G 72 -6.55 49.29 12.92
CA ASP G 72 -5.69 49.44 11.76
C ASP G 72 -6.16 48.53 10.62
N ASN G 73 -6.49 47.29 10.95
CA ASN G 73 -7.12 46.40 9.98
C ASN G 73 -8.56 46.81 9.69
N LYS G 74 -9.10 47.75 10.46
CA LYS G 74 -10.46 48.26 10.26
C LYS G 74 -11.49 47.18 10.50
N LYS G 75 -11.45 46.58 11.68
CA LYS G 75 -12.54 45.72 12.14
C LYS G 75 -12.83 46.04 13.60
N THR G 76 -14.09 45.83 13.99
CA THR G 76 -14.56 46.27 15.29
C THR G 76 -14.35 45.23 16.38
N ARG G 77 -13.94 44.02 16.03
CA ARG G 77 -13.70 42.98 17.02
C ARG G 77 -12.26 42.53 16.93
N ILE G 78 -11.64 42.33 18.08
CA ILE G 78 -10.27 41.85 18.13
C ILE G 78 -10.28 40.35 17.93
N ILE G 79 -9.45 39.87 16.99
CA ILE G 79 -9.37 38.45 16.67
C ILE G 79 -7.97 37.98 17.03
N PRO G 80 -7.72 36.67 17.09
CA PRO G 80 -6.39 36.19 17.46
C PRO G 80 -5.28 36.75 16.59
N ARG G 81 -5.56 37.00 15.31
CA ARG G 81 -4.55 37.58 14.45
C ARG G 81 -4.11 38.94 14.99
N HIS G 82 -5.07 39.77 15.39
CA HIS G 82 -4.71 41.05 15.99
C HIS G 82 -3.87 40.85 17.24
N LEU G 83 -4.22 39.85 18.05
CA LEU G 83 -3.45 39.58 19.25
C LEU G 83 -2.00 39.26 18.91
N GLN G 84 -1.80 38.37 17.96
CA GLN G 84 -0.45 37.98 17.58
C GLN G 84 0.31 39.17 17.04
N LEU G 85 -0.33 39.97 16.21
CA LEU G 85 0.32 41.15 15.66
C LEU G 85 0.77 42.08 16.78
N ALA G 86 -0.13 42.36 17.71
CA ALA G 86 0.19 43.28 18.80
C ALA G 86 1.34 42.73 19.64
N VAL G 87 1.27 41.44 19.98
CA VAL G 87 2.28 40.87 20.86
C VAL G 87 3.64 40.86 20.18
N ARG G 88 3.69 40.39 18.95
CA ARG G 88 4.96 40.28 18.25
C ARG G 88 5.55 41.64 17.90
N ASN G 89 4.71 42.62 17.58
CA ASN G 89 5.24 43.93 17.23
C ASN G 89 5.89 44.62 18.42
N ASP G 90 5.29 44.51 19.61
CA ASP G 90 5.91 45.04 20.80
C ASP G 90 7.14 44.22 21.14
N GLU G 91 8.24 44.90 21.46
CA GLU G 91 9.45 44.20 21.83
C GLU G 91 9.32 43.58 23.21
N GLU G 92 8.83 44.34 24.19
CA GLU G 92 8.74 43.81 25.54
C GLU G 92 7.71 42.69 25.65
N LEU G 93 6.55 42.85 25.01
CA LEU G 93 5.55 41.78 25.05
C LEU G 93 6.07 40.54 24.35
N ASN G 94 6.70 40.71 23.19
CA ASN G 94 7.26 39.55 22.49
C ASN G 94 8.31 38.86 23.34
N LYS G 95 9.15 39.63 24.03
CA LYS G 95 10.11 39.05 24.95
C LYS G 95 9.39 38.28 26.05
N LEU G 96 8.33 38.86 26.60
CA LEU G 96 7.59 38.18 27.67
C LEU G 96 7.01 36.86 27.18
N LEU G 97 6.34 36.89 26.04
CA LEU G 97 5.76 35.67 25.48
C LEU G 97 6.67 35.06 24.43
N GLY G 98 7.94 34.89 24.79
CA GLY G 98 8.90 34.35 23.84
C GLY G 98 8.68 32.89 23.53
N ARG G 99 8.00 32.17 24.41
CA ARG G 99 7.81 30.74 24.27
C ARG G 99 6.34 30.35 24.17
N VAL G 100 5.51 31.27 23.70
CA VAL G 100 4.07 31.08 23.69
C VAL G 100 3.59 30.94 22.25
N THR G 101 2.71 29.99 22.03
CA THR G 101 2.10 29.77 20.74
C THR G 101 0.64 30.20 20.81
N ILE G 102 0.23 31.02 19.84
CA ILE G 102 -1.13 31.53 19.81
C ILE G 102 -1.88 30.86 18.67
N ALA G 103 -2.99 30.20 19.01
CA ALA G 103 -3.79 29.55 17.99
C ALA G 103 -4.31 30.57 16.99
N GLN G 104 -4.28 30.21 15.71
CA GLN G 104 -4.75 31.07 14.64
C GLN G 104 -4.03 32.42 14.66
N GLY G 105 -2.76 32.40 15.02
CA GLY G 105 -2.03 33.64 15.17
C GLY G 105 -1.38 34.13 13.90
N GLY G 106 -1.11 33.23 12.97
CA GLY G 106 -0.37 33.65 11.80
C GLY G 106 1.04 34.03 12.19
N VAL G 107 1.69 34.78 11.29
CA VAL G 107 3.06 35.23 11.51
C VAL G 107 3.18 36.69 11.07
N LEU G 108 4.27 37.30 11.48
CA LEU G 108 4.60 38.64 11.01
C LEU G 108 5.02 38.59 9.55
N PRO G 109 4.41 39.39 8.69
CA PRO G 109 4.79 39.34 7.27
C PRO G 109 6.17 39.94 7.03
N ASN G 110 7.21 39.14 7.27
CA ASN G 110 8.58 39.56 7.07
C ASN G 110 9.22 38.73 5.97
N ILE G 111 9.96 39.39 5.08
CA ILE G 111 10.66 38.74 3.98
C ILE G 111 12.10 39.24 3.97
N GLN G 112 13.04 38.31 3.80
CA GLN G 112 14.44 38.69 3.74
C GLN G 112 14.74 39.50 2.48
N SER G 113 15.71 40.41 2.60
CA SER G 113 16.04 41.31 1.51
C SER G 113 16.63 40.58 0.32
N VAL G 114 17.53 39.62 0.56
CA VAL G 114 18.25 39.00 -0.55
C VAL G 114 17.32 38.24 -1.48
N LEU G 115 16.15 37.84 -1.00
CA LEU G 115 15.19 37.16 -1.86
C LEU G 115 14.34 38.12 -2.67
N LEU G 116 14.50 39.42 -2.47
CA LEU G 116 13.77 40.39 -3.26
C LEU G 116 14.29 40.38 -4.70
N PRO G 117 13.41 40.55 -5.68
CA PRO G 117 13.84 40.54 -7.08
C PRO G 117 14.61 41.81 -7.40
N LYS G 118 15.74 41.64 -8.08
CA LYS G 118 16.64 42.76 -8.34
C LYS G 118 17.19 42.71 -9.76
N THR H 29 -21.83 21.24 34.94
CA THR H 29 -21.77 22.18 36.04
C THR H 29 -21.37 23.57 35.56
N ARG H 30 -20.82 24.38 36.45
CA ARG H 30 -20.45 25.76 36.15
C ARG H 30 -18.94 25.91 36.20
N LYS H 31 -18.40 26.65 35.23
CA LYS H 31 -16.97 26.96 35.17
C LYS H 31 -16.78 28.47 35.31
N GLU H 32 -15.69 28.86 35.96
CA GLU H 32 -15.37 30.26 36.16
C GLU H 32 -14.22 30.66 35.24
N SER H 33 -14.15 31.96 34.94
CA SER H 33 -13.15 32.50 34.05
C SER H 33 -12.89 33.95 34.44
N TYR H 34 -12.16 34.65 33.58
CA TYR H 34 -11.92 36.07 33.72
C TYR H 34 -12.71 36.89 32.71
N ALA H 35 -13.73 36.29 32.10
CA ALA H 35 -14.36 36.89 30.93
C ALA H 35 -14.91 38.28 31.22
N ILE H 36 -15.64 38.42 32.33
CA ILE H 36 -16.29 39.69 32.62
C ILE H 36 -15.26 40.79 32.86
N TYR H 37 -14.18 40.45 33.55
CA TYR H 37 -13.16 41.46 33.84
C TYR H 37 -12.42 41.86 32.59
N VAL H 38 -12.14 40.89 31.72
CA VAL H 38 -11.53 41.21 30.43
C VAL H 38 -12.44 42.15 29.64
N TYR H 39 -13.72 41.83 29.59
CA TYR H 39 -14.65 42.67 28.85
C TYR H 39 -14.70 44.07 29.42
N LYS H 40 -14.70 44.19 30.74
CA LYS H 40 -14.74 45.49 31.39
C LYS H 40 -13.50 46.31 31.03
N VAL H 41 -12.33 45.69 31.09
CA VAL H 41 -11.11 46.42 30.77
C VAL H 41 -11.11 46.84 29.31
N LEU H 42 -11.60 45.97 28.44
CA LEU H 42 -11.72 46.31 27.02
C LEU H 42 -12.59 47.53 26.83
N LYS H 43 -13.76 47.54 27.46
CA LYS H 43 -14.62 48.71 27.37
C LYS H 43 -13.95 49.95 27.95
N GLN H 44 -13.09 49.76 28.96
CA GLN H 44 -12.38 50.90 29.52
C GLN H 44 -11.44 51.52 28.50
N VAL H 45 -10.60 50.70 27.86
CA VAL H 45 -9.58 51.27 26.99
C VAL H 45 -10.13 51.55 25.60
N HIS H 46 -10.91 50.64 25.05
CA HIS H 46 -11.45 50.76 23.70
C HIS H 46 -12.95 50.55 23.80
N PRO H 47 -13.70 51.58 24.17
CA PRO H 47 -15.12 51.40 24.48
C PRO H 47 -15.95 50.92 23.30
N ASP H 48 -15.44 51.01 22.09
CA ASP H 48 -16.21 50.72 20.89
C ASP H 48 -15.69 49.49 20.15
N THR H 49 -15.02 48.60 20.86
CA THR H 49 -14.34 47.46 20.25
C THR H 49 -14.97 46.16 20.72
N GLY H 50 -15.33 45.31 19.78
CA GLY H 50 -15.83 43.99 20.08
C GLY H 50 -14.70 42.99 20.26
N ILE H 51 -15.08 41.74 20.47
CA ILE H 51 -14.10 40.67 20.66
C ILE H 51 -14.74 39.34 20.32
N SER H 52 -13.96 38.48 19.68
CA SER H 52 -14.41 37.14 19.38
C SER H 52 -14.15 36.22 20.57
N SER H 53 -14.88 35.11 20.60
CA SER H 53 -14.74 34.16 21.70
C SER H 53 -13.35 33.57 21.74
N LYS H 54 -12.80 33.22 20.57
CA LYS H 54 -11.49 32.59 20.53
C LYS H 54 -10.43 33.49 21.12
N ALA H 55 -10.37 34.73 20.68
CA ALA H 55 -9.42 35.68 21.24
C ALA H 55 -9.64 35.84 22.73
N MET H 56 -10.90 35.80 23.15
CA MET H 56 -11.21 36.00 24.54
C MET H 56 -10.64 34.87 25.38
N SER H 57 -10.80 33.64 24.90
CA SER H 57 -10.24 32.49 25.57
C SER H 57 -8.72 32.55 25.59
N ILE H 58 -8.12 33.07 24.51
CA ILE H 58 -6.68 33.28 24.50
C ILE H 58 -6.28 34.23 25.61
N MET H 59 -7.04 35.30 25.79
CA MET H 59 -6.78 36.24 26.87
C MET H 59 -6.84 35.54 28.21
N ASN H 60 -7.87 34.72 28.41
CA ASN H 60 -8.01 33.99 29.66
C ASN H 60 -6.81 33.10 29.92
N SER H 61 -6.39 32.36 28.90
CA SER H 61 -5.25 31.48 29.06
C SER H 61 -4.01 32.28 29.41
N PHE H 62 -3.84 33.44 28.77
CA PHE H 62 -2.69 34.29 29.08
C PHE H 62 -2.72 34.73 30.53
N VAL H 63 -3.89 35.13 31.01
CA VAL H 63 -4.01 35.57 32.39
C VAL H 63 -3.63 34.44 33.33
N ASN H 64 -4.14 33.25 33.06
CA ASN H 64 -3.82 32.11 33.90
C ASN H 64 -2.33 31.84 33.91
N ASP H 65 -1.71 31.90 32.73
CA ASP H 65 -0.27 31.64 32.64
C ASP H 65 0.51 32.62 33.49
N VAL H 66 0.21 33.91 33.36
CA VAL H 66 0.94 34.90 34.15
C VAL H 66 0.70 34.66 35.63
N PHE H 67 -0.53 34.30 35.99
CA PHE H 67 -0.84 33.99 37.37
C PHE H 67 0.08 32.90 37.89
N GLU H 68 0.19 31.80 37.15
CA GLU H 68 1.01 30.69 37.61
C GLU H 68 2.46 31.11 37.72
N ARG H 69 2.98 31.83 36.73
CA ARG H 69 4.38 32.22 36.78
C ARG H 69 4.66 33.04 38.03
N ILE H 70 3.84 34.07 38.25
CA ILE H 70 4.09 34.97 39.36
C ILE H 70 3.92 34.24 40.69
N ALA H 71 2.92 33.35 40.78
CA ALA H 71 2.67 32.65 42.03
C ALA H 71 3.81 31.70 42.36
N GLY H 72 4.27 30.94 41.36
CA GLY H 72 5.37 30.03 41.60
C GLY H 72 6.63 30.76 42.01
N GLU H 73 6.91 31.89 41.35
CA GLU H 73 8.09 32.65 41.74
C GLU H 73 7.97 33.16 43.17
N ALA H 74 6.79 33.66 43.54
CA ALA H 74 6.60 34.14 44.90
C ALA H 74 6.78 33.01 45.90
N SER H 75 6.24 31.83 45.60
CA SER H 75 6.36 30.72 46.53
C SER H 75 7.82 30.32 46.69
N ARG H 76 8.57 30.27 45.59
CA ARG H 76 9.99 29.97 45.71
C ARG H 76 10.70 31.03 46.54
N LEU H 77 10.35 32.30 46.33
CA LEU H 77 10.95 33.35 47.13
C LEU H 77 10.70 33.14 48.61
N ALA H 78 9.45 32.83 48.96
CA ALA H 78 9.12 32.62 50.36
C ALA H 78 9.90 31.45 50.93
N HIS H 79 9.97 30.35 50.20
CA HIS H 79 10.70 29.18 50.69
C HIS H 79 12.17 29.50 50.87
N TYR H 80 12.75 30.24 49.94
CA TYR H 80 14.17 30.56 50.03
C TYR H 80 14.47 31.35 51.28
N ASN H 81 13.52 32.13 51.75
CA ASN H 81 13.75 33.03 52.87
C ASN H 81 13.22 32.47 54.18
N LYS H 82 12.73 31.25 54.17
CA LYS H 82 12.13 30.63 55.36
C LYS H 82 11.01 31.51 55.92
N ARG H 83 9.97 31.65 55.11
CA ARG H 83 8.80 32.43 55.50
C ARG H 83 7.55 31.60 55.32
N SER H 84 6.55 31.90 56.13
CA SER H 84 5.28 31.19 56.06
C SER H 84 4.23 31.95 55.26
N THR H 85 4.49 33.21 54.93
CA THR H 85 3.50 34.08 54.35
C THR H 85 3.98 34.63 53.02
N ILE H 86 3.06 34.82 52.09
CA ILE H 86 3.32 35.52 50.84
C ILE H 86 2.72 36.91 50.99
N THR H 87 3.56 37.93 50.93
CA THR H 87 3.11 39.29 51.12
C THR H 87 3.02 39.98 49.76
N SER H 88 2.59 41.23 49.77
CA SER H 88 2.70 42.05 48.58
C SER H 88 4.15 42.30 48.20
N ARG H 89 5.05 42.30 49.18
CA ARG H 89 6.47 42.52 48.88
C ARG H 89 7.02 41.40 48.00
N GLU H 90 6.69 40.16 48.33
CA GLU H 90 7.14 39.05 47.51
C GLU H 90 6.53 39.12 46.11
N ILE H 91 5.28 39.53 46.02
CA ILE H 91 4.66 39.70 44.72
C ILE H 91 5.43 40.74 43.90
N GLN H 92 5.80 41.84 44.54
CA GLN H 92 6.56 42.86 43.84
C GLN H 92 7.91 42.32 43.37
N THR H 93 8.61 41.60 44.24
CA THR H 93 9.90 41.06 43.85
C THR H 93 9.76 40.08 42.70
N ALA H 94 8.74 39.23 42.74
CA ALA H 94 8.52 38.28 41.66
C ALA H 94 8.19 39.00 40.36
N VAL H 95 7.40 40.08 40.45
CA VAL H 95 7.09 40.85 39.26
C VAL H 95 8.37 41.43 38.66
N ARG H 96 9.24 41.96 39.52
CA ARG H 96 10.51 42.46 39.02
C ARG H 96 11.30 41.36 38.33
N LEU H 97 11.35 40.18 38.92
CA LEU H 97 12.13 39.10 38.33
C LEU H 97 11.54 38.63 37.01
N LEU H 98 10.23 38.61 36.88
CA LEU H 98 9.60 38.06 35.69
C LEU H 98 9.28 39.09 34.64
N LEU H 99 9.43 40.37 34.92
CA LEU H 99 9.00 41.26 33.86
C LEU H 99 10.16 42.06 33.31
N PRO H 100 10.13 42.39 32.02
CA PRO H 100 11.23 43.16 31.44
C PRO H 100 11.04 44.67 31.57
N GLY H 101 12.01 45.33 32.20
CA GLY H 101 12.13 46.77 32.18
C GLY H 101 10.88 47.59 32.44
N GLU H 102 10.41 48.28 31.41
CA GLU H 102 9.34 49.26 31.58
C GLU H 102 8.04 48.60 32.01
N LEU H 103 7.74 47.42 31.48
CA LEU H 103 6.59 46.68 31.98
C LEU H 103 6.71 46.46 33.47
N ALA H 104 7.90 46.06 33.92
CA ALA H 104 8.10 45.83 35.35
C ALA H 104 7.89 47.11 36.14
N LYS H 105 8.44 48.22 35.68
CA LYS H 105 8.31 49.46 36.44
C LYS H 105 6.87 49.91 36.52
N HIS H 106 6.15 49.88 35.40
CA HIS H 106 4.76 50.34 35.41
C HIS H 106 3.90 49.41 36.24
N ALA H 107 4.13 48.11 36.16
CA ALA H 107 3.36 47.18 36.98
C ALA H 107 3.64 47.40 38.46
N VAL H 108 4.90 47.66 38.82
CA VAL H 108 5.23 47.94 40.21
C VAL H 108 4.49 49.18 40.67
N SER H 109 4.49 50.23 39.85
CA SER H 109 3.77 51.44 40.21
C SER H 109 2.29 51.16 40.41
N GLU H 110 1.68 50.40 39.49
CA GLU H 110 0.26 50.13 39.59
C GLU H 110 -0.06 49.34 40.85
N GLY H 111 0.74 48.32 41.13
CA GLY H 111 0.50 47.53 42.33
C GLY H 111 0.65 48.36 43.59
N THR H 112 1.69 49.19 43.65
CA THR H 112 1.88 50.03 44.83
C THR H 112 0.71 50.98 45.00
N LYS H 113 0.27 51.62 43.92
CA LYS H 113 -0.84 52.54 44.01
C LYS H 113 -2.10 51.85 44.49
N ALA H 114 -2.40 50.68 43.93
CA ALA H 114 -3.61 49.96 44.34
C ALA H 114 -3.51 49.56 45.81
N VAL H 115 -2.32 49.15 46.25
CA VAL H 115 -2.15 48.76 47.64
C VAL H 115 -2.41 49.94 48.57
N THR H 116 -1.83 51.09 48.27
CA THR H 116 -2.05 52.25 49.12
C THR H 116 -3.52 52.65 49.13
N LYS H 117 -4.16 52.63 47.95
CA LYS H 117 -5.57 52.98 47.91
C LYS H 117 -6.42 52.03 48.73
N TYR H 118 -6.17 50.74 48.61
CA TYR H 118 -6.95 49.77 49.37
C TYR H 118 -6.71 49.91 50.86
N THR H 119 -5.46 50.11 51.26
CA THR H 119 -5.14 50.24 52.67
C THR H 119 -5.75 51.49 53.28
N SER H 120 -5.70 52.62 52.57
CA SER H 120 -6.30 53.84 53.08
C SER H 120 -7.80 53.67 53.28
N ALA H 121 -8.46 53.02 52.33
CA ALA H 121 -9.88 52.76 52.44
C ALA H 121 -10.13 51.32 52.91
N LEU I 22 -3.96 1.66 10.19
CA LEU I 22 -3.14 2.87 10.26
C LEU I 22 -1.69 2.60 9.91
N ARG I 23 -1.39 2.61 8.61
CA ARG I 23 -0.03 2.42 8.14
C ARG I 23 0.25 3.36 6.98
N ASP I 24 1.45 3.94 6.98
CA ASP I 24 1.89 4.87 5.95
C ASP I 24 0.91 6.04 5.81
N ASN I 25 0.76 6.78 6.90
CA ASN I 25 0.05 8.05 6.87
C ASN I 25 1.00 9.23 6.83
N ILE I 26 2.27 9.02 7.17
CA ILE I 26 3.24 10.09 7.10
C ILE I 26 3.36 10.61 5.68
N GLN I 27 3.13 9.74 4.69
CA GLN I 27 3.04 10.21 3.32
C GLN I 27 1.75 10.97 3.05
N GLY I 28 0.79 10.93 3.98
CA GLY I 28 -0.37 11.80 3.87
C GLY I 28 -0.02 13.27 3.98
N ILE I 29 1.16 13.59 4.48
CA ILE I 29 1.66 14.96 4.46
C ILE I 29 2.17 15.25 3.08
N THR I 30 1.33 15.85 2.24
CA THR I 30 1.67 16.03 0.84
C THR I 30 2.74 17.10 0.67
N LYS I 31 3.50 16.96 -0.41
CA LYS I 31 4.51 17.95 -0.74
C LYS I 31 3.94 19.36 -0.87
N PRO I 32 2.79 19.60 -1.51
CA PRO I 32 2.27 20.98 -1.54
C PRO I 32 2.07 21.57 -0.16
N ALA I 33 1.67 20.74 0.81
CA ALA I 33 1.57 21.23 2.18
C ALA I 33 2.92 21.71 2.70
N ILE I 34 3.97 20.96 2.40
CA ILE I 34 5.30 21.35 2.87
C ILE I 34 5.73 22.64 2.19
N ARG I 35 5.40 22.80 0.91
CA ARG I 35 5.67 24.08 0.25
C ARG I 35 4.94 25.21 0.95
N ARG I 36 3.66 25.01 1.27
CA ARG I 36 2.90 26.06 1.92
C ARG I 36 3.50 26.41 3.26
N LEU I 37 3.91 25.40 4.03
CA LEU I 37 4.56 25.64 5.31
C LEU I 37 5.83 26.45 5.13
N ALA I 38 6.66 26.08 4.17
CA ALA I 38 7.90 26.81 3.96
C ALA I 38 7.63 28.24 3.52
N ARG I 39 6.61 28.44 2.69
CA ARG I 39 6.31 29.78 2.20
C ARG I 39 5.84 30.67 3.34
N ARG I 40 4.96 30.15 4.19
CA ARG I 40 4.61 30.91 5.39
C ARG I 40 5.82 31.18 6.25
N GLY I 41 6.82 30.31 6.20
CA GLY I 41 8.05 30.56 6.89
C GLY I 41 8.97 31.53 6.19
N GLY I 42 8.58 32.03 5.03
CA GLY I 42 9.39 32.98 4.30
C GLY I 42 10.50 32.36 3.47
N VAL I 43 10.30 31.17 2.94
CA VAL I 43 11.31 30.46 2.18
C VAL I 43 10.96 30.52 0.70
N LYS I 44 11.95 30.85 -0.14
CA LYS I 44 11.69 31.07 -1.55
C LYS I 44 12.05 29.89 -2.43
N ARG I 45 13.18 29.23 -2.21
CA ARG I 45 13.58 28.12 -3.07
C ARG I 45 13.82 26.87 -2.23
N ILE I 46 13.25 25.77 -2.68
CA ILE I 46 13.15 24.55 -1.89
C ILE I 46 13.83 23.41 -2.62
N SER I 47 14.66 22.66 -1.90
CA SER I 47 15.24 21.43 -2.44
C SER I 47 14.20 20.32 -2.45
N GLY I 48 14.43 19.34 -3.33
CA GLY I 48 13.56 18.17 -3.39
C GLY I 48 13.88 17.13 -2.34
N LEU I 49 15.11 17.13 -1.81
CA LEU I 49 15.53 16.18 -0.80
C LEU I 49 15.11 16.61 0.60
N ILE I 50 14.25 17.62 0.70
CA ILE I 50 13.86 18.20 1.97
C ILE I 50 12.66 17.47 2.59
N TYR I 51 11.68 17.10 1.77
CA TYR I 51 10.35 16.77 2.29
C TYR I 51 10.39 15.59 3.25
N GLU I 52 11.12 14.54 2.90
CA GLU I 52 11.23 13.40 3.80
C GLU I 52 11.91 13.79 5.11
N GLU I 53 12.90 14.69 5.03
CA GLU I 53 13.55 15.16 6.25
C GLU I 53 12.56 15.85 7.16
N THR I 54 11.71 16.72 6.58
CA THR I 54 10.67 17.35 7.36
C THR I 54 9.73 16.32 7.95
N ARG I 55 9.37 15.30 7.16
CA ARG I 55 8.48 14.27 7.65
C ARG I 55 9.07 13.58 8.87
N GLY I 56 10.37 13.26 8.81
CA GLY I 56 11.01 12.61 9.94
C GLY I 56 11.03 13.50 11.18
N VAL I 57 11.39 14.77 11.00
CA VAL I 57 11.45 15.67 12.14
C VAL I 57 10.07 15.83 12.77
N LEU I 58 9.05 16.01 11.92
CA LEU I 58 7.70 16.13 12.43
C LEU I 58 7.27 14.88 13.17
N LYS I 59 7.62 13.71 12.64
CA LYS I 59 7.27 12.47 13.32
C LYS I 59 7.91 12.41 14.70
N VAL I 60 9.18 12.84 14.79
CA VAL I 60 9.86 12.87 16.08
C VAL I 60 9.11 13.77 17.05
N PHE I 61 8.77 14.98 16.58
CA PHE I 61 8.08 15.95 17.42
C PHE I 61 6.74 15.39 17.89
N LEU I 62 5.98 14.83 16.96
CA LEU I 62 4.66 14.28 17.29
C LEU I 62 4.78 13.15 18.29
N GLU I 63 5.75 12.27 18.11
CA GLU I 63 5.93 11.19 19.07
C GLU I 63 6.23 11.75 20.45
N ASN I 64 7.11 12.76 20.51
CA ASN I 64 7.49 13.32 21.80
C ASN I 64 6.29 13.88 22.53
N VAL I 65 5.43 14.62 21.82
CA VAL I 65 4.28 15.20 22.51
C VAL I 65 3.27 14.12 22.86
N ILE I 66 2.99 13.21 21.92
CA ILE I 66 1.91 12.25 22.13
C ILE I 66 2.23 11.31 23.27
N ARG I 67 3.50 10.95 23.44
CA ARG I 67 3.86 10.06 24.55
C ARG I 67 3.39 10.64 25.87
N ASP I 68 3.75 11.89 26.14
CA ASP I 68 3.37 12.52 27.40
C ASP I 68 1.87 12.74 27.47
N ALA I 69 1.25 13.06 26.34
CA ALA I 69 -0.20 13.24 26.35
C ALA I 69 -0.91 11.96 26.77
N VAL I 70 -0.46 10.83 26.22
CA VAL I 70 -1.03 9.55 26.62
C VAL I 70 -0.73 9.25 28.07
N THR I 71 0.46 9.62 28.54
CA THR I 71 0.76 9.43 29.95
C THR I 71 -0.25 10.17 30.82
N TYR I 72 -0.53 11.41 30.48
CA TYR I 72 -1.53 12.16 31.24
C TYR I 72 -2.90 11.52 31.14
N THR I 73 -3.27 11.07 29.95
CA THR I 73 -4.59 10.47 29.77
C THR I 73 -4.74 9.22 30.64
N GLU I 74 -3.71 8.38 30.69
CA GLU I 74 -3.83 7.15 31.44
C GLU I 74 -3.75 7.38 32.94
N HIS I 75 -2.92 8.34 33.38
CA HIS I 75 -2.82 8.55 34.82
C HIS I 75 -4.15 9.00 35.40
N ALA I 76 -4.98 9.62 34.57
CA ALA I 76 -6.35 9.89 34.94
C ALA I 76 -7.25 8.69 34.74
N LYS I 77 -6.71 7.56 34.29
CA LYS I 77 -7.47 6.34 34.09
C LYS I 77 -8.63 6.56 33.12
N ARG I 78 -8.38 7.34 32.08
CA ARG I 78 -9.39 7.61 31.07
C ARG I 78 -9.10 6.82 29.81
N LYS I 79 -10.09 6.78 28.92
CA LYS I 79 -9.95 6.09 27.66
C LYS I 79 -9.93 7.00 26.45
N THR I 80 -10.22 8.29 26.61
CA THR I 80 -10.11 9.24 25.52
C THR I 80 -9.12 10.31 25.91
N VAL I 81 -8.39 10.82 24.92
CA VAL I 81 -7.42 11.88 25.17
C VAL I 81 -8.10 13.23 25.01
N THR I 82 -7.98 14.08 26.02
CA THR I 82 -8.54 15.42 25.95
C THR I 82 -7.46 16.41 25.53
N ALA I 83 -7.89 17.47 24.89
CA ALA I 83 -6.97 18.53 24.49
C ALA I 83 -6.25 19.11 25.68
N MET I 84 -6.89 19.09 26.85
CA MET I 84 -6.31 19.75 28.01
C MET I 84 -5.00 19.05 28.35
N ASP I 85 -5.01 17.72 28.21
CA ASP I 85 -3.80 16.92 28.33
C ASP I 85 -2.74 17.38 27.35
N VAL I 86 -3.14 17.64 26.12
CA VAL I 86 -2.19 18.09 25.11
C VAL I 86 -1.56 19.40 25.54
N VAL I 87 -2.37 20.29 26.12
CA VAL I 87 -1.83 21.55 26.60
C VAL I 87 -0.79 21.29 27.67
N TYR I 88 -1.10 20.40 28.60
CA TYR I 88 -0.12 20.07 29.63
C TYR I 88 1.15 19.51 29.03
N ALA I 89 1.03 18.61 28.07
CA ALA I 89 2.22 18.02 27.47
C ALA I 89 3.07 19.08 26.80
N LEU I 90 2.44 19.98 26.05
CA LEU I 90 3.19 21.05 25.40
C LEU I 90 3.86 21.95 26.43
N LYS I 91 3.14 22.27 27.51
CA LYS I 91 3.76 23.10 28.55
C LYS I 91 4.97 22.40 29.14
N ARG I 92 4.88 21.10 29.34
CA ARG I 92 6.01 20.37 29.90
C ARG I 92 7.20 20.41 28.96
N GLN I 93 6.95 20.50 27.65
CA GLN I 93 8.02 20.58 26.66
C GLN I 93 8.43 22.01 26.38
N GLY I 94 8.00 22.95 27.22
CA GLY I 94 8.42 24.33 27.04
C GLY I 94 7.87 25.01 25.81
N ARG I 95 6.77 24.50 25.26
CA ARG I 95 6.13 25.11 24.08
C ARG I 95 4.68 25.38 24.47
N THR I 96 4.45 26.54 25.06
CA THR I 96 3.14 26.86 25.59
C THR I 96 2.20 27.30 24.47
N LEU I 97 0.97 26.78 24.52
CA LEU I 97 -0.07 27.12 23.55
C LEU I 97 -1.25 27.71 24.28
N TYR I 98 -1.77 28.83 23.77
CA TYR I 98 -2.96 29.44 24.31
C TYR I 98 -4.17 29.07 23.47
N GLY I 99 -5.35 29.38 23.99
CA GLY I 99 -6.56 29.32 23.20
C GLY I 99 -7.20 27.97 23.07
N PHE I 100 -6.78 26.99 23.86
CA PHE I 100 -7.37 25.66 23.80
C PHE I 100 -7.84 25.22 25.17
N GLY I 101 -8.56 26.09 25.85
CA GLY I 101 -9.05 25.78 27.18
C GLY I 101 -8.23 26.48 28.23
N GLY I 102 -6.92 26.54 28.03
CA GLY I 102 -6.04 27.18 28.99
C GLY I 102 -5.83 26.37 30.25
N ALA J 12 8.59 -1.67 70.72
CA ALA J 12 9.71 -2.44 70.16
C ALA J 12 10.85 -1.51 69.78
N LYS J 13 11.97 -2.10 69.36
CA LYS J 13 13.12 -1.29 68.95
C LYS J 13 12.84 -0.59 67.63
N ALA J 14 13.44 0.58 67.47
CA ALA J 14 13.23 1.37 66.27
C ALA J 14 13.93 0.71 65.08
N LYS J 15 13.21 0.56 63.98
CA LYS J 15 13.74 -0.02 62.75
C LYS J 15 13.48 0.94 61.62
N THR J 16 14.52 1.24 60.84
CA THR J 16 14.37 2.22 59.79
C THR J 16 13.47 1.70 58.68
N ARG J 17 12.62 2.59 58.18
CA ARG J 17 11.79 2.25 57.03
C ARG J 17 12.62 1.96 55.80
N SER J 18 13.80 2.57 55.70
CA SER J 18 14.71 2.25 54.62
C SER J 18 15.11 0.77 54.66
N SER J 19 15.40 0.26 55.86
CA SER J 19 15.70 -1.15 56.00
C SER J 19 14.51 -2.00 55.59
N ARG J 20 13.31 -1.60 55.97
CA ARG J 20 12.11 -2.35 55.61
C ARG J 20 11.95 -2.40 54.10
N ALA J 21 12.28 -1.30 53.42
CA ALA J 21 12.36 -1.32 51.96
C ALA J 21 13.71 -1.81 51.45
N GLY J 22 14.70 -1.96 52.34
CA GLY J 22 16.02 -2.38 51.91
C GLY J 22 16.76 -1.36 51.07
N LEU J 23 16.73 -0.09 51.46
CA LEU J 23 17.39 0.97 50.72
C LEU J 23 18.52 1.57 51.52
N GLN J 24 19.17 2.58 50.93
CA GLN J 24 20.19 3.35 51.61
C GLN J 24 19.85 4.82 51.76
N PHE J 25 18.78 5.28 51.12
CA PHE J 25 18.37 6.67 51.19
C PHE J 25 17.35 6.85 52.31
N PRO J 26 17.50 7.91 53.11
CA PRO J 26 16.66 8.03 54.33
C PRO J 26 15.23 8.36 53.95
N VAL J 27 14.36 7.35 54.03
CA VAL J 27 12.97 7.52 53.63
C VAL J 27 12.26 8.48 54.58
N GLY J 28 12.61 8.46 55.86
CA GLY J 28 11.98 9.37 56.80
C GLY J 28 12.28 10.83 56.49
N ARG J 29 13.54 11.13 56.19
CA ARG J 29 13.89 12.48 55.78
C ARG J 29 13.14 12.86 54.52
N VAL J 30 13.02 11.92 53.58
CA VAL J 30 12.28 12.18 52.35
C VAL J 30 10.83 12.53 52.67
N HIS J 31 10.20 11.76 53.55
CA HIS J 31 8.81 12.02 53.89
C HIS J 31 8.67 13.38 54.55
N ARG J 32 9.58 13.72 55.45
CA ARG J 32 9.51 15.03 56.10
C ARG J 32 9.63 16.14 55.08
N LEU J 33 10.59 16.02 54.16
CA LEU J 33 10.75 17.06 53.14
C LEU J 33 9.54 17.15 52.25
N LEU J 34 8.94 16.01 51.90
CA LEU J 34 7.73 16.03 51.10
C LEU J 34 6.61 16.77 51.82
N ARG J 35 6.48 16.53 53.12
CA ARG J 35 5.46 17.23 53.89
C ARG J 35 5.73 18.73 53.92
N LYS J 36 6.98 19.12 54.12
CA LYS J 36 7.31 20.52 54.29
C LYS J 36 7.46 21.26 52.97
N GLY J 37 7.40 20.57 51.84
CA GLY J 37 7.61 21.20 50.55
C GLY J 37 6.39 21.83 49.92
N ASN J 38 5.25 21.84 50.62
CA ASN J 38 4.03 22.48 50.14
C ASN J 38 3.61 21.93 48.78
N TYR J 39 3.82 20.63 48.59
CA TYR J 39 3.42 20.00 47.34
C TYR J 39 1.98 19.53 47.36
N ALA J 40 1.51 19.03 48.49
CA ALA J 40 0.11 18.68 48.67
C ALA J 40 -0.17 18.65 50.16
N GLU J 41 -1.46 18.67 50.50
CA GLU J 41 -1.86 18.62 51.90
C GLU J 41 -1.57 17.25 52.50
N ARG J 42 -1.91 16.19 51.79
CA ARG J 42 -1.71 14.84 52.30
C ARG J 42 -0.68 14.13 51.44
N VAL J 43 0.16 13.34 52.11
CA VAL J 43 1.24 12.62 51.47
C VAL J 43 1.00 11.13 51.66
N GLY J 44 1.01 10.39 50.56
CA GLY J 44 0.82 8.95 50.65
C GLY J 44 1.92 8.29 51.46
N ALA J 45 1.55 7.17 52.08
CA ALA J 45 2.50 6.46 52.93
C ALA J 45 3.64 5.84 52.12
N GLY J 46 3.33 5.24 50.97
CA GLY J 46 4.32 4.58 50.16
C GLY J 46 5.06 5.48 49.19
N ALA J 47 4.77 6.77 49.21
CA ALA J 47 5.40 7.68 48.29
C ALA J 47 6.89 7.86 48.59
N PRO J 48 7.28 8.24 49.82
CA PRO J 48 8.70 8.51 50.07
C PRO J 48 9.57 7.30 49.79
N VAL J 49 9.05 6.09 49.99
CA VAL J 49 9.80 4.90 49.64
C VAL J 49 10.11 4.88 48.15
N TYR J 50 9.09 5.11 47.32
CA TYR J 50 9.28 5.14 45.89
C TYR J 50 10.34 6.17 45.50
N LEU J 51 10.21 7.38 46.05
CA LEU J 51 11.13 8.44 45.68
C LEU J 51 12.56 8.11 46.10
N ALA J 52 12.74 7.60 47.31
CA ALA J 52 14.08 7.26 47.76
C ALA J 52 14.68 6.16 46.89
N ALA J 53 13.87 5.18 46.50
CA ALA J 53 14.36 4.14 45.62
C ALA J 53 14.84 4.71 44.30
N VAL J 54 14.04 5.58 43.69
CA VAL J 54 14.44 6.15 42.41
C VAL J 54 15.72 6.96 42.56
N LEU J 55 15.80 7.78 43.60
CA LEU J 55 16.99 8.60 43.79
C LEU J 55 18.22 7.72 43.97
N GLU J 56 18.10 6.68 44.78
CA GLU J 56 19.24 5.79 45.00
C GLU J 56 19.66 5.11 43.71
N TYR J 57 18.69 4.70 42.90
CA TYR J 57 19.04 4.06 41.63
C TYR J 57 19.80 5.01 40.72
N LEU J 58 19.30 6.23 40.57
CA LEU J 58 19.99 7.19 39.71
C LEU J 58 21.39 7.46 40.23
N THR J 59 21.52 7.62 41.54
CA THR J 59 22.84 7.87 42.13
C THR J 59 23.77 6.73 41.84
N ALA J 60 23.28 5.50 41.95
CA ALA J 60 24.11 4.35 41.64
C ALA J 60 24.58 4.38 40.20
N GLU J 61 23.67 4.72 39.27
CA GLU J 61 24.05 4.75 37.86
C GLU J 61 25.18 5.73 37.62
N ILE J 62 24.99 6.98 38.08
CA ILE J 62 26.00 7.99 37.81
C ILE J 62 27.31 7.64 38.50
N LEU J 63 27.23 7.13 39.73
CA LEU J 63 28.44 6.77 40.46
C LEU J 63 29.19 5.67 39.75
N GLU J 64 28.48 4.67 39.24
CA GLU J 64 29.13 3.58 38.51
C GLU J 64 29.89 4.12 37.30
N LEU J 65 29.21 4.95 36.51
CA LEU J 65 29.88 5.47 35.31
C LEU J 65 31.08 6.32 35.67
N ALA J 66 30.93 7.17 36.69
CA ALA J 66 32.04 8.02 37.10
C ALA J 66 33.21 7.21 37.63
N GLY J 67 32.93 6.14 38.39
CA GLY J 67 34.00 5.30 38.87
C GLY J 67 34.73 4.61 37.72
N ASN J 68 33.98 4.17 36.72
CA ASN J 68 34.62 3.63 35.53
C ASN J 68 35.58 4.64 34.94
N ALA J 69 35.10 5.88 34.77
CA ALA J 69 35.94 6.92 34.17
C ALA J 69 37.18 7.17 35.01
N ALA J 70 37.01 7.29 36.33
CA ALA J 70 38.13 7.59 37.20
C ALA J 70 39.17 6.46 37.18
N ARG J 71 38.70 5.23 37.11
CA ARG J 71 39.63 4.12 36.92
C ARG J 71 40.39 4.27 35.62
N ASP J 72 39.69 4.63 34.54
CA ASP J 72 40.34 4.82 33.26
C ASP J 72 41.43 5.88 33.34
N ASN J 73 41.30 6.82 34.26
CA ASN J 73 42.34 7.81 34.50
C ASN J 73 43.32 7.38 35.55
N LYS J 74 43.22 6.13 36.00
CA LYS J 74 44.13 5.58 37.01
C LYS J 74 44.12 6.43 38.27
N LYS J 75 42.93 6.84 38.70
CA LYS J 75 42.78 7.68 39.88
C LYS J 75 41.78 7.05 40.83
N THR J 76 42.00 7.26 42.12
CA THR J 76 41.23 6.61 43.16
C THR J 76 40.00 7.40 43.58
N ARG J 77 39.95 8.69 43.28
CA ARG J 77 38.88 9.55 43.76
C ARG J 77 38.20 10.23 42.58
N ILE J 78 36.88 10.16 42.55
CA ILE J 78 36.12 10.77 41.47
C ILE J 78 36.21 12.28 41.60
N ILE J 79 36.54 12.95 40.51
CA ILE J 79 36.66 14.40 40.48
C ILE J 79 35.53 14.92 39.59
N PRO J 80 35.24 16.22 39.62
CA PRO J 80 34.17 16.73 38.75
C PRO J 80 34.39 16.41 37.28
N ARG J 81 35.65 16.38 36.84
CA ARG J 81 35.92 16.05 35.44
C ARG J 81 35.38 14.67 35.10
N HIS J 82 35.59 13.70 35.98
CA HIS J 82 35.05 12.36 35.73
C HIS J 82 33.53 12.41 35.63
N LEU J 83 32.91 13.20 36.49
CA LEU J 83 31.46 13.31 36.46
C LEU J 83 30.99 13.86 35.13
N GLN J 84 31.62 14.94 34.67
CA GLN J 84 31.23 15.53 33.39
C GLN J 84 31.41 14.54 32.26
N LEU J 85 32.55 13.83 32.26
CA LEU J 85 32.81 12.88 31.20
C LEU J 85 31.75 11.79 31.19
N ALA J 86 31.43 11.26 32.36
CA ALA J 86 30.43 10.20 32.43
C ALA J 86 29.07 10.69 31.96
N VAL J 87 28.67 11.89 32.40
CA VAL J 87 27.35 12.39 32.07
C VAL J 87 27.24 12.65 30.58
N ARG J 88 28.23 13.36 30.02
CA ARG J 88 28.19 13.70 28.61
C ARG J 88 28.34 12.48 27.72
N ASN J 89 29.15 11.50 28.12
CA ASN J 89 29.33 10.31 27.31
C ASN J 89 28.07 9.47 27.25
N ASP J 90 27.34 9.36 28.35
CA ASP J 90 26.05 8.67 28.36
C ASP J 90 25.05 9.49 27.55
N GLU J 91 24.23 8.79 26.77
CA GLU J 91 23.21 9.48 26.00
C GLU J 91 22.07 9.94 26.90
N GLU J 92 21.41 9.00 27.59
CA GLU J 92 20.25 9.35 28.38
C GLU J 92 20.61 10.32 29.51
N LEU J 93 21.75 10.09 30.17
CA LEU J 93 22.15 10.99 31.23
C LEU J 93 22.41 12.39 30.72
N ASN J 94 23.13 12.51 29.60
CA ASN J 94 23.37 13.84 29.05
C ASN J 94 22.08 14.51 28.63
N LYS J 95 21.14 13.75 28.06
CA LYS J 95 19.85 14.32 27.73
C LYS J 95 19.13 14.82 28.97
N LEU J 96 19.16 14.05 30.04
CA LEU J 96 18.53 14.48 31.29
C LEU J 96 19.16 15.76 31.79
N LEU J 97 20.48 15.81 31.83
CA LEU J 97 21.18 17.01 32.27
C LEU J 97 21.55 17.89 31.09
N GLY J 98 20.56 18.15 30.22
CA GLY J 98 20.83 18.95 29.04
C GLY J 98 21.18 20.39 29.38
N ARG J 99 20.42 20.98 30.31
CA ARG J 99 20.58 22.38 30.67
C ARG J 99 21.40 22.56 31.93
N VAL J 100 22.22 21.58 32.28
CA VAL J 100 22.91 21.55 33.56
C VAL J 100 24.39 21.85 33.31
N THR J 101 24.96 22.69 34.16
CA THR J 101 26.38 23.02 34.09
C THR J 101 27.08 22.45 35.31
N ILE J 102 28.20 21.78 35.08
CA ILE J 102 29.01 21.22 36.16
C ILE J 102 30.29 22.02 36.27
N ALA J 103 30.57 22.51 37.48
CA ALA J 103 31.77 23.29 37.71
C ALA J 103 33.01 22.42 37.51
N GLN J 104 34.04 23.02 36.92
CA GLN J 104 35.28 22.31 36.60
C GLN J 104 35.02 21.04 35.81
N GLY J 105 33.94 21.00 35.05
CA GLY J 105 33.63 19.81 34.30
C GLY J 105 34.46 19.71 33.05
N GLY J 106 34.93 20.86 32.56
CA GLY J 106 35.60 20.83 31.28
C GLY J 106 34.61 20.47 30.19
N VAL J 107 35.16 20.05 29.05
CA VAL J 107 34.36 19.65 27.91
C VAL J 107 34.86 18.32 27.38
N LEU J 108 34.03 17.67 26.59
CA LEU J 108 34.45 16.49 25.88
C LEU J 108 35.51 16.86 24.86
N PRO J 109 36.64 16.18 24.83
CA PRO J 109 37.63 16.46 23.79
C PRO J 109 37.09 16.07 22.42
N ASN J 110 36.82 17.06 21.58
CA ASN J 110 36.22 16.81 20.29
C ASN J 110 36.66 17.90 19.32
N ILE J 111 37.19 17.50 18.17
CA ILE J 111 37.68 18.41 17.15
C ILE J 111 36.98 18.07 15.84
N GLN J 112 36.51 19.11 15.15
CA GLN J 112 35.84 18.88 13.87
C GLN J 112 36.82 18.33 12.84
N SER J 113 36.31 17.45 11.98
CA SER J 113 37.14 16.76 11.01
C SER J 113 37.79 17.73 10.03
N VAL J 114 37.02 18.70 9.54
CA VAL J 114 37.50 19.57 8.47
C VAL J 114 38.68 20.41 8.92
N LEU J 115 38.85 20.61 10.22
CA LEU J 115 40.01 21.34 10.72
C LEU J 115 41.25 20.48 10.83
N LEU J 116 41.12 19.18 10.64
CA LEU J 116 42.26 18.29 10.73
C LEU J 116 43.19 18.49 9.54
N PRO J 117 44.50 18.37 9.74
CA PRO J 117 45.45 18.50 8.62
C PRO J 117 45.21 17.40 7.61
N LYS J 118 45.37 17.73 6.33
CA LYS J 118 45.16 16.76 5.27
C LYS J 118 46.04 17.03 4.07
N THR K 29 25.09 26.07 63.49
CA THR K 29 24.27 24.88 63.67
C THR K 29 24.75 23.74 62.79
N ARG K 30 23.82 22.83 62.46
CA ARG K 30 24.12 21.67 61.63
C ARG K 30 23.31 21.74 60.34
N LYS K 31 23.95 21.39 59.23
CA LYS K 31 23.31 21.36 57.93
C LYS K 31 23.30 19.93 57.41
N GLU K 32 22.15 19.47 56.94
CA GLU K 32 22.03 18.11 56.44
C GLU K 32 22.35 18.07 54.96
N SER K 33 22.75 16.89 54.49
CA SER K 33 23.08 16.66 53.10
C SER K 33 22.75 15.21 52.77
N TYR K 34 23.32 14.72 51.68
CA TYR K 34 23.17 13.33 51.29
C TYR K 34 24.51 12.61 51.25
N ALA K 35 25.53 13.17 51.89
CA ALA K 35 26.89 12.68 51.72
C ALA K 35 27.02 11.22 52.16
N ILE K 36 26.41 10.88 53.28
CA ILE K 36 26.61 9.54 53.84
C ILE K 36 25.98 8.49 52.94
N TYR K 37 24.75 8.72 52.48
CA TYR K 37 24.08 7.72 51.66
C TYR K 37 24.78 7.57 50.32
N VAL K 38 25.23 8.68 49.75
CA VAL K 38 25.97 8.61 48.50
C VAL K 38 27.26 7.83 48.71
N TYR K 39 27.93 8.06 49.84
CA TYR K 39 29.16 7.34 50.12
C TYR K 39 28.88 5.85 50.21
N LYS K 40 27.78 5.47 50.86
CA LYS K 40 27.42 4.07 50.95
C LYS K 40 27.15 3.48 49.58
N VAL K 41 26.44 4.20 48.73
CA VAL K 41 26.15 3.69 47.39
C VAL K 41 27.45 3.50 46.61
N LEU K 42 28.35 4.47 46.73
CA LEU K 42 29.64 4.37 46.06
C LEU K 42 30.39 3.12 46.53
N LYS K 43 30.41 2.90 47.83
CA LYS K 43 31.07 1.70 48.34
C LYS K 43 30.37 0.43 47.87
N GLN K 44 29.07 0.51 47.61
CA GLN K 44 28.41 -0.64 47.02
C GLN K 44 28.90 -0.91 45.60
N VAL K 45 28.92 0.12 44.75
CA VAL K 45 29.27 -0.12 43.36
C VAL K 45 30.78 -0.20 43.18
N HIS K 46 31.53 0.66 43.85
CA HIS K 46 32.98 0.69 43.72
C HIS K 46 33.56 0.71 45.13
N PRO K 47 33.68 -0.46 45.76
CA PRO K 47 34.08 -0.51 47.19
C PRO K 47 35.47 0.00 47.47
N ASP K 48 36.16 0.54 46.48
CA ASP K 48 37.54 0.96 46.64
C ASP K 48 37.80 2.36 46.13
N THR K 49 36.80 3.03 45.58
CA THR K 49 36.99 4.31 44.92
C THR K 49 36.70 5.45 45.89
N GLY K 50 37.64 6.38 46.01
CA GLY K 50 37.46 7.57 46.83
C GLY K 50 36.69 8.64 46.09
N ILE K 51 36.61 9.81 46.71
CA ILE K 51 35.87 10.92 46.13
C ILE K 51 36.34 12.22 46.76
N SER K 52 36.34 13.28 45.95
CA SER K 52 36.67 14.60 46.46
C SER K 52 35.43 15.26 47.03
N SER K 53 35.66 16.31 47.83
CA SER K 53 34.56 17.04 48.41
C SER K 53 33.74 17.75 47.35
N LYS K 54 34.40 18.30 46.33
CA LYS K 54 33.67 19.01 45.29
C LYS K 54 32.72 18.10 44.56
N ALA K 55 33.16 16.88 44.24
CA ALA K 55 32.27 15.91 43.63
C ALA K 55 31.10 15.62 44.56
N MET K 56 31.37 15.59 45.87
CA MET K 56 30.28 15.40 46.82
C MET K 56 29.26 16.52 46.73
N SER K 57 29.74 17.76 46.66
CA SER K 57 28.82 18.89 46.56
C SER K 57 27.99 18.80 45.28
N ILE K 58 28.65 18.45 44.17
CA ILE K 58 27.95 18.31 42.91
C ILE K 58 26.89 17.23 43.00
N MET K 59 27.24 16.10 43.62
CA MET K 59 26.29 15.01 43.76
C MET K 59 25.09 15.45 44.57
N ASN K 60 25.33 16.15 45.67
CA ASN K 60 24.23 16.62 46.50
C ASN K 60 23.33 17.57 45.73
N SER K 61 23.94 18.49 44.98
CA SER K 61 23.16 19.44 44.20
C SER K 61 22.31 18.71 43.17
N PHE K 62 22.89 17.70 42.52
CA PHE K 62 22.15 16.93 41.54
C PHE K 62 20.97 16.21 42.18
N VAL K 63 21.19 15.60 43.34
CA VAL K 63 20.12 14.89 44.03
C VAL K 63 18.99 15.86 44.35
N ASN K 64 19.33 17.02 44.89
CA ASN K 64 18.31 18.00 45.23
C ASN K 64 17.56 18.42 43.98
N ASP K 65 18.27 18.65 42.89
CA ASP K 65 17.62 19.07 41.65
C ASP K 65 16.61 18.04 41.19
N VAL K 66 17.01 16.78 41.17
CA VAL K 66 16.08 15.73 40.78
C VAL K 66 14.89 15.72 41.71
N PHE K 67 15.15 15.88 43.00
CA PHE K 67 14.08 15.85 43.98
C PHE K 67 13.04 16.91 43.69
N GLU K 68 13.48 18.15 43.52
CA GLU K 68 12.48 19.21 43.30
C GLU K 68 11.78 19.01 41.97
N ARG K 69 12.51 18.60 40.92
CA ARG K 69 11.85 18.38 39.65
C ARG K 69 10.72 17.38 39.80
N ILE K 70 11.03 16.22 40.37
CA ILE K 70 10.05 15.16 40.44
C ILE K 70 8.92 15.54 41.39
N ALA K 71 9.24 16.23 42.48
CA ALA K 71 8.21 16.59 43.44
C ALA K 71 7.24 17.60 42.87
N GLY K 72 7.78 18.62 42.20
CA GLY K 72 6.92 19.60 41.56
C GLY K 72 6.05 18.95 40.50
N GLU K 73 6.62 18.03 39.72
CA GLU K 73 5.82 17.35 38.72
C GLU K 73 4.70 16.56 39.35
N ALA K 74 5.00 15.84 40.43
CA ALA K 74 3.97 15.07 41.10
C ALA K 74 2.88 15.96 41.66
N SER K 75 3.26 17.08 42.28
CA SER K 75 2.28 17.98 42.85
C SER K 75 1.40 18.57 41.77
N ARG K 76 2.00 18.97 40.65
CA ARG K 76 1.23 19.49 39.52
C ARG K 76 0.25 18.43 39.03
N LEU K 77 0.71 17.19 38.92
CA LEU K 77 -0.16 16.11 38.48
C LEU K 77 -1.33 15.93 39.44
N ALA K 78 -1.04 15.92 40.73
CA ALA K 78 -2.09 15.71 41.71
C ALA K 78 -3.14 16.83 41.63
N HIS K 79 -2.67 18.08 41.55
CA HIS K 79 -3.62 19.18 41.40
C HIS K 79 -4.41 19.03 40.12
N TYR K 80 -3.80 18.44 39.09
CA TYR K 80 -4.51 18.29 37.82
C TYR K 80 -5.73 17.41 37.98
N ASN K 81 -5.65 16.38 38.82
CA ASN K 81 -6.73 15.43 38.99
C ASN K 81 -7.66 15.79 40.11
N LYS K 82 -7.46 16.94 40.75
CA LYS K 82 -8.25 17.35 41.90
C LYS K 82 -8.20 16.29 43.00
N ARG K 83 -7.00 16.05 43.50
CA ARG K 83 -6.79 15.06 44.54
C ARG K 83 -5.92 15.66 45.65
N SER K 84 -6.14 15.17 46.86
CA SER K 84 -5.52 15.75 48.04
C SER K 84 -4.20 15.10 48.42
N THR K 85 -3.93 13.91 47.91
CA THR K 85 -2.80 13.11 48.37
C THR K 85 -1.91 12.73 47.20
N ILE K 86 -0.61 12.78 47.44
CA ILE K 86 0.39 12.35 46.46
C ILE K 86 0.78 10.92 46.84
N THR K 87 0.42 9.97 45.98
CA THR K 87 0.74 8.58 46.24
C THR K 87 2.03 8.22 45.53
N SER K 88 2.46 6.97 45.66
CA SER K 88 3.56 6.48 44.85
C SER K 88 3.20 6.40 43.39
N ARG K 89 1.91 6.21 43.07
CA ARG K 89 1.49 6.20 41.68
C ARG K 89 1.82 7.50 40.98
N GLU K 90 1.60 8.61 41.67
CA GLU K 90 1.94 9.91 41.10
C GLU K 90 3.43 10.01 40.82
N ILE K 91 4.24 9.51 41.74
CA ILE K 91 5.68 9.52 41.51
C ILE K 91 6.03 8.67 40.30
N GLN K 92 5.38 7.53 40.16
CA GLN K 92 5.65 6.68 39.01
C GLN K 92 5.34 7.42 37.72
N THR K 93 4.17 8.04 37.64
CA THR K 93 3.81 8.77 36.44
C THR K 93 4.78 9.92 36.18
N ALA K 94 5.16 10.64 37.23
CA ALA K 94 6.07 11.76 37.07
C ALA K 94 7.44 11.29 36.60
N VAL K 95 7.91 10.14 37.12
CA VAL K 95 9.18 9.60 36.70
C VAL K 95 9.12 9.22 35.22
N ARG K 96 8.02 8.59 34.81
CA ARG K 96 7.87 8.30 33.39
C ARG K 96 7.91 9.57 32.56
N LEU K 97 7.30 10.64 33.04
CA LEU K 97 7.29 11.87 32.28
C LEU K 97 8.65 12.54 32.23
N LEU K 98 9.45 12.44 33.30
CA LEU K 98 10.74 13.10 33.32
C LEU K 98 11.88 12.19 32.90
N LEU K 99 11.67 10.89 32.83
CA LEU K 99 12.92 10.26 32.49
C LEU K 99 12.87 9.65 31.11
N PRO K 100 13.98 9.67 30.38
CA PRO K 100 13.99 9.12 29.02
C PRO K 100 14.16 7.61 29.02
N GLY K 101 13.21 6.93 28.38
CA GLY K 101 13.31 5.53 28.03
C GLY K 101 13.82 4.56 29.08
N GLU K 102 14.99 3.97 28.82
CA GLU K 102 15.49 2.90 29.66
C GLU K 102 15.69 3.33 31.10
N LEU K 103 16.17 4.56 31.31
CA LEU K 103 16.26 5.07 32.67
C LEU K 103 14.89 5.03 33.34
N ALA K 104 13.86 5.45 32.62
CA ALA K 104 12.51 5.42 33.19
C ALA K 104 12.09 4.00 33.53
N LYS K 105 12.32 3.06 32.61
CA LYS K 105 11.91 1.69 32.87
C LYS K 105 12.62 1.12 34.09
N HIS K 106 13.93 1.30 34.17
CA HIS K 106 14.68 0.75 35.28
C HIS K 106 14.28 1.39 36.59
N ALA K 107 14.10 2.70 36.60
CA ALA K 107 13.69 3.37 37.83
C ALA K 107 12.31 2.93 38.26
N VAL K 108 11.38 2.75 37.32
CA VAL K 108 10.07 2.23 37.65
C VAL K 108 10.21 0.86 38.30
N SER K 109 11.08 0.02 37.74
CA SER K 109 11.32 -1.29 38.34
C SER K 109 11.80 -1.14 39.78
N GLU K 110 12.78 -0.27 40.01
CA GLU K 110 13.32 -0.13 41.36
C GLU K 110 12.25 0.33 42.33
N GLY K 111 11.49 1.35 41.94
CA GLY K 111 10.44 1.84 42.82
C GLY K 111 9.42 0.76 43.14
N THR K 112 9.00 0.00 42.12
CA THR K 112 8.02 -1.04 42.34
C THR K 112 8.54 -2.09 43.31
N LYS K 113 9.76 -2.57 43.08
CA LYS K 113 10.27 -3.65 43.92
C LYS K 113 10.48 -3.15 45.35
N ALA K 114 11.02 -1.95 45.51
CA ALA K 114 11.24 -1.43 46.85
C ALA K 114 9.92 -1.24 47.59
N VAL K 115 8.91 -0.72 46.91
CA VAL K 115 7.61 -0.54 47.54
C VAL K 115 7.03 -1.89 47.95
N THR K 116 7.11 -2.87 47.06
CA THR K 116 6.57 -4.19 47.41
C THR K 116 7.31 -4.78 48.60
N LYS K 117 8.63 -4.64 48.62
CA LYS K 117 9.40 -5.18 49.74
C LYS K 117 9.02 -4.50 51.04
N TYR K 118 8.93 -3.18 51.04
CA TYR K 118 8.59 -2.46 52.26
C TYR K 118 7.18 -2.83 52.73
N THR K 119 6.22 -2.89 51.82
CA THR K 119 4.86 -3.24 52.20
C THR K 119 4.78 -4.65 52.75
N SER K 120 5.47 -5.59 52.11
CA SER K 120 5.54 -6.94 52.66
C SER K 120 6.24 -6.94 54.01
N ALA K 121 7.29 -6.14 54.14
CA ALA K 121 7.99 -6.00 55.41
C ALA K 121 7.13 -5.28 56.43
N GLU N 7 -12.67 12.62 -36.35
CA GLU N 7 -12.12 13.65 -37.22
C GLU N 7 -12.69 15.02 -36.86
N PHE N 8 -14.01 15.18 -37.05
CA PHE N 8 -14.70 16.44 -36.78
C PHE N 8 -16.01 16.11 -36.05
N ALA N 9 -16.00 16.24 -34.73
CA ALA N 9 -17.18 15.99 -33.92
C ALA N 9 -17.04 16.74 -32.61
N LEU N 10 -18.16 16.89 -31.91
CA LEU N 10 -18.15 17.57 -30.62
C LEU N 10 -17.30 16.79 -29.62
N GLY N 11 -16.34 17.49 -29.00
CA GLY N 11 -15.43 16.87 -28.06
C GLY N 11 -14.24 16.19 -28.70
N GLY N 12 -14.24 16.01 -30.02
CA GLY N 12 -13.14 15.32 -30.67
C GLY N 12 -11.91 16.20 -30.81
N ARG N 13 -10.77 15.52 -30.94
CA ARG N 13 -9.51 16.22 -31.19
C ARG N 13 -9.47 16.76 -32.61
N CYS N 14 -8.70 17.83 -32.77
CA CYS N 14 -8.50 18.42 -34.09
C CYS N 14 -7.14 19.10 -34.13
N LEU N 15 -6.64 19.30 -35.34
CA LEU N 15 -5.35 19.98 -35.55
C LEU N 15 -5.59 21.09 -36.56
N ALA N 16 -5.37 22.33 -36.14
CA ALA N 16 -5.65 23.49 -36.97
C ALA N 16 -4.37 24.24 -37.29
N PHE N 17 -4.31 24.76 -38.51
CA PHE N 17 -3.19 25.58 -38.94
C PHE N 17 -3.14 26.89 -38.16
N HIS N 18 -1.92 27.39 -37.98
CA HIS N 18 -1.72 28.76 -37.48
C HIS N 18 -0.35 29.21 -38.01
N GLY N 19 -0.38 29.89 -39.15
CA GLY N 19 0.85 30.27 -39.82
C GLY N 19 1.59 29.07 -40.36
N PRO N 20 2.92 29.09 -40.26
CA PRO N 20 3.73 27.99 -40.80
C PRO N 20 3.82 26.80 -39.86
N LEU N 21 2.93 26.74 -38.87
CA LEU N 21 2.88 25.65 -37.93
C LEU N 21 1.43 25.41 -37.53
N MET N 22 1.17 24.23 -36.95
CA MET N 22 -0.17 23.84 -36.55
C MET N 22 -0.24 23.72 -35.03
N TYR N 23 -1.44 23.90 -34.50
CA TYR N 23 -1.69 23.76 -33.07
C TYR N 23 -2.90 22.85 -32.87
N GLU N 24 -2.70 21.79 -32.11
CA GLU N 24 -3.76 20.82 -31.87
C GLU N 24 -4.73 21.36 -30.84
N ALA N 25 -6.03 21.13 -31.08
CA ALA N 25 -7.06 21.64 -30.21
C ALA N 25 -8.19 20.62 -30.11
N LYS N 26 -9.08 20.84 -29.15
CA LYS N 26 -10.25 20.00 -28.95
C LYS N 26 -11.50 20.79 -29.28
N ILE N 27 -12.40 20.18 -30.02
CA ILE N 27 -13.60 20.85 -30.50
C ILE N 27 -14.63 20.91 -29.39
N LEU N 28 -15.33 22.04 -29.30
CA LEU N 28 -16.40 22.23 -28.33
C LEU N 28 -17.73 22.61 -28.97
N LYS N 29 -17.74 23.41 -30.03
CA LYS N 29 -18.96 23.80 -30.71
C LYS N 29 -18.85 23.46 -32.19
N ILE N 30 -19.93 22.96 -32.77
CA ILE N 30 -20.00 22.66 -34.19
C ILE N 30 -20.99 23.63 -34.83
N TRP N 31 -20.53 24.37 -35.83
CA TRP N 31 -21.35 25.39 -36.47
C TRP N 31 -22.15 24.78 -37.62
N ASP N 32 -23.40 25.23 -37.74
CA ASP N 32 -24.27 24.86 -38.85
C ASP N 32 -24.65 26.14 -39.59
N PRO N 33 -23.97 26.45 -40.69
CA PRO N 33 -24.26 27.72 -41.39
C PRO N 33 -25.68 27.80 -41.91
N SER N 34 -26.30 26.67 -42.26
CA SER N 34 -27.64 26.70 -42.81
C SER N 34 -28.64 27.22 -41.78
N SER N 35 -28.53 26.77 -40.53
CA SER N 35 -29.43 27.18 -39.47
C SER N 35 -28.90 28.37 -38.66
N LYS N 36 -27.69 28.84 -38.95
CA LYS N 36 -27.05 29.91 -38.18
C LYS N 36 -27.02 29.55 -36.70
N MET N 37 -26.40 28.41 -36.39
CA MET N 37 -26.53 27.81 -35.08
C MET N 37 -25.30 26.97 -34.81
N TYR N 38 -24.91 26.88 -33.53
CA TYR N 38 -23.82 26.01 -33.12
C TYR N 38 -24.30 25.06 -32.03
N THR N 39 -23.74 23.86 -32.03
CA THR N 39 -24.05 22.82 -31.06
C THR N 39 -22.88 22.70 -30.09
N SER N 40 -23.15 22.91 -28.81
CA SER N 40 -22.12 22.87 -27.78
C SER N 40 -22.43 21.75 -26.80
N ILE N 41 -21.48 21.48 -25.92
CA ILE N 41 -21.63 20.42 -24.92
C ILE N 41 -21.19 20.97 -23.56
N PRO N 42 -21.84 20.56 -22.47
CA PRO N 42 -21.45 20.99 -21.11
C PRO N 42 -20.08 20.48 -20.71
N LYS N 57 -26.50 20.80 -29.26
CA LYS N 57 -27.32 21.67 -28.44
C LYS N 57 -27.94 22.78 -29.27
N PRO N 58 -29.16 22.56 -29.75
CA PRO N 58 -29.86 23.59 -30.54
C PRO N 58 -29.89 24.93 -29.81
N GLN N 59 -29.17 25.89 -30.35
CA GLN N 59 -29.12 27.22 -29.77
C GLN N 59 -28.55 28.19 -30.79
N LYS N 60 -29.15 29.37 -30.88
CA LYS N 60 -28.71 30.39 -31.82
C LYS N 60 -27.31 30.88 -31.49
N LEU N 61 -26.79 31.73 -32.37
CA LEU N 61 -25.51 32.37 -32.11
C LEU N 61 -25.57 33.15 -30.79
N GLY N 62 -24.56 32.98 -29.96
CA GLY N 62 -24.59 33.55 -28.64
C GLY N 62 -24.51 35.06 -28.63
N GLU N 63 -24.94 35.65 -27.52
CA GLU N 63 -24.88 37.10 -27.35
C GLU N 63 -23.44 37.59 -27.31
N ASP N 64 -22.54 36.83 -26.71
CA ASP N 64 -21.11 37.11 -26.75
C ASP N 64 -20.36 36.21 -27.71
N GLU N 65 -21.03 35.24 -28.32
CA GLU N 65 -20.41 34.34 -29.27
C GLU N 65 -20.62 34.83 -30.69
N SER N 66 -19.54 34.86 -31.46
CA SER N 66 -19.62 35.24 -32.86
C SER N 66 -18.48 34.58 -33.61
N ILE N 67 -18.64 34.48 -34.92
CA ILE N 67 -17.65 33.87 -35.79
C ILE N 67 -17.29 34.86 -36.88
N PRO N 68 -16.04 34.90 -37.35
CA PRO N 68 -15.70 35.77 -38.47
C PRO N 68 -16.53 35.45 -39.70
N GLU N 69 -16.86 36.50 -40.47
CA GLU N 69 -17.78 36.34 -41.58
C GLU N 69 -17.25 35.42 -42.67
N GLU N 70 -15.93 35.23 -42.77
CA GLU N 70 -15.39 34.26 -43.71
C GLU N 70 -15.59 32.82 -43.25
N ILE N 71 -15.92 32.62 -41.99
CA ILE N 71 -16.24 31.30 -41.46
C ILE N 71 -17.60 31.26 -40.76
N ILE N 72 -18.37 32.34 -40.80
CA ILE N 72 -19.75 32.29 -40.30
C ILE N 72 -20.62 31.43 -41.21
N ASN N 73 -20.34 31.43 -42.52
CA ASN N 73 -21.10 30.64 -43.49
C ASN N 73 -20.47 29.30 -43.79
N GLY N 74 -19.33 28.97 -43.18
CA GLY N 74 -18.70 27.68 -43.34
C GLY N 74 -18.84 26.81 -42.10
N LYS N 75 -18.41 25.56 -42.24
CA LYS N 75 -18.46 24.63 -41.13
C LYS N 75 -17.38 24.99 -40.13
N CYS N 76 -17.69 25.91 -39.22
CA CYS N 76 -16.76 26.39 -38.22
C CYS N 76 -16.88 25.57 -36.94
N PHE N 77 -15.83 25.66 -36.12
CA PHE N 77 -15.81 24.89 -34.88
C PHE N 77 -15.12 25.72 -33.80
N PHE N 78 -15.62 25.60 -32.57
CA PHE N 78 -15.01 26.25 -31.41
C PHE N 78 -14.05 25.24 -30.79
N ILE N 79 -12.77 25.60 -30.72
CA ILE N 79 -11.73 24.68 -30.25
C ILE N 79 -10.93 25.33 -29.13
N HIS N 80 -10.40 24.49 -28.26
CA HIS N 80 -9.52 24.92 -27.17
C HIS N 80 -8.13 24.32 -27.40
N TYR N 81 -7.11 25.17 -27.37
CA TYR N 81 -5.76 24.71 -27.62
C TYR N 81 -5.16 24.08 -26.36
N GLN N 82 -4.73 22.83 -26.50
CA GLN N 82 -4.12 22.10 -25.41
C GLN N 82 -2.72 22.64 -25.15
N GLY N 83 -2.36 22.73 -23.88
CA GLY N 83 -1.15 23.44 -23.50
C GLY N 83 -1.31 24.94 -23.45
N TRP N 84 -2.44 25.45 -23.91
CA TRP N 84 -2.77 26.86 -23.82
C TRP N 84 -3.90 27.06 -22.82
N LYS N 85 -3.97 28.28 -22.29
CA LYS N 85 -4.99 28.60 -21.31
C LYS N 85 -6.37 28.57 -21.95
N SER N 86 -7.39 28.54 -21.11
CA SER N 86 -8.78 28.49 -21.57
C SER N 86 -9.24 29.77 -22.20
N SER N 87 -8.41 30.82 -22.12
CA SER N 87 -8.73 32.09 -22.74
C SER N 87 -8.34 32.16 -24.21
N TRP N 88 -7.67 31.13 -24.74
CA TRP N 88 -7.26 31.10 -26.14
C TRP N 88 -8.19 30.27 -27.01
N ASP N 89 -9.44 30.12 -26.59
CA ASP N 89 -10.42 29.41 -27.41
C ASP N 89 -10.72 30.21 -28.67
N GLU N 90 -10.75 29.52 -29.80
CA GLU N 90 -10.87 30.17 -31.11
C GLU N 90 -11.93 29.47 -31.96
N TRP N 91 -12.59 30.25 -32.80
CA TRP N 91 -13.51 29.71 -33.80
C TRP N 91 -12.74 29.52 -35.10
N VAL N 92 -12.46 28.26 -35.45
CA VAL N 92 -11.74 27.93 -36.67
C VAL N 92 -12.62 27.05 -37.53
N GLY N 93 -12.72 27.41 -38.82
CA GLY N 93 -13.54 26.67 -39.76
C GLY N 93 -12.81 25.47 -40.33
N TYR N 94 -13.39 24.93 -41.39
CA TYR N 94 -12.79 23.79 -42.08
C TYR N 94 -11.50 24.15 -42.81
N ASP N 95 -11.21 25.44 -42.97
CA ASP N 95 -10.05 25.86 -43.74
C ASP N 95 -8.74 25.41 -43.08
N ARG N 96 -8.64 25.55 -41.75
CA ARG N 96 -7.43 25.20 -41.03
C ARG N 96 -7.58 23.94 -40.20
N ILE N 97 -8.77 23.67 -39.67
CA ILE N 97 -9.00 22.47 -38.88
C ILE N 97 -8.89 21.27 -39.82
N ARG N 98 -7.82 20.50 -39.67
CA ARG N 98 -7.58 19.33 -40.50
C ARG N 98 -8.17 18.09 -39.85
N ALA N 99 -8.09 16.97 -40.56
CA ALA N 99 -8.56 15.68 -40.06
C ALA N 99 -7.42 15.01 -39.30
N TYR N 100 -7.68 14.68 -38.03
CA TYR N 100 -6.65 14.09 -37.18
C TYR N 100 -6.42 12.64 -37.58
N ASN N 101 -5.35 12.40 -38.35
CA ASN N 101 -4.98 11.05 -38.76
C ASN N 101 -3.47 10.93 -38.68
N GLU N 102 -2.94 9.82 -39.22
CA GLU N 102 -1.50 9.61 -39.24
C GLU N 102 -0.81 10.66 -40.10
N GLU N 103 -1.41 11.01 -41.23
CA GLU N 103 -0.86 12.09 -42.04
C GLU N 103 -0.83 13.40 -41.27
N ASN N 104 -1.86 13.67 -40.47
CA ASN N 104 -1.87 14.90 -39.68
C ASN N 104 -0.73 14.92 -38.67
N ILE N 105 -0.48 13.80 -38.00
CA ILE N 105 0.61 13.75 -37.04
C ILE N 105 1.96 13.89 -37.73
N ALA N 106 2.13 13.17 -38.85
CA ALA N 106 3.39 13.23 -39.59
C ALA N 106 3.66 14.64 -40.10
N MET N 107 2.62 15.32 -40.57
CA MET N 107 2.75 16.68 -41.09
C MET N 107 2.95 17.72 -39.99
N LYS N 108 2.33 17.52 -38.82
CA LYS N 108 2.65 18.36 -37.67
C LYS N 108 4.11 18.21 -37.27
N LYS N 109 4.60 16.96 -37.21
CA LYS N 109 6.01 16.73 -36.90
C LYS N 109 6.92 17.32 -37.98
N ARG N 110 6.49 17.25 -39.24
CA ARG N 110 7.27 17.82 -40.33
C ARG N 110 7.42 19.33 -40.18
N LEU N 111 6.32 20.03 -39.91
CA LEU N 111 6.45 21.47 -39.77
C LEU N 111 7.11 21.87 -38.45
N ALA N 112 7.00 21.02 -37.42
CA ALA N 112 7.78 21.26 -36.21
C ALA N 112 9.28 21.14 -36.49
N ASN N 113 9.68 20.14 -37.27
CA ASN N 113 11.08 19.99 -37.66
C ASN N 113 11.53 21.16 -38.52
N GLU N 114 10.66 21.63 -39.41
CA GLU N 114 11.02 22.79 -40.22
C GLU N 114 11.16 24.05 -39.37
N ALA N 115 10.31 24.20 -38.35
CA ALA N 115 10.48 25.30 -37.41
C ALA N 115 11.81 25.18 -36.66
N LYS N 116 12.17 23.96 -36.27
CA LYS N 116 13.46 23.72 -35.63
C LYS N 116 14.61 24.11 -36.56
N GLU N 117 14.50 23.74 -37.83
CA GLU N 117 15.55 24.10 -38.80
C GLU N 117 15.62 25.60 -39.00
N ALA N 118 14.47 26.28 -39.03
CA ALA N 118 14.46 27.73 -39.14
C ALA N 118 15.11 28.37 -37.93
N LYS N 119 14.83 27.84 -36.73
CA LYS N 119 15.49 28.34 -35.52
C LYS N 119 16.99 28.13 -35.58
N LYS N 120 17.42 26.95 -36.03
CA LYS N 120 18.85 26.67 -36.12
C LYS N 120 19.54 27.57 -37.15
N SER N 121 18.87 27.84 -38.28
CA SER N 121 19.40 28.79 -39.25
C SER N 121 19.49 30.19 -38.67
N LEU N 122 18.49 30.60 -37.90
CA LEU N 122 18.56 31.88 -37.20
C LEU N 122 19.70 31.89 -36.19
N LEU N 123 20.06 30.73 -35.66
CA LEU N 123 21.16 30.61 -34.70
C LEU N 123 22.49 30.32 -35.39
N GLU N 124 22.57 29.22 -36.12
CA GLU N 124 23.81 28.81 -36.77
C GLU N 124 23.71 28.88 -38.29
N VAL O 35 72.75 30.00 5.72
CA VAL O 35 71.89 28.86 5.47
C VAL O 35 71.04 28.57 6.71
N M3L O 36 71.47 29.11 7.85
CA M3L O 36 70.76 28.93 9.08
CB M3L O 36 71.52 29.58 10.26
CG M3L O 36 71.69 28.62 11.41
CD M3L O 36 72.59 29.26 12.47
CE M3L O 36 71.80 30.35 13.19
NZ M3L O 36 72.50 31.06 14.33
C M3L O 36 69.36 29.51 9.09
O M3L O 36 69.12 30.72 8.97
CM1 M3L O 36 73.22 30.12 15.24
CM2 M3L O 36 73.48 32.07 13.80
CM3 M3L O 36 71.46 31.79 15.11
N LYS O 37 68.38 28.62 9.20
CA LYS O 37 66.99 29.02 9.25
C LYS O 37 66.41 28.68 10.62
N PRO O 38 65.53 29.54 11.12
CA PRO O 38 64.87 29.24 12.40
C PRO O 38 63.63 28.38 12.20
N HIS O 39 63.50 27.36 13.04
CA HIS O 39 62.37 26.46 12.97
C HIS O 39 61.08 27.20 13.31
N ARG O 40 60.01 26.83 12.60
CA ARG O 40 58.69 27.34 12.92
C ARG O 40 57.65 26.44 12.28
N TYR O 41 56.64 26.07 13.05
CA TYR O 41 55.59 25.20 12.52
C TYR O 41 54.75 25.97 11.52
N ARG O 42 54.04 25.22 10.72
CA ARG O 42 53.16 25.87 9.77
C ARG O 42 51.90 26.36 10.45
N PRO O 43 51.26 27.38 9.89
CA PRO O 43 50.02 27.89 10.50
C PRO O 43 48.94 26.83 10.62
N GLY O 44 48.26 26.80 11.75
CA GLY O 44 47.27 25.79 12.03
C GLY O 44 47.77 24.66 12.90
N THR O 45 49.08 24.51 13.06
CA THR O 45 49.66 23.48 13.90
C THR O 45 49.49 23.81 15.37
N VAL O 46 49.98 24.97 15.78
CA VAL O 46 49.86 25.40 17.17
C VAL O 46 48.39 25.52 17.55
N ALA O 47 47.55 25.92 16.59
CA ALA O 47 46.12 26.03 16.88
C ALA O 47 45.53 24.69 17.26
N LEU O 48 45.84 23.65 16.49
CA LEU O 48 45.33 22.33 16.82
C LEU O 48 45.91 21.83 18.13
N ARG O 49 47.19 22.11 18.37
CA ARG O 49 47.80 21.71 19.64
C ARG O 49 47.05 22.34 20.81
N GLU O 50 46.71 23.62 20.69
CA GLU O 50 46.05 24.31 21.79
C GLU O 50 44.62 23.85 21.94
N ILE O 51 43.94 23.57 20.83
CA ILE O 51 42.59 23.01 20.94
C ILE O 51 42.63 21.70 21.70
N ARG O 52 43.61 20.86 21.40
CA ARG O 52 43.76 19.63 22.16
C ARG O 52 44.03 19.92 23.63
N ARG O 53 44.91 20.88 23.89
CA ARG O 53 45.32 21.16 25.26
C ARG O 53 44.16 21.65 26.10
N TYR O 54 43.36 22.55 25.56
CA TYR O 54 42.28 23.14 26.34
C TYR O 54 40.99 22.34 26.28
N GLN O 55 40.89 21.35 25.40
CA GLN O 55 39.79 20.40 25.47
C GLN O 55 40.05 19.31 26.49
N LYS O 56 41.21 19.33 27.13
CA LYS O 56 41.58 18.34 28.12
C LYS O 56 41.47 18.85 29.56
N SER O 57 41.98 20.04 29.84
CA SER O 57 41.95 20.58 31.19
C SER O 57 40.62 21.30 31.43
N THR O 58 40.37 21.62 32.70
CA THR O 58 39.11 22.22 33.09
C THR O 58 39.25 23.53 33.84
N GLU O 59 40.46 23.93 34.20
CA GLU O 59 40.62 25.11 35.03
C GLU O 59 40.19 26.36 34.26
N LEU O 60 39.90 27.42 35.02
CA LEU O 60 39.42 28.65 34.41
C LEU O 60 40.50 29.30 33.56
N LEU O 61 40.06 30.06 32.56
CA LEU O 61 40.96 30.68 31.61
C LEU O 61 41.10 32.18 31.80
N ILE O 62 40.10 32.84 32.35
CA ILE O 62 40.11 34.29 32.50
C ILE O 62 40.84 34.64 33.78
N ARG O 63 41.60 35.74 33.75
CA ARG O 63 42.23 36.21 34.95
C ARG O 63 41.18 36.60 35.98
N LYS O 64 41.48 36.31 37.24
CA LYS O 64 40.49 36.48 38.29
C LYS O 64 40.20 37.95 38.54
N LEU O 65 41.23 38.73 38.84
CA LEU O 65 41.03 40.12 39.23
C LEU O 65 40.34 40.95 38.18
N PRO O 66 40.72 40.91 36.90
CA PRO O 66 39.96 41.69 35.91
C PRO O 66 38.50 41.30 35.86
N PHE O 67 38.21 40.00 35.94
CA PHE O 67 36.83 39.57 35.92
C PHE O 67 36.08 40.10 37.13
N GLN O 68 36.71 40.07 38.30
CA GLN O 68 36.09 40.60 39.50
C GLN O 68 35.80 42.09 39.36
N ARG O 69 36.77 42.83 38.85
CA ARG O 69 36.58 44.27 38.69
C ARG O 69 35.44 44.56 37.73
N LEU O 70 35.38 43.82 36.62
CA LEU O 70 34.28 44.00 35.68
C LEU O 70 32.94 43.69 36.33
N VAL O 71 32.88 42.61 37.10
CA VAL O 71 31.62 42.23 37.73
C VAL O 71 31.17 43.33 38.69
N ARG O 72 32.09 43.84 39.50
CA ARG O 72 31.74 44.90 40.43
C ARG O 72 31.30 46.15 39.70
N GLU O 73 31.99 46.52 38.62
CA GLU O 73 31.59 47.69 37.87
C GLU O 73 30.19 47.53 37.30
N ILE O 74 29.88 46.36 36.75
CA ILE O 74 28.53 46.12 36.25
C ILE O 74 27.54 46.19 37.40
N ALA O 75 27.94 45.71 38.58
CA ALA O 75 27.06 45.72 39.73
C ALA O 75 27.07 47.08 40.39
N GLN O 76 26.80 48.12 39.61
CA GLN O 76 26.64 49.46 40.14
C GLN O 76 25.39 50.16 39.64
N ASP O 77 24.98 49.89 38.41
CA ASP O 77 23.77 50.46 37.85
C ASP O 77 22.51 49.96 38.52
N PHE O 78 22.59 48.89 39.30
CA PHE O 78 21.45 48.36 40.02
C PHE O 78 21.43 48.80 41.47
N LYS O 79 22.59 48.83 42.13
CA LYS O 79 22.69 49.33 43.49
C LYS O 79 24.13 49.70 43.74
N THR O 80 24.35 50.49 44.78
CA THR O 80 25.68 50.96 45.13
C THR O 80 26.16 50.30 46.41
N ASP O 81 27.49 50.22 46.55
CA ASP O 81 28.13 49.76 47.77
C ASP O 81 27.72 48.33 48.12
N LEU O 82 27.71 47.47 47.11
CA LEU O 82 27.33 46.09 47.30
C LEU O 82 28.55 45.25 47.62
N ARG O 83 28.45 44.44 48.66
CA ARG O 83 29.52 43.51 48.98
C ARG O 83 29.27 42.17 48.31
N PHE O 84 30.31 41.35 48.25
CA PHE O 84 30.24 40.11 47.51
C PHE O 84 30.90 38.97 48.27
N GLN O 85 30.19 37.85 48.36
CA GLN O 85 30.85 36.60 48.69
C GLN O 85 31.73 36.18 47.53
N SER O 86 32.94 35.73 47.85
CA SER O 86 33.87 35.32 46.80
C SER O 86 33.28 34.20 45.96
N SER O 87 32.60 33.25 46.62
CA SER O 87 32.00 32.14 45.90
C SER O 87 31.00 32.62 44.86
N ALA O 88 30.31 33.73 45.10
CA ALA O 88 29.40 34.25 44.11
C ALA O 88 30.14 34.65 42.85
N VAL O 89 31.28 35.33 43.01
CA VAL O 89 32.08 35.72 41.87
C VAL O 89 32.60 34.49 41.14
N MET O 90 33.02 33.47 41.89
CA MET O 90 33.50 32.24 41.26
C MET O 90 32.40 31.60 40.43
N ALA O 91 31.19 31.53 40.98
CA ALA O 91 30.09 30.93 40.24
C ALA O 91 29.78 31.73 39.00
N LEU O 92 29.83 33.05 39.11
CA LEU O 92 29.62 33.89 37.93
C LEU O 92 30.66 33.58 36.87
N GLN O 93 31.93 33.48 37.26
CA GLN O 93 32.98 33.21 36.30
C GLN O 93 32.75 31.86 35.63
N GLU O 94 32.39 30.85 36.41
CA GLU O 94 32.17 29.53 35.85
C GLU O 94 31.02 29.53 34.86
N ALA O 95 29.88 30.10 35.24
CA ALA O 95 28.73 30.10 34.35
C ALA O 95 29.02 30.87 33.09
N SER O 96 29.66 32.03 33.22
CA SER O 96 30.00 32.83 32.05
C SER O 96 30.91 32.07 31.12
N GLU O 97 31.95 31.43 31.65
CA GLU O 97 32.88 30.71 30.79
C GLU O 97 32.20 29.56 30.09
N ALA O 98 31.34 28.82 30.80
CA ALA O 98 30.63 27.72 30.16
C ALA O 98 29.74 28.23 29.04
N TYR O 99 29.02 29.31 29.29
CA TYR O 99 28.14 29.87 28.27
C TYR O 99 28.94 30.30 27.06
N LEU O 100 30.08 30.95 27.28
CA LEU O 100 30.90 31.42 26.18
C LEU O 100 31.48 30.26 25.39
N VAL O 101 31.89 29.19 26.07
CA VAL O 101 32.38 28.02 25.36
C VAL O 101 31.30 27.44 24.45
N ALA O 102 30.08 27.32 24.99
CA ALA O 102 29.00 26.79 24.17
C ALA O 102 28.75 27.67 22.96
N LEU O 103 28.76 28.99 23.18
CA LEU O 103 28.55 29.91 22.07
C LEU O 103 29.67 29.79 21.05
N PHE O 104 30.90 29.65 21.53
CA PHE O 104 32.03 29.48 20.61
C PHE O 104 31.85 28.27 19.74
N GLU O 105 31.45 27.15 20.35
CA GLU O 105 31.27 25.93 19.57
C GLU O 105 30.16 26.09 18.54
N ASP O 106 29.05 26.72 18.93
CA ASP O 106 27.98 26.94 17.96
C ASP O 106 28.45 27.84 16.82
N THR O 107 29.22 28.87 17.15
CA THR O 107 29.78 29.73 16.12
C THR O 107 30.68 28.95 15.19
N ASN O 108 31.47 28.04 15.74
CA ASN O 108 32.35 27.21 14.92
C ASN O 108 31.54 26.38 13.95
N LEU O 109 30.45 25.79 14.43
CA LEU O 109 29.60 25.03 13.53
C LEU O 109 29.03 25.91 12.44
N CYS O 110 28.60 27.12 12.79
CA CYS O 110 28.07 28.03 11.78
C CYS O 110 29.12 28.35 10.73
N ALA O 111 30.32 28.70 11.17
CA ALA O 111 31.38 29.10 10.23
C ALA O 111 31.75 27.93 9.32
N ILE O 112 31.82 26.73 9.87
CA ILE O 112 32.08 25.55 9.03
C ILE O 112 30.97 25.40 8.00
N HIS O 113 29.72 25.59 8.43
CA HIS O 113 28.62 25.48 7.48
C HIS O 113 28.76 26.51 6.36
N ALA O 114 29.46 27.61 6.61
CA ALA O 114 29.77 28.58 5.58
C ALA O 114 31.05 28.27 4.84
N LYS O 115 31.49 27.00 4.87
CA LYS O 115 32.66 26.55 4.13
C LYS O 115 33.91 27.36 4.50
N ARG O 116 34.02 27.76 5.75
CA ARG O 116 35.12 28.57 6.22
C ARG O 116 35.74 27.93 7.46
N VAL O 117 36.96 28.35 7.76
CA VAL O 117 37.65 27.93 8.97
C VAL O 117 37.91 29.08 9.93
N THR O 118 37.54 30.29 9.55
CA THR O 118 37.74 31.46 10.39
C THR O 118 36.39 32.00 10.82
N ILE O 119 36.26 32.30 12.10
CA ILE O 119 35.00 32.80 12.65
C ILE O 119 34.93 34.31 12.47
N MET O 120 33.78 34.80 12.04
CA MET O 120 33.54 36.23 11.92
C MET O 120 32.24 36.58 12.62
N PRO O 121 32.10 37.83 13.07
CA PRO O 121 31.00 38.16 14.00
C PRO O 121 29.62 37.82 13.49
N LYS O 122 29.40 37.84 12.17
CA LYS O 122 28.09 37.46 11.68
C LYS O 122 27.76 36.02 12.06
N ASP O 123 28.77 35.16 12.20
CA ASP O 123 28.52 33.81 12.65
C ASP O 123 27.96 33.81 14.06
N ILE O 124 28.58 34.59 14.96
CA ILE O 124 28.09 34.69 16.33
C ILE O 124 26.67 35.22 16.34
N GLN O 125 26.41 36.24 15.51
CA GLN O 125 25.09 36.83 15.49
C GLN O 125 24.04 35.82 15.04
N LEU O 126 24.34 35.06 13.99
CA LEU O 126 23.41 34.03 13.55
C LEU O 126 23.21 32.98 14.64
N ALA O 127 24.29 32.59 15.32
CA ALA O 127 24.16 31.60 16.37
C ALA O 127 23.23 32.07 17.47
N ARG O 128 23.45 33.29 17.97
CA ARG O 128 22.59 33.81 19.02
C ARG O 128 21.17 33.98 18.53
N ARG O 129 21.00 34.38 17.27
CA ARG O 129 19.67 34.53 16.70
C ARG O 129 18.92 33.21 16.70
N ILE O 130 19.60 32.13 16.29
CA ILE O 130 18.93 30.84 16.28
C ILE O 130 18.68 30.35 17.69
N ARG O 131 19.59 30.63 18.62
CA ARG O 131 19.39 30.22 20.00
C ARG O 131 18.20 30.91 20.63
N GLY O 132 17.71 31.98 20.03
CA GLY O 132 16.59 32.72 20.57
C GLY O 132 16.97 33.86 21.48
N GLU O 133 18.26 34.03 21.78
CA GLU O 133 18.68 35.14 22.63
C GLU O 133 18.42 36.48 21.95
N ARG O 134 18.57 36.54 20.64
CA ARG O 134 18.32 37.76 19.89
C ARG O 134 16.83 37.98 19.68
N M3L P 36 1.42 35.33 -29.62
CA M3L P 36 1.18 33.91 -29.39
CB M3L P 36 1.19 33.12 -30.71
CG M3L P 36 -0.20 32.66 -31.06
CD M3L P 36 -0.49 31.31 -30.43
CE M3L P 36 -1.95 31.31 -29.98
NZ M3L P 36 -2.78 30.08 -30.27
C M3L P 36 2.21 33.28 -28.46
O M3L P 36 2.91 32.31 -28.77
CM1 M3L P 36 -2.00 28.82 -30.10
CM2 M3L P 36 -3.99 30.03 -29.40
CM3 M3L P 36 -3.23 30.17 -31.69
N LYS P 37 2.29 33.85 -27.27
CA LYS P 37 3.21 33.36 -26.25
C LYS P 37 2.47 32.95 -24.99
N PRO P 38 2.95 31.89 -24.33
CA PRO P 38 2.28 31.41 -23.12
C PRO P 38 2.26 32.42 -21.99
N HIS P 39 3.19 33.39 -21.98
CA HIS P 39 3.26 34.42 -20.95
C HIS P 39 3.39 33.80 -19.55
N ARG P 40 4.53 33.15 -19.37
CA ARG P 40 4.85 32.56 -18.07
C ARG P 40 5.74 33.51 -17.29
N TYR P 41 5.48 33.61 -15.99
CA TYR P 41 6.26 34.50 -15.15
C TYR P 41 7.66 33.94 -14.93
N ARG P 42 8.56 34.82 -14.52
CA ARG P 42 9.93 34.41 -14.28
C ARG P 42 10.01 33.49 -13.06
N PRO P 43 11.06 32.69 -12.95
CA PRO P 43 11.20 31.84 -11.77
C PRO P 43 11.39 32.64 -10.49
N GLY P 44 10.49 32.50 -9.54
CA GLY P 44 10.63 33.11 -8.23
C GLY P 44 9.58 34.14 -7.89
N THR P 45 9.03 34.87 -8.86
CA THR P 45 8.02 35.87 -8.53
C THR P 45 6.74 35.23 -7.97
N VAL P 46 6.35 34.09 -8.51
CA VAL P 46 5.22 33.37 -7.96
C VAL P 46 5.50 32.99 -6.51
N ALA P 47 6.73 32.59 -6.22
CA ALA P 47 7.09 32.26 -4.85
C ALA P 47 6.93 33.45 -3.93
N LEU P 48 7.36 34.63 -4.38
CA LEU P 48 7.20 35.81 -3.54
C LEU P 48 5.73 36.15 -3.34
N ARG P 49 4.93 36.03 -4.40
CA ARG P 49 3.51 36.32 -4.27
C ARG P 49 2.85 35.38 -3.28
N GLU P 50 3.15 34.08 -3.36
CA GLU P 50 2.55 33.14 -2.44
C GLU P 50 3.09 33.32 -1.01
N ILE P 51 4.34 33.73 -0.86
CA ILE P 51 4.85 34.05 0.47
C ILE P 51 4.04 35.17 1.08
N ARG P 52 3.80 36.22 0.30
CA ARG P 52 2.97 37.31 0.80
C ARG P 52 1.57 36.81 1.14
N ARG P 53 1.04 35.92 0.32
CA ARG P 53 -0.28 35.36 0.61
C ARG P 53 -0.30 34.64 1.94
N TYR P 54 0.71 33.82 2.20
CA TYR P 54 0.69 32.95 3.36
C TYR P 54 1.27 33.60 4.61
N GLN P 55 2.08 34.63 4.47
CA GLN P 55 2.48 35.42 5.62
C GLN P 55 1.38 36.36 6.07
N LYS P 56 0.26 36.38 5.36
CA LYS P 56 -0.91 37.16 5.73
C LYS P 56 -2.02 36.31 6.33
N SER P 57 -2.29 35.15 5.75
CA SER P 57 -3.35 34.29 6.27
C SER P 57 -2.91 33.65 7.58
N THR P 58 -3.88 33.04 8.26
CA THR P 58 -3.62 32.38 9.53
C THR P 58 -4.15 30.95 9.59
N GLU P 59 -5.00 30.56 8.64
CA GLU P 59 -5.62 29.25 8.70
C GLU P 59 -4.59 28.15 8.49
N LEU P 60 -5.02 26.92 8.73
CA LEU P 60 -4.13 25.78 8.62
C LEU P 60 -3.79 25.48 7.17
N LEU P 61 -2.66 24.82 6.96
CA LEU P 61 -2.19 24.51 5.62
C LEU P 61 -2.25 23.03 5.30
N ILE P 62 -2.49 22.17 6.29
CA ILE P 62 -2.46 20.73 6.12
C ILE P 62 -3.87 20.18 6.10
N ARG P 63 -4.12 19.20 5.24
CA ARG P 63 -5.41 18.53 5.25
C ARG P 63 -5.65 17.88 6.60
N LYS P 64 -6.86 18.02 7.10
CA LYS P 64 -7.16 17.56 8.45
C LYS P 64 -7.14 16.04 8.54
N LEU P 65 -7.78 15.38 7.58
CA LEU P 65 -7.93 13.92 7.66
C LEU P 65 -6.60 13.19 7.65
N PRO P 66 -5.65 13.47 6.74
CA PRO P 66 -4.37 12.77 6.82
C PRO P 66 -3.65 13.03 8.13
N PHE P 67 -3.74 14.24 8.65
CA PHE P 67 -3.11 14.53 9.92
C PHE P 67 -3.72 13.69 11.04
N GLN P 68 -5.05 13.58 11.05
CA GLN P 68 -5.71 12.74 12.04
C GLN P 68 -5.28 11.30 11.91
N ARG P 69 -5.22 10.79 10.68
CA ARG P 69 -4.79 9.42 10.46
C ARG P 69 -3.39 9.21 11.02
N LEU P 70 -2.48 10.15 10.72
CA LEU P 70 -1.12 10.02 11.18
C LEU P 70 -1.03 10.03 12.69
N VAL P 71 -1.75 10.94 13.34
CA VAL P 71 -1.61 11.06 14.80
C VAL P 71 -2.20 9.83 15.47
N ARG P 72 -3.34 9.34 14.98
CA ARG P 72 -3.89 8.12 15.54
C ARG P 72 -2.93 6.95 15.35
N GLU P 73 -2.32 6.87 14.17
CA GLU P 73 -1.34 5.82 13.92
C GLU P 73 -0.18 5.90 14.90
N ILE P 74 0.32 7.11 15.13
CA ILE P 74 1.46 7.27 16.04
C ILE P 74 1.06 6.86 17.46
N ALA P 75 -0.12 7.31 17.90
CA ALA P 75 -0.56 6.98 19.24
C ALA P 75 -0.84 5.49 19.41
N GLN P 76 -1.12 4.78 18.31
CA GLN P 76 -1.46 3.37 18.41
C GLN P 76 -0.38 2.57 19.13
N ASP P 77 0.88 2.97 19.00
CA ASP P 77 1.98 2.19 19.54
C ASP P 77 2.19 2.38 21.04
N PHE P 78 1.56 3.37 21.65
CA PHE P 78 1.66 3.55 23.10
C PHE P 78 0.47 2.98 23.86
N LYS P 79 -0.70 2.95 23.24
CA LYS P 79 -1.89 2.45 23.91
C LYS P 79 -2.95 2.22 22.84
N THR P 80 -3.55 1.03 22.87
CA THR P 80 -4.52 0.65 21.88
C THR P 80 -5.92 1.12 22.28
N ASP P 81 -6.79 1.23 21.28
CA ASP P 81 -8.18 1.67 21.46
C ASP P 81 -8.25 3.01 22.17
N LEU P 82 -7.37 3.92 21.81
CA LEU P 82 -7.41 5.25 22.38
C LEU P 82 -8.41 6.12 21.64
N ARG P 83 -9.33 6.71 22.37
CA ARG P 83 -10.27 7.66 21.79
C ARG P 83 -9.69 9.06 21.88
N PHE P 84 -10.35 9.98 21.18
CA PHE P 84 -9.81 11.32 21.04
C PHE P 84 -10.90 12.37 21.03
N GLN P 85 -10.69 13.42 21.80
CA GLN P 85 -11.39 14.66 21.56
C GLN P 85 -10.76 15.37 20.37
N SER P 86 -11.62 15.83 19.46
CA SER P 86 -11.10 16.60 18.35
C SER P 86 -10.24 17.76 18.82
N SER P 87 -10.68 18.48 19.82
CA SER P 87 -9.95 19.67 20.25
C SER P 87 -8.49 19.32 20.48
N ALA P 88 -8.21 18.12 20.97
CA ALA P 88 -6.82 17.66 20.99
C ALA P 88 -6.26 17.54 19.59
N VAL P 89 -7.05 17.01 18.66
CA VAL P 89 -6.55 16.85 17.30
C VAL P 89 -6.10 18.19 16.75
N MET P 90 -6.96 19.20 16.80
CA MET P 90 -6.50 20.42 16.17
C MET P 90 -5.49 21.15 17.03
N ALA P 91 -5.47 20.90 18.35
CA ALA P 91 -4.42 21.50 19.15
C ALA P 91 -3.06 20.97 18.73
N LEU P 92 -2.94 19.66 18.56
CA LEU P 92 -1.70 19.11 18.02
C LEU P 92 -1.39 19.70 16.66
N GLN P 93 -2.42 19.91 15.84
CA GLN P 93 -2.16 20.45 14.52
C GLN P 93 -1.56 21.85 14.60
N GLU P 94 -2.13 22.73 15.43
CA GLU P 94 -1.57 24.06 15.59
C GLU P 94 -0.15 24.00 16.12
N ALA P 95 0.08 23.19 17.16
CA ALA P 95 1.42 23.12 17.72
C ALA P 95 2.42 22.68 16.67
N SER P 96 2.07 21.63 15.92
CA SER P 96 2.97 21.11 14.91
C SER P 96 3.25 22.14 13.84
N GLU P 97 2.21 22.78 13.31
CA GLU P 97 2.40 23.73 12.22
C GLU P 97 3.23 24.91 12.68
N ALA P 98 2.98 25.42 13.88
CA ALA P 98 3.77 26.53 14.38
C ALA P 98 5.22 26.13 14.53
N TYR P 99 5.47 24.95 15.10
CA TYR P 99 6.84 24.51 15.29
C TYR P 99 7.54 24.36 13.95
N LEU P 100 6.84 23.82 12.96
CA LEU P 100 7.42 23.63 11.64
C LEU P 100 7.72 24.97 10.98
N VAL P 101 6.83 25.94 11.13
CA VAL P 101 7.07 27.25 10.53
C VAL P 101 8.30 27.88 11.17
N ALA P 102 8.43 27.77 12.49
CA ALA P 102 9.62 28.29 13.15
C ALA P 102 10.88 27.61 12.63
N LEU P 103 10.81 26.29 12.47
CA LEU P 103 11.97 25.58 11.96
C LEU P 103 12.32 26.02 10.55
N PHE P 104 11.32 26.21 9.70
CA PHE P 104 11.57 26.66 8.34
C PHE P 104 12.21 28.04 8.34
N GLU P 105 11.72 28.93 9.20
CA GLU P 105 12.30 30.26 9.26
C GLU P 105 13.76 30.20 9.69
N ASP P 106 14.07 29.36 10.67
CA ASP P 106 15.48 29.20 11.06
C ASP P 106 16.30 28.63 9.91
N THR P 107 15.73 27.68 9.18
CA THR P 107 16.43 27.06 8.07
C THR P 107 16.75 28.09 7.01
N ASN P 108 15.82 28.99 6.74
CA ASN P 108 16.03 30.00 5.73
C ASN P 108 17.22 30.88 6.08
N LEU P 109 17.30 31.30 7.35
CA LEU P 109 18.45 32.10 7.79
C LEU P 109 19.73 31.30 7.67
N CYS P 110 19.69 30.02 8.05
CA CYS P 110 20.89 29.20 7.93
C CYS P 110 21.37 29.13 6.49
N ALA P 111 20.44 28.90 5.56
CA ALA P 111 20.81 28.78 4.16
C ALA P 111 21.35 30.10 3.63
N ILE P 112 20.72 31.21 4.01
CA ILE P 112 21.21 32.51 3.59
C ILE P 112 22.61 32.76 4.11
N HIS P 113 22.90 32.32 5.33
CA HIS P 113 24.26 32.40 5.83
C HIS P 113 25.23 31.66 4.91
N ALA P 114 24.76 30.59 4.29
CA ALA P 114 25.57 29.89 3.29
C ALA P 114 25.55 30.57 1.95
N LYS P 115 25.11 31.83 1.89
CA LYS P 115 25.05 32.62 0.66
C LYS P 115 24.27 31.90 -0.43
N ARG P 116 23.32 31.08 -0.04
CA ARG P 116 22.48 30.35 -0.99
C ARG P 116 21.07 30.91 -0.96
N VAL P 117 20.24 30.34 -1.83
CA VAL P 117 18.83 30.67 -1.87
C VAL P 117 17.95 29.45 -1.64
N THR P 118 18.46 28.26 -1.89
CA THR P 118 17.70 27.04 -1.64
C THR P 118 18.20 26.37 -0.37
N ILE P 119 17.28 25.82 0.39
CA ILE P 119 17.62 25.16 1.65
C ILE P 119 18.03 23.72 1.37
N MET P 120 19.12 23.29 1.98
CA MET P 120 19.54 21.90 1.94
C MET P 120 19.21 21.26 3.27
N PRO P 121 18.96 19.96 3.29
CA PRO P 121 18.65 19.30 4.57
C PRO P 121 19.74 19.47 5.59
N LYS P 122 20.99 19.65 5.16
CA LYS P 122 22.05 19.97 6.09
C LYS P 122 21.76 21.25 6.85
N ASP P 123 21.10 22.21 6.22
CA ASP P 123 20.72 23.43 6.93
C ASP P 123 19.75 23.10 8.05
N ILE P 124 18.77 22.24 7.77
CA ILE P 124 17.83 21.82 8.81
C ILE P 124 18.57 21.14 9.94
N GLN P 125 19.50 20.26 9.60
CA GLN P 125 20.25 19.56 10.64
C GLN P 125 21.02 20.53 11.51
N LEU P 126 21.69 21.50 10.89
CA LEU P 126 22.42 22.49 11.67
C LEU P 126 21.46 23.29 12.54
N ALA P 127 20.30 23.65 12.01
CA ALA P 127 19.36 24.44 12.77
C ALA P 127 18.89 23.70 14.01
N ARG P 128 18.42 22.47 13.83
CA ARG P 128 17.95 21.70 14.97
C ARG P 128 19.09 21.42 15.95
N ARG P 129 20.31 21.26 15.44
CA ARG P 129 21.44 21.06 16.33
C ARG P 129 21.70 22.30 17.17
N ILE P 130 21.60 23.47 16.56
CA ILE P 130 21.85 24.71 17.28
C ILE P 130 20.76 24.96 18.31
N ARG P 131 19.51 24.69 17.93
CA ARG P 131 18.40 24.86 18.86
C ARG P 131 18.61 24.01 20.10
N GLY P 132 19.28 22.87 19.97
CA GLY P 132 19.55 22.02 21.10
C GLY P 132 18.78 20.71 21.02
N GLU P 133 17.92 20.60 20.01
CA GLU P 133 17.11 19.40 19.86
C GLU P 133 17.92 18.19 19.41
N ARG P 134 19.18 18.38 19.04
CA ARG P 134 20.04 17.28 18.64
C ARG P 134 21.19 17.10 19.63
ZN ZN Q . -12.51 -27.88 -6.15
ZN ZN R . 17.78 -12.03 -19.26
ZN ZN S . 32.12 -7.72 -16.94
ZN ZN T . -19.58 -6.22 -32.32
ZN ZN U . -30.90 -10.21 -25.92
#